data_8EPM
#
_entry.id   8EPM
#
_cell.length_a   1.00
_cell.length_b   1.00
_cell.length_c   1.00
_cell.angle_alpha   90.00
_cell.angle_beta   90.00
_cell.angle_gamma   90.00
#
_symmetry.space_group_name_H-M   'P 1'
#
loop_
_entity.id
_entity.type
_entity.pdbx_description
1 polymer 'Voltage-dependent R-type calcium channel subunit alpha-1E'
2 polymer 'Voltage-dependent calcium channel subunit alpha-2/delta-1'
3 branched 2-acetamido-2-deoxy-beta-D-glucopyranose-(1-4)-2-acetamido-2-deoxy-beta-D-glucopyranose
4 branched 2-acetamido-2-deoxy-beta-D-glucopyranose-(1-4)-2-acetamido-2-deoxy-beta-D-glucopyranose-(1-4)-2-acetamido-2-deoxy-beta-D-glucopyranose-(1-4)-2-acetamido-2-deoxy-beta-D-glucopyranose
5 non-polymer 'CALCIUM ION'
6 non-polymer 2-acetamido-2-deoxy-beta-D-glucopyranose
#
loop_
_entity_poly.entity_id
_entity_poly.type
_entity_poly.pdbx_seq_one_letter_code
_entity_poly.pdbx_strand_id
1 'polypeptide(L)'
;MARFGEAVVARPGSGDGDSDQSRNRQGTPVPASGQAAAYKQTKAQRARTMALYNPIPVRQNCFTVNRSLFIFGEDNIVRK
YAKKLIDWPPFEYMILATIIANCIVLALEQHLPEDDKTPMSRRLEKTEPYFIGIFCFEAGIKIVALGFIFHKGSYLRNGW
NVMDFIVVLSGILATAGTHFNTHVDLRTLRAVRVLRPLKLVSGIPSLQIVLKSIMKAMVPLLQIGLLLFFAILMFAIIGL
EFYSGKLHRACFMNNSGILEGFDPPHPCGVQGCPAGYECKDWIGPNDGITQFDNILFAVLTVFQCITMEGWTTVLYNTND
ALGATWNWLYFIPLIIIGSFFVLNLVLGVLSGEFAKERERVENRRAFMKLRRQQQIERELNGYRAWIDKAEEVMLAEENK
NAGTSALEVLRRATIKRSRTEAMTRDSSDEHCVDISSVGTPLARASIKSAKVDGVSYFRHKERLLRISIRHMVKSQVFYW
IVLSLVALNTACVAIVHHNQPQWLTHLLYYAEFLFLGLFLLEMSLKMYGMGPRLYFHSSFNCFDFGVTVGSIFEVVWAIF
RPGTSFGISVLRALRLLRIFKITKYWASLRNLVVSLMSSMKSIISLLFLLFLFIVVFALLGMQLFGGRFNFNDGTPSANF
DTFPAAIMTVFQILTGEDWNEVMYNGIRSQGGVSSGMWSAIYFIVLTLFGNYTLLNVFLAIAVDNLANAQELTKDEQEEE
EAFNQKHALQKAKEVSPMSAPNMPSIERDRRRRHHMSMWEPRSSHLRERRRRHHMSVWEQRTSQLRKHMQMSSQEALNRE
EAPTMNPLNPLNPLSSLNPLNAHPSLYRRPRAIEGLALGLALEKFEEERISRGGSLKGDGGDRSSALDNQRTPLSLGQRE
PPWLARPCHGNCDPTQQEAGGGEAVVTFEDRARHRQSQRRSRHRRVRTEGKESSSASRSRSASQERSLDEAMPTEGEKDH
ELRGNHGAKEPTIQEERAQDLRRTNSLMVSRGSGLAGGLDEADTPLVLPHPELEVGKHVVLTEQEPEGSSEQALLGNVQL
DMGRVISQSEPDLSCITANTDKATTESTSVTVAIPDVDPLVDSTVVHISNKTDGEASPLKEAEIREDEEEVEKKKQKKEK
RETGKAMVPHSSMFIFSTTNPIRRACHYIVNLRYFEMCILLVIAASSIALAAEDPVLTNSERNKVLRYFDYVFTGVFTFE
MVIKMIDQGLILQDGSYFRDLWNILDFVVVVGALVAFALANALGTNKGRDIKTIKSLRVLRVLRPLKTIKRLPKLKAVFD
CVVTSLKNVFNILIVYKLFMFIFAVIAVQLFKGKFFYCTDSSKDTEKECIGNYVDHEKNKMEVKGREWKRHEFHYDNIIW
ALLTLFTVSTGEGWPQVLQHSVDVTEEDRGPSRSNRMEMSIFYVVYFVVFPFFFVNIFVALIIITFQEQGDKMMEECSLE
KNERACIDFAISAKPLTRYMPQNRHTFQYRVWHFVVSPSFEYTIMAMIALNTVVLMMKYYSAPCTYELALKYLNIAFTMV
FSLECVLKVIAFGFLNYFRDTWNIFDFITVIGSITEIILTDSKLVNTSGFNMSFLKLFRAARLIKLLRQGYTIRILLWTF
VQSFKALPYVCLLIAMLFFIYAIIGMQVFGNIKLDEESHINRHNNFRSFFGSLMLLFRSATGEAWQEIMLSCLGEKGCEP
DTTAPSGQNENERCGTDLAYVYFVSFIFFCSFLMLNLFVAVIMDNFEYLTRDSSILGPHHLDEFVRVWAEYDRAACGRIH
YTEMYEMLTLMSPPLGLGKRCPSKVAYKRLVLMNMPVAEDMTVHFTSTLMALIRTALDIKIAKGGADRQQLDSELQKETL
AIWPHLSQKMLDLLVPMPKASDLTVGKIYAAMMIMDYYKQSKVKKQRQQLEEQKNAPMFQRMEPSSLPQEIIANAKALPY
LQQDPVSGLSGRSGYPSMSPLSPQDIFQLACMDPADDGQFQERQSLEPEVSELKSVQPSNHGIYLPSDTQEHAGSGRASS
MPRLTVDPQVVTDPSSMRRSFSTIRDKRSNSSWLEEFSMERSSENTYKSRRRSYHSSLRLSAHRLNSDSGHKSDTHRSGG
RERGRSKERKHLLSPDVSRCNSEERGTQADWESPERRQSRSPSEGRSQTPNRQGTGSLSESSIPSVSDTSTPRRSRRQLP
PVPPKPRPLLSYSSLIRHAGSISPPADGSEEGSPLTSQALESNNACLTESSNSPHPQQSQHASPQRYISEPYLALHEDSH
ASDCGEEETLTFEAAVATSLGRSNTIGSAPPLRHSWQMPNGHYRRRRRGGPGPGMMCGAVNNLLSDTEEDDKC
;
A
2 'polypeptide(L)'
;MAAGCLLALTLTLFQSLLIGPSSEEPFPSAVTIKSWVDKMQEDLVTLAKTASGVNQLVDIYEKYQDLYTVEPNNARQLVE
IAARDIEKLLSNRSKALVRLALEAEKVQAAHQWREDFASNEVVYYNAKDDLDPEKNDSEPGSQRIKPVFIEDANFGRQIS
YQHAAVHIPTDIYEGSTIVLNELNWTSALDEVFKKNREEDPSLLWQVFGSATGLARYYPASPWVDNSRTPNKIDLYDVRR
RPWYIQGAASPKDMLILVDVSGSVSGLTLKLIRTSVSEMLETLSDDDFVNVASFNSNAQDVSCFQHLVQANVRNKKVLKD
AVNNITAKGITDYKKGFSFAFEQLLNYNVSRANCNKIIMLFTDGGEERAQEIFNKYNKDKKVRVFTFSVGQHNYDRGPIQ
WMACENKGYYYEIPSIGAIRINTQEYLDVLGRPMVLAGDKAKQVQWTNVYLDALELGLVITGTLPVFNITGQFENKTNLK
NQLILGVMGVDVSLEDIKRLTPRFTLCPNGYYFAIDPNGYVLLHPNLQPKPIGVGIPTINLRKRRPNIQNPKSQEPVTLD
FLDAELENDIKVEIRNKMIDGESGEKTFRTLVKSQDERYIDKGNRTYTWTPVNGTDYSLALVLPTYSFYYIKAKLEETIT
QARYSETLKPDNFEESGYTFIAPRDYCNDLKISDNNTEFLLNFNEFIDRKTPNNPSCNADLINRVLLDAGFTNELVQNYW
SKQKNIKGVKARFVVTDGGITRVYPKEAGENWQENPETYEDSFYKRSLDNDNYVFTAPYFNKSGPGAYESGIMVSKAVEI
YIQGKLLKPAVVGIKIDVNSWIENFTKTSIRDPCAGPVCDCKRNSDVMDCVILDDGGFLLMANHDDYTNQIGRFFGEIDP
SLMRHLVNISVYAFNKSYDYQSVCEPGAAPKQGAGHRSAYVPSVADILQIGWWATAAAWSILQQFLLSLTFPRLLEAVEM
EDDDFTASLSKQSCITEQTQYFFDNDSKSFSGVLDCGNCSRIFHGEKLMNTNLIFIMVESKGTCPCDTRLLIQAEQTSDG
PNPCDMVKQPRYRKGPDVCFDNNVLEDYTDCGGVSGLNPSLWYIIGIQFLLLWLVSGSTHRLL
;
C
#
loop_
_chem_comp.id
_chem_comp.type
_chem_comp.name
_chem_comp.formula
CA non-polymer 'CALCIUM ION' 'Ca 2'
NAG D-saccharide, beta linking 2-acetamido-2-deoxy-beta-D-glucopyranose 'C8 H15 N O6'
#
# COMPACT_ATOMS: atom_id res chain seq x y z
N PRO A 89 -61.16 0.23 24.44
CA PRO A 89 -61.18 1.12 23.29
C PRO A 89 -60.12 0.75 22.26
N PRO A 90 -60.29 1.19 21.01
CA PRO A 90 -59.26 0.97 19.98
C PRO A 90 -58.20 2.06 19.92
N PHE A 91 -58.17 2.98 20.89
CA PHE A 91 -57.17 4.05 20.90
C PHE A 91 -55.77 3.50 21.15
N GLU A 92 -55.66 2.36 21.84
CA GLU A 92 -54.37 1.75 22.10
C GLU A 92 -53.77 1.13 20.84
N TYR A 93 -54.60 0.54 19.99
CA TYR A 93 -54.11 -0.09 18.77
C TYR A 93 -53.57 0.93 17.79
N MET A 94 -54.13 2.14 17.76
CA MET A 94 -53.57 3.19 16.92
C MET A 94 -52.17 3.58 17.39
N ILE A 95 -51.97 3.67 18.71
CA ILE A 95 -50.65 3.95 19.23
C ILE A 95 -49.68 2.84 18.89
N LEU A 96 -50.15 1.59 18.98
CA LEU A 96 -49.29 0.45 18.60
C LEU A 96 -48.89 0.53 17.13
N ALA A 97 -49.84 0.88 16.25
CA ALA A 97 -49.52 1.00 14.83
C ALA A 97 -48.53 2.13 14.60
N THR A 98 -48.69 3.24 15.33
CA THR A 98 -47.73 4.34 15.19
C THR A 98 -46.33 3.92 15.64
N ILE A 99 -46.25 3.16 16.73
CA ILE A 99 -44.94 2.68 17.19
C ILE A 99 -44.32 1.76 16.15
N ILE A 100 -45.14 0.89 15.54
CA ILE A 100 -44.64 0.01 14.49
C ILE A 100 -44.10 0.84 13.32
N ALA A 101 -44.85 1.86 12.91
CA ALA A 101 -44.42 2.70 11.80
C ALA A 101 -43.12 3.44 12.13
N ASN A 102 -42.99 3.92 13.37
CA ASN A 102 -41.78 4.62 13.76
C ASN A 102 -40.58 3.66 13.79
N CYS A 103 -40.79 2.43 14.24
CA CYS A 103 -39.72 1.44 14.18
C CYS A 103 -39.30 1.16 12.74
N ILE A 104 -40.29 1.06 11.84
CA ILE A 104 -39.98 0.84 10.43
C ILE A 104 -39.18 2.02 9.88
N VAL A 105 -39.56 3.25 10.24
CA VAL A 105 -38.82 4.42 9.78
C VAL A 105 -37.39 4.40 10.30
N LEU A 106 -37.22 4.08 11.59
CA LEU A 106 -35.89 3.99 12.17
C LEU A 106 -35.06 2.88 11.55
N ALA A 107 -35.70 1.85 11.01
CA ALA A 107 -34.98 0.77 10.35
C ALA A 107 -34.60 1.10 8.92
N LEU A 108 -34.98 2.27 8.41
CA LEU A 108 -34.78 2.64 7.01
C LEU A 108 -33.59 3.54 6.79
N GLU A 109 -33.38 4.55 7.64
CA GLU A 109 -32.32 5.51 7.41
C GLU A 109 -30.94 4.88 7.66
N GLN A 110 -29.94 5.46 7.01
CA GLN A 110 -28.56 5.02 7.15
C GLN A 110 -27.68 6.21 7.46
N HIS A 111 -26.53 5.93 8.07
CA HIS A 111 -25.61 6.95 8.53
C HIS A 111 -24.41 7.02 7.60
N LEU A 112 -24.10 8.21 7.11
CA LEU A 112 -22.96 8.45 6.26
C LEU A 112 -21.90 9.24 7.03
N PRO A 113 -20.61 9.01 6.75
CA PRO A 113 -19.57 9.70 7.51
C PRO A 113 -19.51 11.18 7.19
N GLU A 114 -19.02 11.95 8.17
CA GLU A 114 -18.65 13.36 7.99
C GLU A 114 -19.86 14.21 7.56
N ASP A 115 -20.88 14.21 8.40
CA ASP A 115 -22.04 15.09 8.25
C ASP A 115 -22.68 14.98 6.86
N ASP A 116 -22.77 13.77 6.34
CA ASP A 116 -23.40 13.54 5.05
C ASP A 116 -24.73 12.83 5.25
N LYS A 117 -25.71 13.18 4.41
CA LYS A 117 -27.04 12.61 4.49
C LYS A 117 -27.52 12.20 3.10
N THR A 118 -28.09 11.01 3.01
CA THR A 118 -28.70 10.56 1.78
C THR A 118 -29.98 11.34 1.50
N PRO A 119 -30.38 11.49 0.23
CA PRO A 119 -31.64 12.17 -0.06
C PRO A 119 -32.85 11.49 0.57
N MET A 120 -32.83 10.16 0.69
CA MET A 120 -33.93 9.46 1.35
C MET A 120 -34.01 9.79 2.83
N SER A 121 -32.89 10.01 3.49
CA SER A 121 -32.89 10.34 4.91
C SER A 121 -33.46 11.73 5.20
N ARG A 122 -33.51 12.61 4.20
CA ARG A 122 -34.16 13.90 4.42
C ARG A 122 -35.67 13.76 4.54
N ARG A 123 -36.27 12.87 3.75
CA ARG A 123 -37.71 12.64 3.83
C ARG A 123 -38.08 12.06 5.19
N LEU A 124 -37.26 11.16 5.71
CA LEU A 124 -37.53 10.57 7.02
C LEU A 124 -37.46 11.63 8.12
N GLU A 125 -36.48 12.54 8.04
CA GLU A 125 -36.37 13.61 9.03
C GLU A 125 -37.56 14.55 8.95
N LYS A 126 -38.21 14.64 7.78
CA LYS A 126 -39.36 15.51 7.64
C LYS A 126 -40.49 15.10 8.58
N THR A 127 -40.73 13.79 8.71
CA THR A 127 -41.78 13.29 9.60
C THR A 127 -41.28 13.01 11.01
N GLU A 128 -40.56 13.96 11.60
CA GLU A 128 -40.22 13.91 13.01
C GLU A 128 -41.34 14.48 13.87
N PRO A 129 -41.86 15.69 13.58
CA PRO A 129 -42.93 16.22 14.43
C PRO A 129 -44.19 15.40 14.42
N TYR A 130 -44.53 14.76 13.30
CA TYR A 130 -45.76 13.98 13.23
C TYR A 130 -45.70 12.78 14.19
N PHE A 131 -44.56 12.10 14.23
CA PHE A 131 -44.42 10.97 15.14
C PHE A 131 -44.44 11.41 16.60
N ILE A 132 -43.76 12.52 16.90
CA ILE A 132 -43.74 13.00 18.28
C ILE A 132 -45.01 13.77 18.64
N GLY A 133 -45.80 14.20 17.65
CA GLY A 133 -47.00 14.95 17.95
C GLY A 133 -47.98 14.16 18.80
N ILE A 134 -48.26 12.92 18.39
CA ILE A 134 -49.19 12.10 19.16
C ILE A 134 -48.53 11.46 20.38
N PHE A 135 -47.19 11.32 20.37
CA PHE A 135 -46.52 10.83 21.57
C PHE A 135 -46.55 11.87 22.68
N CYS A 136 -46.50 13.16 22.34
CA CYS A 136 -46.76 14.19 23.32
C CYS A 136 -48.26 14.33 23.61
N PHE A 137 -49.10 14.09 22.60
CA PHE A 137 -50.55 14.15 22.83
C PHE A 137 -51.00 13.04 23.78
N GLU A 138 -50.48 11.82 23.61
CA GLU A 138 -50.89 10.72 24.47
C GLU A 138 -50.47 10.96 25.91
N ALA A 139 -49.39 11.72 26.13
CA ALA A 139 -49.00 12.05 27.49
C ALA A 139 -50.05 12.92 28.17
N GLY A 140 -50.61 13.88 27.43
CA GLY A 140 -51.64 14.73 28.00
C GLY A 140 -52.90 13.96 28.35
N ILE A 141 -53.32 13.05 27.47
CA ILE A 141 -54.51 12.25 27.73
C ILE A 141 -54.32 11.39 28.97
N LYS A 142 -53.13 10.81 29.13
CA LYS A 142 -52.82 9.98 30.28
C LYS A 142 -52.43 10.78 31.52
N ILE A 143 -52.33 12.10 31.41
CA ILE A 143 -51.98 12.93 32.56
C ILE A 143 -53.20 13.64 33.16
N VAL A 144 -54.30 13.78 32.42
CA VAL A 144 -55.49 14.43 32.95
C VAL A 144 -56.38 13.48 33.73
N ALA A 145 -56.10 12.17 33.68
CA ALA A 145 -56.91 11.19 34.39
C ALA A 145 -56.11 10.32 35.35
N LEU A 146 -54.77 10.36 35.30
CA LEU A 146 -53.94 9.54 36.15
C LEU A 146 -53.14 10.33 37.17
N GLY A 147 -53.01 11.64 37.02
CA GLY A 147 -52.24 12.45 37.95
C GLY A 147 -50.75 12.17 37.90
N ASN A 158 -46.01 3.48 37.72
CA ASN A 158 -45.34 2.45 36.96
C ASN A 158 -44.10 3.00 36.24
N GLY A 159 -43.13 2.13 35.99
CA GLY A 159 -41.89 2.53 35.36
C GLY A 159 -41.94 2.71 33.86
N TRP A 160 -43.03 2.30 33.21
CA TRP A 160 -43.13 2.43 31.77
C TRP A 160 -43.61 3.82 31.36
N ASN A 161 -44.57 4.38 32.10
CA ASN A 161 -44.99 5.75 31.84
C ASN A 161 -43.83 6.71 32.05
N VAL A 162 -42.95 6.42 33.02
CA VAL A 162 -41.75 7.21 33.20
C VAL A 162 -40.89 7.16 31.95
N MET A 163 -40.74 5.98 31.36
CA MET A 163 -39.93 5.85 30.14
C MET A 163 -40.55 6.62 28.98
N ASP A 164 -41.86 6.51 28.80
CA ASP A 164 -42.51 7.26 27.72
C ASP A 164 -42.37 8.77 27.93
N PHE A 165 -42.54 9.23 29.17
CA PHE A 165 -42.38 10.65 29.44
C PHE A 165 -40.95 11.12 29.18
N ILE A 166 -39.96 10.31 29.58
CA ILE A 166 -38.58 10.65 29.32
C ILE A 166 -38.33 10.73 27.82
N VAL A 167 -38.88 9.77 27.06
CA VAL A 167 -38.70 9.75 25.61
C VAL A 167 -39.28 11.01 24.99
N VAL A 168 -40.52 11.35 25.35
CA VAL A 168 -41.16 12.50 24.71
C VAL A 168 -40.49 13.80 25.14
N LEU A 169 -40.08 13.91 26.41
CA LEU A 169 -39.40 15.10 26.87
C LEU A 169 -38.07 15.29 26.15
N SER A 170 -37.31 14.21 25.96
CA SER A 170 -36.08 14.30 25.18
C SER A 170 -36.36 14.64 23.73
N GLY A 171 -37.48 14.15 23.18
CA GLY A 171 -37.80 14.44 21.80
C GLY A 171 -38.13 15.90 21.56
N ILE A 172 -38.95 16.50 22.43
CA ILE A 172 -39.37 17.88 22.20
C ILE A 172 -38.18 18.83 22.33
N LEU A 173 -37.24 18.53 23.24
CA LEU A 173 -36.05 19.36 23.36
C LEU A 173 -35.03 19.10 22.27
N ALA A 174 -35.17 17.99 21.53
CA ALA A 174 -34.23 17.70 20.45
C ALA A 174 -34.49 18.56 19.22
N THR A 175 -35.74 18.91 18.96
CA THR A 175 -36.09 19.69 17.77
C THR A 175 -35.87 21.19 17.96
N ALA A 176 -35.48 21.64 19.14
CA ALA A 176 -35.25 23.04 19.40
C ALA A 176 -33.88 23.53 18.93
N GLY A 177 -33.02 22.62 18.48
CA GLY A 177 -31.69 22.99 18.02
C GLY A 177 -31.50 22.82 16.53
N LEU A 186 -25.05 16.20 19.61
CA LEU A 186 -26.39 16.22 20.17
C LEU A 186 -26.69 14.91 20.90
N ARG A 187 -26.28 14.85 22.18
CA ARG A 187 -26.48 13.65 22.98
C ARG A 187 -27.94 13.38 23.29
N THR A 188 -28.82 14.36 23.11
CA THR A 188 -30.23 14.18 23.40
C THR A 188 -30.98 13.38 22.33
N LEU A 189 -30.39 13.19 21.16
CA LEU A 189 -31.06 12.42 20.10
C LEU A 189 -30.67 10.95 20.17
N ARG A 190 -30.65 10.40 21.36
CA ARG A 190 -30.48 8.96 21.57
C ARG A 190 -31.52 8.39 22.51
N ALA A 191 -32.01 9.18 23.47
CA ALA A 191 -33.03 8.71 24.39
C ALA A 191 -34.42 8.69 23.78
N VAL A 192 -34.61 9.32 22.63
CA VAL A 192 -35.89 9.34 21.95
C VAL A 192 -35.92 8.42 20.74
N ARG A 193 -34.77 7.94 20.28
CA ARG A 193 -34.70 7.16 19.05
C ARG A 193 -34.42 5.68 19.32
N VAL A 194 -33.32 5.37 20.01
CA VAL A 194 -32.96 3.96 20.18
C VAL A 194 -33.84 3.30 21.23
N LEU A 195 -34.39 4.08 22.16
CA LEU A 195 -35.23 3.53 23.21
C LEU A 195 -36.71 3.50 22.85
N ARG A 196 -37.10 4.16 21.76
CA ARG A 196 -38.51 4.19 21.39
C ARG A 196 -39.10 2.81 21.06
N PRO A 197 -38.42 1.93 20.31
CA PRO A 197 -39.01 0.59 20.08
C PRO A 197 -39.26 -0.18 21.36
N LEU A 198 -38.58 0.15 22.46
CA LEU A 198 -38.79 -0.54 23.72
C LEU A 198 -40.18 -0.30 24.29
N LYS A 199 -40.85 0.80 23.91
CA LYS A 199 -42.19 1.06 24.41
C LYS A 199 -43.23 0.13 23.82
N LEU A 200 -42.87 -0.67 22.82
CA LEU A 200 -43.76 -1.73 22.37
C LEU A 200 -44.08 -2.70 23.50
N VAL A 201 -43.11 -2.93 24.39
CA VAL A 201 -43.34 -3.81 25.53
C VAL A 201 -44.43 -3.24 26.42
N SER A 202 -44.36 -1.94 26.72
CA SER A 202 -45.38 -1.31 27.53
C SER A 202 -46.72 -1.23 26.81
N GLY A 203 -46.73 -1.35 25.48
CA GLY A 203 -47.97 -1.27 24.74
C GLY A 203 -48.90 -2.44 25.02
N ILE A 204 -48.34 -3.63 25.23
CA ILE A 204 -49.15 -4.83 25.42
C ILE A 204 -48.80 -5.50 26.74
N PRO A 205 -49.76 -6.09 27.44
CA PRO A 205 -49.44 -6.73 28.73
C PRO A 205 -48.74 -8.08 28.61
N SER A 206 -48.87 -8.77 27.47
CA SER A 206 -48.25 -10.09 27.34
C SER A 206 -46.73 -9.99 27.44
N LEU A 207 -46.13 -9.06 26.68
CA LEU A 207 -44.68 -8.88 26.77
C LEU A 207 -44.28 -8.33 28.13
N GLN A 208 -45.17 -7.58 28.77
CA GLN A 208 -44.88 -7.10 30.12
C GLN A 208 -44.77 -8.25 31.11
N ILE A 209 -45.67 -9.24 31.00
CA ILE A 209 -45.60 -10.41 31.87
C ILE A 209 -44.39 -11.26 31.52
N VAL A 210 -44.07 -11.39 30.23
CA VAL A 210 -42.91 -12.18 29.83
C VAL A 210 -41.63 -11.56 30.37
N LEU A 211 -41.50 -10.24 30.27
CA LEU A 211 -40.30 -9.56 30.77
C LEU A 211 -40.15 -9.75 32.28
N LYS A 212 -41.26 -9.86 33.01
CA LYS A 212 -41.20 -10.10 34.44
C LYS A 212 -40.82 -11.53 34.77
N SER A 213 -40.98 -12.47 33.84
CA SER A 213 -40.57 -13.84 34.08
C SER A 213 -39.06 -14.03 33.97
N ILE A 214 -38.40 -13.27 33.11
CA ILE A 214 -36.95 -13.40 32.95
C ILE A 214 -36.17 -12.50 33.90
N MET A 215 -36.77 -11.41 34.37
CA MET A 215 -36.09 -10.54 35.33
C MET A 215 -36.23 -11.04 36.76
N LYS A 216 -37.11 -12.00 37.02
CA LYS A 216 -37.26 -12.58 38.35
C LYS A 216 -36.32 -13.75 38.58
N ALA A 217 -35.61 -14.20 37.55
CA ALA A 217 -34.62 -15.25 37.68
C ALA A 217 -33.19 -14.73 37.77
N MET A 218 -33.01 -13.40 37.77
CA MET A 218 -31.68 -12.81 37.83
C MET A 218 -31.22 -12.52 39.24
N VAL A 219 -32.09 -12.66 40.24
CA VAL A 219 -31.67 -12.45 41.63
C VAL A 219 -30.58 -13.42 42.05
N PRO A 220 -30.69 -14.74 41.82
CA PRO A 220 -29.55 -15.62 42.09
C PRO A 220 -28.44 -15.50 41.06
N LEU A 221 -28.69 -14.84 39.93
CA LEU A 221 -27.69 -14.68 38.89
C LEU A 221 -26.83 -13.45 39.08
N LEU A 222 -27.40 -12.37 39.62
CA LEU A 222 -26.61 -11.17 39.89
C LEU A 222 -25.61 -11.42 41.03
N GLN A 223 -26.03 -12.16 42.06
CA GLN A 223 -25.12 -12.44 43.17
C GLN A 223 -23.94 -13.29 42.71
N ILE A 224 -24.18 -14.28 41.87
CA ILE A 224 -23.10 -15.15 41.41
C ILE A 224 -22.27 -14.46 40.34
N GLY A 225 -22.85 -13.53 39.59
CA GLY A 225 -22.07 -12.74 38.65
C GLY A 225 -21.11 -11.78 39.33
N LEU A 226 -21.37 -11.44 40.58
CA LEU A 226 -20.41 -10.65 41.35
C LEU A 226 -19.11 -11.41 41.55
N LEU A 227 -19.20 -12.74 41.69
CA LEU A 227 -17.99 -13.55 41.84
C LEU A 227 -17.13 -13.50 40.59
N LEU A 228 -17.76 -13.51 39.42
CA LEU A 228 -17.00 -13.44 38.18
C LEU A 228 -16.21 -12.14 38.09
N PHE A 229 -16.85 -11.03 38.47
CA PHE A 229 -16.13 -9.76 38.51
C PHE A 229 -14.99 -9.80 39.52
N PHE A 230 -15.22 -10.45 40.67
CA PHE A 230 -14.18 -10.53 41.69
C PHE A 230 -13.07 -11.50 41.29
N ALA A 231 -13.39 -12.56 40.55
CA ALA A 231 -12.36 -13.43 40.01
C ALA A 231 -11.59 -12.75 38.88
N ILE A 232 -12.27 -11.90 38.11
CA ILE A 232 -11.59 -11.10 37.10
C ILE A 232 -10.62 -10.12 37.76
N LEU A 233 -11.02 -9.56 38.91
CA LEU A 233 -10.15 -8.62 39.60
C LEU A 233 -8.88 -9.28 40.11
N MET A 234 -8.93 -10.58 40.43
CA MET A 234 -7.73 -11.30 40.84
C MET A 234 -6.69 -11.32 39.73
N PHE A 235 -7.04 -11.93 38.59
CA PHE A 235 -6.09 -12.05 37.48
C PHE A 235 -5.70 -10.70 36.91
N ALA A 236 -6.56 -9.68 37.05
CA ALA A 236 -6.19 -8.35 36.64
C ALA A 236 -5.03 -7.82 37.48
N ILE A 237 -5.07 -8.05 38.79
CA ILE A 237 -3.98 -7.62 39.66
C ILE A 237 -2.74 -8.48 39.42
N ILE A 238 -2.91 -9.80 39.30
CA ILE A 238 -1.78 -10.70 39.13
C ILE A 238 -1.04 -10.38 37.83
N GLY A 239 -1.78 -10.17 36.74
CA GLY A 239 -1.15 -9.86 35.47
C GLY A 239 -0.62 -8.44 35.40
N LEU A 240 -1.11 -7.54 36.24
CA LEU A 240 -0.61 -6.17 36.25
C LEU A 240 0.79 -6.09 36.85
N GLU A 241 1.10 -6.96 37.81
CA GLU A 241 2.42 -6.96 38.43
C GLU A 241 3.46 -7.75 37.64
N PHE A 242 3.05 -8.43 36.58
CA PHE A 242 3.97 -9.25 35.79
C PHE A 242 4.06 -8.83 34.33
N TYR A 243 3.02 -8.23 33.76
CA TYR A 243 3.00 -7.90 32.34
C TYR A 243 2.89 -6.41 32.07
N SER A 244 3.16 -5.56 33.06
CA SER A 244 2.98 -4.12 32.89
C SER A 244 4.14 -3.52 32.11
N GLY A 245 3.81 -2.86 30.99
CA GLY A 245 4.81 -2.16 30.21
C GLY A 245 5.85 -3.04 29.56
N LYS A 246 5.58 -4.33 29.42
CA LYS A 246 6.54 -5.27 28.84
C LYS A 246 6.15 -5.69 27.42
N LEU A 247 5.29 -4.92 26.76
CA LEU A 247 4.81 -5.23 25.42
C LEU A 247 4.88 -3.99 24.53
N HIS A 248 6.04 -3.32 24.55
CA HIS A 248 6.20 -2.05 23.83
C HIS A 248 7.40 -2.06 22.89
N ARG A 249 7.88 -3.22 22.46
CA ARG A 249 9.05 -3.30 21.60
C ARG A 249 8.80 -4.34 20.51
N ALA A 250 8.56 -3.88 19.28
CA ALA A 250 8.39 -4.75 18.14
C ALA A 250 9.41 -4.38 17.07
N CYS A 251 10.08 -5.39 16.52
CA CYS A 251 11.25 -5.17 15.66
C CYS A 251 10.81 -4.91 14.22
N PHE A 252 11.09 -3.71 13.73
CA PHE A 252 10.80 -3.36 12.34
C PHE A 252 12.05 -3.39 11.46
N MET A 253 13.03 -2.54 11.75
CA MET A 253 14.32 -2.48 11.06
C MET A 253 14.19 -2.59 9.54
N ASN A 254 13.54 -1.61 8.91
CA ASN A 254 13.40 -1.65 7.46
C ASN A 254 14.69 -1.34 6.73
N ASN A 255 15.54 -0.49 7.32
CA ASN A 255 16.81 -0.05 6.73
C ASN A 255 16.58 0.86 5.52
N SER A 256 15.33 1.02 5.13
CA SER A 256 14.94 1.92 4.05
C SER A 256 13.80 2.84 4.44
N GLY A 257 12.84 2.36 5.23
CA GLY A 257 11.72 3.16 5.65
C GLY A 257 11.45 3.05 7.14
N ILE A 258 12.46 2.55 7.88
CA ILE A 258 12.45 2.37 9.33
C ILE A 258 11.07 1.98 9.85
N LEU A 259 10.46 0.97 9.24
CA LEU A 259 9.11 0.56 9.57
C LEU A 259 8.93 -0.90 9.13
N GLU A 260 7.68 -1.34 9.03
CA GLU A 260 7.33 -2.67 8.52
C GLU A 260 7.79 -3.77 9.47
N GLY A 261 8.02 -4.96 8.94
CA GLY A 261 8.37 -6.11 9.75
C GLY A 261 7.46 -7.29 9.49
N PHE A 262 6.72 -7.70 10.51
CA PHE A 262 5.77 -8.80 10.42
C PHE A 262 4.35 -8.25 10.45
N ASP A 263 3.44 -8.90 9.70
CA ASP A 263 2.07 -8.42 9.66
C ASP A 263 1.44 -8.54 11.06
N PRO A 264 1.53 -9.68 11.74
CA PRO A 264 1.39 -9.65 13.21
C PRO A 264 2.71 -9.26 13.85
N PRO A 265 2.80 -8.07 14.43
CA PRO A 265 4.07 -7.64 15.00
C PRO A 265 4.55 -8.58 16.10
N HIS A 266 5.86 -8.83 16.13
CA HIS A 266 6.47 -9.77 17.04
C HIS A 266 7.25 -9.03 18.11
N PRO A 267 6.78 -8.98 19.35
CA PRO A 267 7.53 -8.25 20.39
C PRO A 267 8.85 -8.91 20.74
N CYS A 268 9.81 -8.08 21.15
CA CYS A 268 11.10 -8.57 21.58
C CYS A 268 11.07 -9.03 23.04
N GLY A 269 10.81 -8.10 23.95
CA GLY A 269 10.90 -8.39 25.37
C GLY A 269 12.31 -8.80 25.77
N VAL A 270 12.48 -10.07 26.10
CA VAL A 270 13.80 -10.61 26.44
C VAL A 270 14.06 -11.84 25.59
N GLN A 271 13.42 -11.91 24.42
CA GLN A 271 13.58 -13.05 23.52
C GLN A 271 14.54 -12.77 22.37
N GLY A 272 14.33 -11.68 21.64
CA GLY A 272 15.18 -11.35 20.51
C GLY A 272 14.64 -11.89 19.21
N CYS A 273 14.41 -11.00 18.24
CA CYS A 273 13.84 -11.43 16.96
C CYS A 273 14.84 -12.29 16.21
N PRO A 274 14.44 -13.47 15.72
CA PRO A 274 15.41 -14.44 15.19
C PRO A 274 16.11 -13.98 13.92
N ALA A 275 15.33 -13.53 12.93
CA ALA A 275 15.91 -13.16 11.65
C ALA A 275 16.84 -11.96 11.76
N GLY A 276 16.79 -11.23 12.87
CA GLY A 276 17.63 -10.06 13.05
C GLY A 276 16.84 -8.89 13.59
N TYR A 277 16.88 -7.77 12.87
CA TYR A 277 16.14 -6.56 13.21
C TYR A 277 16.51 -6.00 14.57
N GLU A 278 15.89 -4.88 14.94
CA GLU A 278 15.89 -4.40 16.31
C GLU A 278 14.60 -3.61 16.51
N CYS A 279 14.19 -3.51 17.77
CA CYS A 279 12.87 -2.99 18.11
C CYS A 279 12.98 -1.67 18.88
N LYS A 280 12.30 -0.65 18.36
CA LYS A 280 12.11 0.62 19.03
C LYS A 280 10.75 0.59 19.73
N ASP A 281 10.30 1.74 20.21
CA ASP A 281 9.02 1.83 20.90
C ASP A 281 7.88 1.35 20.01
N TRP A 282 6.96 0.59 20.60
CA TRP A 282 5.83 0.02 19.90
C TRP A 282 4.56 0.45 20.61
N ILE A 283 3.52 0.75 19.83
CA ILE A 283 2.29 1.28 20.42
C ILE A 283 1.62 0.24 21.30
N GLY A 284 1.60 -1.02 20.86
CA GLY A 284 0.96 -2.08 21.62
C GLY A 284 0.44 -3.17 20.72
N PRO A 285 0.03 -4.29 21.31
CA PRO A 285 -0.39 -5.44 20.50
C PRO A 285 -1.54 -5.17 19.55
N ASN A 286 -2.71 -4.82 20.08
CA ASN A 286 -3.86 -4.49 19.24
C ASN A 286 -4.05 -2.97 19.20
N ASP A 287 -3.14 -2.32 18.47
CA ASP A 287 -3.10 -0.86 18.40
C ASP A 287 -3.00 -0.23 19.80
N GLY A 288 -2.32 -0.93 20.71
CA GLY A 288 -2.15 -0.43 22.06
C GLY A 288 -3.38 -0.54 22.93
N ILE A 289 -4.26 -1.51 22.66
CA ILE A 289 -5.49 -1.67 23.42
C ILE A 289 -5.44 -2.89 24.33
N THR A 290 -4.81 -3.97 23.88
CA THR A 290 -4.77 -5.22 24.64
C THR A 290 -3.42 -5.35 25.34
N GLN A 291 -3.32 -4.70 26.51
CA GLN A 291 -2.11 -4.77 27.31
C GLN A 291 -2.45 -4.48 28.76
N PHE A 292 -1.55 -4.88 29.65
CA PHE A 292 -1.74 -4.73 31.09
C PHE A 292 -1.05 -3.47 31.61
N ASP A 293 -1.44 -2.31 31.06
CA ASP A 293 -0.80 -1.06 31.49
C ASP A 293 -1.25 -0.65 32.88
N ASN A 294 -2.55 -0.42 33.06
CA ASN A 294 -3.06 -0.15 34.40
C ASN A 294 -4.20 -1.11 34.72
N ILE A 295 -4.91 -0.86 35.82
CA ILE A 295 -5.91 -1.81 36.28
C ILE A 295 -7.10 -1.85 35.32
N LEU A 296 -7.47 -0.71 34.76
CA LEU A 296 -8.60 -0.69 33.82
C LEU A 296 -8.27 -1.47 32.56
N PHE A 297 -7.04 -1.33 32.05
CA PHE A 297 -6.64 -2.11 30.88
C PHE A 297 -6.52 -3.59 31.21
N ALA A 298 -6.01 -3.92 32.40
CA ALA A 298 -5.85 -5.31 32.78
C ALA A 298 -7.21 -6.00 32.93
N VAL A 299 -8.20 -5.29 33.50
CA VAL A 299 -9.53 -5.88 33.66
C VAL A 299 -10.15 -6.19 32.31
N LEU A 300 -10.03 -5.26 31.36
CA LEU A 300 -10.60 -5.48 30.03
C LEU A 300 -9.89 -6.62 29.31
N THR A 301 -8.57 -6.70 29.43
CA THR A 301 -7.84 -7.80 28.79
C THR A 301 -8.21 -9.14 29.41
N VAL A 302 -8.33 -9.19 30.74
CA VAL A 302 -8.72 -10.43 31.40
C VAL A 302 -10.13 -10.83 31.01
N PHE A 303 -11.05 -9.87 31.00
CA PHE A 303 -12.43 -10.17 30.65
C PHE A 303 -12.54 -10.65 29.20
N GLN A 304 -11.82 -10.01 28.29
CA GLN A 304 -11.92 -10.38 26.88
C GLN A 304 -11.24 -11.70 26.57
N CYS A 305 -10.41 -12.22 27.48
CA CYS A 305 -9.81 -13.53 27.32
C CYS A 305 -10.44 -14.56 28.25
N ILE A 306 -11.36 -14.16 29.12
CA ILE A 306 -12.16 -15.12 29.87
C ILE A 306 -13.37 -15.58 29.07
N THR A 307 -13.72 -14.88 27.99
CA THR A 307 -14.75 -15.32 27.06
C THR A 307 -14.17 -16.15 25.93
N MET A 308 -12.88 -16.49 26.00
CA MET A 308 -12.21 -17.34 25.02
C MET A 308 -12.22 -16.72 23.63
N GLU A 309 -11.98 -15.41 23.57
CA GLU A 309 -11.88 -14.69 22.31
C GLU A 309 -10.53 -14.00 22.26
N GLY A 310 -9.62 -14.54 21.46
CA GLY A 310 -8.31 -13.95 21.32
C GLY A 310 -7.37 -14.17 22.48
N TRP A 311 -7.70 -15.10 23.39
CA TRP A 311 -6.82 -15.36 24.53
C TRP A 311 -5.50 -15.97 24.08
N THR A 312 -5.51 -16.73 22.99
CA THR A 312 -4.27 -17.31 22.48
C THR A 312 -3.32 -16.23 21.96
N THR A 313 -3.86 -15.20 21.30
CA THR A 313 -3.01 -14.11 20.84
C THR A 313 -2.37 -13.38 22.03
N VAL A 314 -3.14 -13.16 23.09
CA VAL A 314 -2.59 -12.54 24.30
C VAL A 314 -1.51 -13.42 24.90
N LEU A 315 -1.75 -14.73 24.96
CA LEU A 315 -0.75 -15.65 25.51
C LEU A 315 0.52 -15.63 24.69
N TYR A 316 0.40 -15.62 23.36
CA TYR A 316 1.57 -15.64 22.50
C TYR A 316 2.32 -14.31 22.54
N ASN A 317 1.61 -13.19 22.70
CA ASN A 317 2.27 -11.90 22.77
C ASN A 317 3.17 -11.81 24.00
N THR A 318 2.69 -12.27 25.14
CA THR A 318 3.54 -12.36 26.33
C THR A 318 4.47 -13.56 26.29
N ASN A 319 4.27 -14.48 25.34
CA ASN A 319 5.10 -15.67 25.27
C ASN A 319 6.48 -15.34 24.71
N ASP A 320 6.55 -14.53 23.67
CA ASP A 320 7.80 -14.16 23.04
C ASP A 320 8.37 -12.85 23.57
N ALA A 321 7.89 -12.38 24.73
CA ALA A 321 8.43 -11.22 25.39
C ALA A 321 9.02 -11.51 26.75
N LEU A 322 8.57 -12.57 27.42
CA LEU A 322 9.11 -12.97 28.71
C LEU A 322 9.63 -14.39 28.74
N GLY A 323 9.23 -15.25 27.81
CA GLY A 323 9.66 -16.63 27.80
C GLY A 323 8.50 -17.59 27.92
N ALA A 324 8.62 -18.76 27.29
CA ALA A 324 7.54 -19.75 27.30
C ALA A 324 7.68 -20.74 28.44
N THR A 325 7.73 -20.24 29.66
CA THR A 325 7.92 -21.10 30.83
C THR A 325 6.80 -20.98 31.86
N TRP A 326 6.30 -19.78 32.12
CA TRP A 326 5.32 -19.57 33.17
C TRP A 326 4.03 -18.89 32.73
N ASN A 327 3.97 -18.38 31.49
CA ASN A 327 2.75 -17.69 31.05
C ASN A 327 1.57 -18.64 30.99
N TRP A 328 1.81 -19.91 30.67
CA TRP A 328 0.72 -20.88 30.68
C TRP A 328 0.15 -21.03 32.07
N LEU A 329 1.00 -20.97 33.11
CA LEU A 329 0.51 -21.05 34.48
C LEU A 329 -0.44 -19.91 34.81
N TYR A 330 -0.36 -18.80 34.08
CA TYR A 330 -1.29 -17.70 34.27
C TYR A 330 -2.53 -17.81 33.39
N PHE A 331 -2.39 -18.36 32.19
CA PHE A 331 -3.50 -18.32 31.25
C PHE A 331 -4.39 -19.57 31.30
N ILE A 332 -3.82 -20.75 31.51
CA ILE A 332 -4.64 -21.96 31.57
C ILE A 332 -5.62 -21.94 32.75
N PRO A 333 -5.20 -21.61 33.98
CA PRO A 333 -6.21 -21.48 35.05
C PRO A 333 -7.25 -20.42 34.77
N LEU A 334 -6.85 -19.33 34.12
CA LEU A 334 -7.80 -18.27 33.78
C LEU A 334 -8.90 -18.79 32.87
N ILE A 335 -8.60 -19.78 32.04
CA ILE A 335 -9.63 -20.41 31.23
C ILE A 335 -10.39 -21.46 32.02
N ILE A 336 -9.70 -22.18 32.90
CA ILE A 336 -10.34 -23.27 33.64
C ILE A 336 -11.13 -22.71 34.82
N ILE A 337 -10.44 -22.10 35.79
CA ILE A 337 -11.12 -21.60 36.98
C ILE A 337 -11.83 -20.28 36.73
N GLY A 338 -11.67 -19.70 35.55
CA GLY A 338 -12.34 -18.46 35.24
C GLY A 338 -13.62 -18.63 34.46
N SER A 339 -13.58 -19.43 33.40
CA SER A 339 -14.72 -19.55 32.51
C SER A 339 -15.41 -20.90 32.59
N PHE A 340 -14.65 -22.00 32.68
CA PHE A 340 -15.28 -23.31 32.83
C PHE A 340 -16.11 -23.39 34.10
N PHE A 341 -15.59 -22.87 35.21
CA PHE A 341 -16.32 -22.91 36.46
C PHE A 341 -17.51 -21.95 36.47
N VAL A 342 -17.32 -20.73 35.97
CA VAL A 342 -18.39 -19.75 35.99
C VAL A 342 -19.54 -20.19 35.08
N LEU A 343 -19.21 -20.69 33.89
CA LEU A 343 -20.25 -21.18 32.98
C LEU A 343 -21.02 -22.34 33.62
N ASN A 344 -20.31 -23.23 34.30
CA ASN A 344 -20.97 -24.30 35.04
C ASN A 344 -21.82 -23.72 36.16
N LEU A 345 -21.28 -22.73 36.88
CA LEU A 345 -21.95 -22.17 38.04
C LEU A 345 -23.26 -21.50 37.69
N VAL A 346 -23.30 -20.73 36.60
CA VAL A 346 -24.50 -19.97 36.28
C VAL A 346 -25.62 -20.92 35.86
N LEU A 347 -25.30 -21.97 35.09
CA LEU A 347 -26.31 -22.94 34.72
C LEU A 347 -26.75 -23.77 35.92
N GLY A 348 -25.83 -24.02 36.87
CA GLY A 348 -26.23 -24.73 38.08
C GLY A 348 -27.18 -23.92 38.94
N VAL A 349 -26.90 -22.63 39.11
CA VAL A 349 -27.75 -21.82 39.98
C VAL A 349 -29.04 -21.44 39.27
N LEU A 350 -29.05 -21.38 37.94
CA LEU A 350 -30.28 -21.09 37.23
C LEU A 350 -31.27 -22.25 37.37
N SER A 351 -30.77 -23.48 37.40
CA SER A 351 -31.64 -24.62 37.66
C SER A 351 -32.09 -24.69 39.11
N GLY A 352 -31.40 -23.97 40.01
CA GLY A 352 -31.81 -23.98 41.42
C GLY A 352 -33.18 -23.38 41.63
N GLU A 353 -33.45 -22.25 40.94
CA GLU A 353 -34.78 -21.68 40.99
C GLU A 353 -35.79 -22.50 40.19
N PHE A 354 -35.33 -23.12 39.11
CA PHE A 354 -36.22 -23.96 38.30
C PHE A 354 -36.72 -25.17 39.09
N ALA A 355 -35.83 -25.82 39.83
CA ALA A 355 -36.21 -27.04 40.54
C ALA A 355 -37.31 -26.75 41.56
N LYS A 356 -37.01 -25.93 42.55
CA LYS A 356 -37.98 -25.57 43.58
C LYS A 356 -37.86 -24.10 43.95
N VAL A 473 -54.65 -46.35 1.78
CA VAL A 473 -54.27 -45.23 2.64
C VAL A 473 -53.85 -45.75 4.01
N LYS A 474 -54.80 -46.32 4.74
CA LYS A 474 -54.50 -46.88 6.06
C LYS A 474 -53.72 -48.18 5.98
N SER A 475 -53.57 -48.75 4.79
CA SER A 475 -52.87 -50.02 4.65
C SER A 475 -51.40 -49.86 5.02
N GLN A 476 -50.84 -50.91 5.62
CA GLN A 476 -49.41 -50.90 5.93
C GLN A 476 -48.56 -51.01 4.67
N VAL A 477 -49.04 -51.74 3.65
CA VAL A 477 -48.27 -51.88 2.42
C VAL A 477 -48.16 -50.55 1.70
N PHE A 478 -49.26 -49.79 1.62
CA PHE A 478 -49.20 -48.47 1.01
C PHE A 478 -48.29 -47.54 1.81
N TYR A 479 -48.33 -47.64 3.13
CA TYR A 479 -47.46 -46.83 3.97
C TYR A 479 -46.00 -47.16 3.72
N TRP A 480 -45.67 -48.45 3.60
CA TRP A 480 -44.30 -48.84 3.28
C TRP A 480 -43.88 -48.35 1.91
N ILE A 481 -44.79 -48.42 0.93
CA ILE A 481 -44.45 -47.99 -0.43
C ILE A 481 -44.17 -46.49 -0.45
N VAL A 482 -45.02 -45.71 0.22
CA VAL A 482 -44.83 -44.26 0.23
C VAL A 482 -43.65 -43.85 1.11
N LEU A 483 -43.27 -44.70 2.08
CA LEU A 483 -42.08 -44.43 2.88
C LEU A 483 -40.81 -44.72 2.09
N SER A 484 -40.82 -45.78 1.29
CA SER A 484 -39.66 -46.07 0.46
C SER A 484 -39.54 -45.09 -0.70
N LEU A 485 -40.67 -44.60 -1.21
CA LEU A 485 -40.62 -43.64 -2.32
C LEU A 485 -39.99 -42.33 -1.88
N VAL A 486 -40.31 -41.86 -0.68
CA VAL A 486 -39.71 -40.62 -0.18
C VAL A 486 -38.25 -40.80 0.17
N ALA A 487 -37.77 -42.03 0.31
CA ALA A 487 -36.35 -42.30 0.49
C ALA A 487 -35.55 -42.10 -0.78
N LEU A 488 -36.20 -41.98 -1.93
CA LEU A 488 -35.52 -41.68 -3.18
C LEU A 488 -35.57 -40.20 -3.54
N ASN A 489 -36.59 -39.48 -3.07
CA ASN A 489 -36.61 -38.03 -3.27
C ASN A 489 -35.43 -37.36 -2.55
N THR A 490 -35.13 -37.81 -1.33
CA THR A 490 -33.99 -37.28 -0.61
C THR A 490 -32.67 -37.65 -1.29
N ALA A 491 -32.57 -38.85 -1.84
CA ALA A 491 -31.36 -39.25 -2.53
C ALA A 491 -31.16 -38.47 -3.82
N CYS A 492 -32.25 -37.99 -4.42
CA CYS A 492 -32.13 -37.20 -5.65
C CYS A 492 -31.63 -35.79 -5.39
N VAL A 493 -31.97 -35.22 -4.22
CA VAL A 493 -31.48 -33.89 -3.87
C VAL A 493 -30.17 -33.93 -3.09
N ALA A 494 -29.77 -35.10 -2.60
CA ALA A 494 -28.49 -35.25 -1.92
C ALA A 494 -27.34 -35.56 -2.89
N ILE A 495 -27.64 -35.78 -4.17
CA ILE A 495 -26.60 -36.05 -5.15
C ILE A 495 -26.23 -34.82 -5.96
N VAL A 496 -26.93 -33.69 -5.78
CA VAL A 496 -26.60 -32.47 -6.49
C VAL A 496 -25.23 -31.99 -6.05
N HIS A 497 -24.35 -31.75 -7.02
CA HIS A 497 -23.03 -31.23 -6.72
C HIS A 497 -22.53 -30.42 -7.91
N HIS A 498 -21.54 -29.57 -7.64
CA HIS A 498 -20.98 -28.73 -8.68
C HIS A 498 -20.25 -29.57 -9.72
N ASN A 499 -20.28 -29.09 -10.97
CA ASN A 499 -19.62 -29.75 -12.09
C ASN A 499 -20.10 -31.19 -12.26
N GLN A 500 -21.40 -31.39 -12.11
CA GLN A 500 -21.99 -32.70 -12.33
C GLN A 500 -22.22 -32.93 -13.82
N PRO A 501 -22.29 -34.19 -14.25
CA PRO A 501 -22.54 -34.48 -15.66
C PRO A 501 -23.89 -33.93 -16.12
N GLN A 502 -23.95 -33.56 -17.40
CA GLN A 502 -25.18 -33.00 -17.95
C GLN A 502 -26.30 -34.03 -18.00
N TRP A 503 -25.98 -35.29 -18.26
CA TRP A 503 -27.00 -36.33 -18.22
C TRP A 503 -27.58 -36.48 -16.82
N LEU A 504 -26.74 -36.33 -15.79
CA LEU A 504 -27.26 -36.32 -14.42
C LEU A 504 -28.20 -35.15 -14.20
N THR A 505 -27.87 -33.99 -14.76
CA THR A 505 -28.76 -32.83 -14.64
C THR A 505 -30.11 -33.10 -15.29
N HIS A 506 -30.09 -33.71 -16.49
CA HIS A 506 -31.36 -34.02 -17.16
C HIS A 506 -32.15 -35.07 -16.39
N LEU A 507 -31.47 -36.09 -15.86
CA LEU A 507 -32.14 -37.11 -15.07
C LEU A 507 -32.81 -36.50 -13.85
N LEU A 508 -32.10 -35.61 -13.15
CA LEU A 508 -32.68 -34.97 -11.98
C LEU A 508 -33.81 -34.03 -12.35
N TYR A 509 -33.69 -33.36 -13.51
CA TYR A 509 -34.78 -32.49 -13.97
C TYR A 509 -36.05 -33.29 -14.21
N TYR A 510 -35.92 -34.46 -14.84
CA TYR A 510 -37.09 -35.31 -15.03
C TYR A 510 -37.62 -35.86 -13.72
N ALA A 511 -36.72 -36.29 -12.84
CA ALA A 511 -37.13 -36.93 -11.59
C ALA A 511 -37.83 -35.95 -10.66
N GLU A 512 -37.41 -34.69 -10.64
CA GLU A 512 -38.05 -33.71 -9.79
C GLU A 512 -39.52 -33.52 -10.19
N PHE A 513 -39.77 -33.37 -11.49
CA PHE A 513 -41.14 -33.22 -11.96
C PHE A 513 -41.95 -34.48 -11.71
N LEU A 514 -41.36 -35.66 -11.93
CA LEU A 514 -42.07 -36.90 -11.68
C LEU A 514 -42.46 -37.03 -10.21
N PHE A 515 -41.53 -36.71 -9.30
CA PHE A 515 -41.81 -36.80 -7.88
C PHE A 515 -42.86 -35.78 -7.46
N LEU A 516 -42.79 -34.56 -7.98
CA LEU A 516 -43.80 -33.55 -7.65
C LEU A 516 -45.18 -33.99 -8.10
N GLY A 517 -45.28 -34.50 -9.33
CA GLY A 517 -46.57 -34.97 -9.82
C GLY A 517 -47.11 -36.13 -9.00
N LEU A 518 -46.24 -37.08 -8.65
CA LEU A 518 -46.68 -38.21 -7.85
C LEU A 518 -47.14 -37.76 -6.47
N PHE A 519 -46.41 -36.83 -5.86
CA PHE A 519 -46.80 -36.34 -4.54
C PHE A 519 -48.13 -35.61 -4.59
N LEU A 520 -48.36 -34.81 -5.62
CA LEU A 520 -49.65 -34.14 -5.77
C LEU A 520 -50.77 -35.15 -5.99
N LEU A 521 -50.51 -36.18 -6.80
CA LEU A 521 -51.53 -37.20 -7.05
C LEU A 521 -51.91 -37.94 -5.76
N GLU A 522 -50.90 -38.31 -4.97
CA GLU A 522 -51.19 -38.98 -3.70
C GLU A 522 -51.79 -38.04 -2.66
N MET A 523 -51.50 -36.75 -2.76
CA MET A 523 -52.20 -35.77 -1.93
C MET A 523 -53.68 -35.73 -2.28
N SER A 524 -53.99 -35.76 -3.57
CA SER A 524 -55.38 -35.82 -4.00
C SER A 524 -56.04 -37.12 -3.52
N LEU A 525 -55.31 -38.23 -3.60
CA LEU A 525 -55.83 -39.50 -3.09
C LEU A 525 -56.02 -39.45 -1.58
N LYS A 526 -55.07 -38.85 -0.86
CA LYS A 526 -55.13 -38.77 0.59
C LYS A 526 -55.65 -37.41 1.05
N PHE A 540 -46.88 -36.57 10.67
CA PHE A 540 -46.66 -35.23 10.17
C PHE A 540 -47.48 -34.98 8.90
N ASN A 541 -48.80 -35.12 9.02
CA ASN A 541 -49.67 -34.89 7.87
C ASN A 541 -49.66 -33.42 7.45
N CYS A 542 -49.66 -32.50 8.42
CA CYS A 542 -49.60 -31.08 8.09
C CYS A 542 -48.24 -30.69 7.54
N PHE A 543 -47.16 -31.24 8.11
CA PHE A 543 -45.82 -30.95 7.61
C PHE A 543 -45.66 -31.47 6.18
N ASP A 544 -46.19 -32.66 5.90
CA ASP A 544 -46.14 -33.19 4.54
C ASP A 544 -47.13 -32.48 3.61
N PHE A 545 -48.03 -31.66 4.16
CA PHE A 545 -48.99 -30.95 3.33
C PHE A 545 -48.36 -29.71 2.70
N GLY A 546 -47.84 -28.81 3.52
CA GLY A 546 -47.23 -27.60 2.99
C GLY A 546 -45.98 -27.86 2.19
N VAL A 547 -45.17 -28.83 2.64
CA VAL A 547 -43.91 -29.13 1.95
C VAL A 547 -44.18 -29.65 0.54
N THR A 548 -45.13 -30.59 0.41
CA THR A 548 -45.48 -31.11 -0.90
C THR A 548 -46.11 -30.03 -1.77
N VAL A 549 -47.00 -29.22 -1.20
CA VAL A 549 -47.64 -28.14 -1.95
C VAL A 549 -46.62 -27.07 -2.29
N GLY A 550 -45.69 -26.80 -1.37
CA GLY A 550 -44.71 -25.74 -1.60
C GLY A 550 -43.80 -26.01 -2.78
N SER A 551 -43.52 -27.28 -3.07
CA SER A 551 -42.66 -27.61 -4.20
C SER A 551 -43.29 -27.16 -5.51
N ILE A 552 -44.62 -27.32 -5.65
CA ILE A 552 -45.30 -26.90 -6.87
C ILE A 552 -45.20 -25.38 -7.03
N PHE A 553 -45.41 -24.64 -5.95
CA PHE A 553 -45.25 -23.18 -6.02
C PHE A 553 -43.81 -22.79 -6.29
N GLU A 554 -42.85 -23.48 -5.66
CA GLU A 554 -41.45 -23.17 -5.87
C GLU A 554 -41.02 -23.43 -7.30
N VAL A 555 -41.48 -24.55 -7.88
CA VAL A 555 -41.14 -24.88 -9.26
C VAL A 555 -41.78 -23.89 -10.22
N VAL A 556 -43.04 -23.51 -9.97
CA VAL A 556 -43.74 -22.60 -10.86
C VAL A 556 -43.14 -21.20 -10.78
N TRP A 557 -42.89 -20.72 -9.56
CA TRP A 557 -42.37 -19.37 -9.38
C TRP A 557 -40.97 -19.22 -10.00
N ALA A 558 -40.12 -20.22 -9.83
CA ALA A 558 -38.77 -20.15 -10.39
C ALA A 558 -38.75 -20.36 -11.89
N ILE A 559 -39.80 -20.96 -12.46
CA ILE A 559 -39.83 -21.23 -13.89
C ILE A 559 -39.85 -19.92 -14.68
N PHE A 560 -40.61 -18.93 -14.21
CA PHE A 560 -40.73 -17.64 -14.87
C PHE A 560 -39.55 -16.72 -14.58
N ARG A 561 -38.55 -17.17 -13.84
CA ARG A 561 -37.39 -16.35 -13.51
C ARG A 561 -36.17 -17.26 -13.40
N PRO A 562 -35.56 -17.61 -14.53
CA PRO A 562 -34.37 -18.48 -14.49
C PRO A 562 -33.22 -17.80 -13.76
N GLY A 563 -32.76 -18.46 -12.69
CA GLY A 563 -31.72 -17.90 -11.87
C GLY A 563 -31.53 -18.66 -10.57
N THR A 564 -31.52 -17.94 -9.45
CA THR A 564 -31.35 -18.57 -8.14
C THR A 564 -32.54 -19.48 -7.84
N SER A 565 -32.27 -20.54 -7.07
CA SER A 565 -33.28 -21.50 -6.67
C SER A 565 -33.07 -21.82 -5.20
N PHE A 566 -33.94 -21.26 -4.34
CA PHE A 566 -33.80 -21.45 -2.90
C PHE A 566 -33.95 -22.93 -2.53
N GLY A 567 -34.96 -23.59 -3.07
CA GLY A 567 -35.18 -24.99 -2.77
C GLY A 567 -36.06 -25.20 -1.55
N ILE A 568 -37.17 -25.92 -1.72
CA ILE A 568 -38.07 -26.21 -0.62
C ILE A 568 -38.45 -27.69 -0.67
N SER A 569 -38.04 -28.37 -1.74
CA SER A 569 -38.44 -29.77 -1.92
C SER A 569 -37.83 -30.67 -0.86
N VAL A 570 -36.64 -30.34 -0.37
CA VAL A 570 -36.00 -31.18 0.64
C VAL A 570 -36.73 -31.14 1.97
N LEU A 571 -37.57 -30.12 2.18
CA LEU A 571 -38.35 -30.07 3.42
C LEU A 571 -39.35 -31.21 3.52
N ARG A 572 -39.60 -31.93 2.42
CA ARG A 572 -40.42 -33.13 2.44
C ARG A 572 -39.74 -34.28 3.18
N ALA A 573 -38.44 -34.15 3.49
CA ALA A 573 -37.68 -35.21 4.12
C ALA A 573 -37.98 -35.36 5.61
N LEU A 574 -38.82 -34.48 6.18
CA LEU A 574 -39.19 -34.61 7.58
C LEU A 574 -39.95 -35.90 7.86
N ARG A 575 -40.47 -36.55 6.83
CA ARG A 575 -41.14 -37.84 7.00
C ARG A 575 -40.18 -38.97 7.34
N LEU A 576 -38.88 -38.72 7.32
CA LEU A 576 -37.93 -39.70 7.83
C LEU A 576 -38.12 -39.94 9.32
N LEU A 577 -38.79 -39.03 10.03
CA LEU A 577 -39.12 -39.25 11.43
C LEU A 577 -40.25 -40.26 11.60
N ARG A 578 -41.22 -40.26 10.68
CA ARG A 578 -42.33 -41.21 10.74
C ARG A 578 -41.98 -42.53 10.07
N ILE A 579 -40.84 -43.09 10.45
CA ILE A 579 -40.41 -44.38 9.94
C ILE A 579 -40.03 -45.27 11.12
N PHE A 580 -40.15 -44.72 12.34
CA PHE A 580 -39.66 -45.43 13.52
C PHE A 580 -40.54 -46.62 13.87
N LYS A 581 -41.84 -46.56 13.53
CA LYS A 581 -42.75 -47.64 13.90
C LYS A 581 -42.28 -48.98 13.33
N ILE A 582 -41.64 -48.93 12.16
CA ILE A 582 -41.13 -50.16 11.55
C ILE A 582 -39.94 -50.71 12.33
N THR A 583 -39.04 -49.82 12.75
CA THR A 583 -37.83 -50.22 13.47
C THR A 583 -37.99 -50.05 14.99
N LYS A 584 -39.23 -49.95 15.48
CA LYS A 584 -39.54 -49.77 16.89
C LYS A 584 -39.00 -48.43 17.40
N TYR A 585 -39.11 -48.19 18.70
CA TYR A 585 -38.81 -46.89 19.31
C TYR A 585 -39.69 -45.78 18.74
N TRP A 586 -40.84 -46.14 18.18
CA TRP A 586 -41.76 -45.14 17.65
C TRP A 586 -42.27 -44.23 18.75
N ALA A 587 -42.63 -44.82 19.89
CA ALA A 587 -43.10 -44.01 21.03
C ALA A 587 -41.99 -43.10 21.53
N SER A 588 -40.74 -43.57 21.50
CA SER A 588 -39.63 -42.73 21.91
C SER A 588 -39.52 -41.49 21.03
N LEU A 589 -39.64 -41.68 19.72
CA LEU A 589 -39.61 -40.53 18.81
C LEU A 589 -40.81 -39.64 19.01
N ARG A 590 -41.98 -40.22 19.34
CA ARG A 590 -43.15 -39.40 19.62
C ARG A 590 -42.92 -38.52 20.83
N ASN A 591 -42.35 -39.08 21.90
CA ASN A 591 -42.04 -38.29 23.08
C ASN A 591 -41.03 -37.19 22.76
N LEU A 592 -39.99 -37.55 21.99
CA LEU A 592 -38.99 -36.57 21.62
C LEU A 592 -39.59 -35.41 20.83
N VAL A 593 -40.39 -35.72 19.82
CA VAL A 593 -40.95 -34.69 18.94
C VAL A 593 -41.99 -33.86 19.69
N VAL A 594 -42.75 -34.50 20.58
CA VAL A 594 -43.72 -33.78 21.40
C VAL A 594 -43.01 -32.77 22.29
N SER A 595 -41.94 -33.21 22.95
CA SER A 595 -41.15 -32.28 23.76
C SER A 595 -40.58 -31.16 22.89
N LEU A 596 -40.15 -31.49 21.68
CA LEU A 596 -39.54 -30.49 20.80
C LEU A 596 -40.53 -29.40 20.41
N MET A 597 -41.73 -29.80 19.95
CA MET A 597 -42.68 -28.76 19.53
C MET A 597 -43.21 -28.00 20.73
N SER A 598 -43.38 -28.69 21.86
CA SER A 598 -43.85 -28.01 23.06
C SER A 598 -42.85 -26.96 23.51
N SER A 599 -41.56 -27.31 23.46
CA SER A 599 -40.52 -26.39 23.89
C SER A 599 -40.35 -25.25 22.90
N MET A 600 -40.46 -25.56 21.61
CA MET A 600 -40.27 -24.54 20.60
C MET A 600 -41.24 -23.39 20.79
N LYS A 601 -42.52 -23.72 20.98
CA LYS A 601 -43.53 -22.68 21.15
C LYS A 601 -43.33 -21.92 22.45
N SER A 602 -42.97 -22.63 23.51
CA SER A 602 -42.83 -22.00 24.82
C SER A 602 -41.87 -20.82 24.78
N ILE A 603 -41.24 -20.56 23.64
CA ILE A 603 -40.27 -19.48 23.55
C ILE A 603 -40.65 -18.43 22.51
N ILE A 604 -41.82 -18.53 21.87
CA ILE A 604 -42.17 -17.61 20.80
C ILE A 604 -42.25 -16.19 21.33
N SER A 605 -42.80 -16.02 22.54
CA SER A 605 -42.90 -14.69 23.13
C SER A 605 -41.54 -14.20 23.62
N LEU A 606 -40.74 -15.11 24.20
CA LEU A 606 -39.41 -14.73 24.66
C LEU A 606 -38.49 -14.45 23.49
N LEU A 607 -38.65 -15.18 22.38
CA LEU A 607 -37.85 -14.90 21.19
C LEU A 607 -38.15 -13.51 20.64
N PHE A 608 -39.43 -13.12 20.62
CA PHE A 608 -39.78 -11.78 20.17
C PHE A 608 -39.22 -10.73 21.11
N LEU A 609 -39.31 -10.99 22.42
CA LEU A 609 -38.71 -10.08 23.39
C LEU A 609 -37.20 -10.03 23.23
N LEU A 610 -36.60 -11.15 22.84
CA LEU A 610 -35.17 -11.18 22.55
C LEU A 610 -34.85 -10.30 21.34
N PHE A 611 -35.69 -10.36 20.31
CA PHE A 611 -35.43 -9.62 19.07
C PHE A 611 -35.59 -8.11 19.27
N LEU A 612 -36.49 -7.70 20.18
CA LEU A 612 -36.66 -6.28 20.46
C LEU A 612 -35.40 -5.68 21.07
N PHE A 613 -34.76 -6.40 21.99
CA PHE A 613 -33.51 -5.92 22.55
C PHE A 613 -32.40 -5.87 21.50
N ILE A 614 -32.39 -6.85 20.59
CA ILE A 614 -31.43 -6.83 19.49
C ILE A 614 -31.64 -5.58 18.64
N VAL A 615 -32.90 -5.24 18.35
CA VAL A 615 -33.20 -4.05 17.56
C VAL A 615 -32.74 -2.80 18.29
N VAL A 616 -33.01 -2.73 19.60
CA VAL A 616 -32.61 -1.55 20.37
C VAL A 616 -31.09 -1.39 20.38
N PHE A 617 -30.38 -2.50 20.57
CA PHE A 617 -28.92 -2.43 20.61
C PHE A 617 -28.34 -2.10 19.24
N ALA A 618 -28.95 -2.62 18.17
CA ALA A 618 -28.51 -2.25 16.82
C ALA A 618 -28.71 -0.78 16.55
N LEU A 619 -29.86 -0.23 16.99
CA LEU A 619 -30.11 1.20 16.81
C LEU A 619 -29.12 2.02 17.62
N LEU A 620 -28.80 1.58 18.84
CA LEU A 620 -27.81 2.31 19.65
C LEU A 620 -26.44 2.27 18.98
N GLY A 621 -26.05 1.12 18.44
CA GLY A 621 -24.79 1.04 17.73
C GLY A 621 -24.75 1.92 16.51
N MET A 622 -25.86 1.99 15.77
CA MET A 622 -25.94 2.90 14.64
C MET A 622 -25.79 4.35 15.08
N GLN A 623 -26.44 4.71 16.19
CA GLN A 623 -26.31 6.07 16.71
C GLN A 623 -24.92 6.35 17.25
N LEU A 624 -24.16 5.32 17.59
CA LEU A 624 -22.85 5.48 18.22
C LEU A 624 -21.70 5.31 17.23
N PHE A 625 -21.73 4.26 16.41
CA PHE A 625 -20.67 3.96 15.46
C PHE A 625 -21.11 4.08 14.02
N GLY A 626 -22.29 4.64 13.76
CA GLY A 626 -22.77 4.75 12.39
C GLY A 626 -21.95 5.76 11.61
N GLY A 627 -21.46 5.35 10.45
CA GLY A 627 -20.66 6.21 9.62
C GLY A 627 -19.34 6.62 10.22
N ARG A 628 -18.70 5.72 10.96
CA ARG A 628 -17.40 6.00 11.56
C ARG A 628 -16.37 4.90 11.27
N PHE A 629 -16.76 3.82 10.61
CA PHE A 629 -15.87 2.72 10.31
C PHE A 629 -15.17 2.88 8.97
N ASN A 630 -15.34 4.03 8.31
CA ASN A 630 -14.68 4.29 7.03
C ASN A 630 -13.23 4.62 7.30
N PHE A 631 -12.40 3.58 7.40
CA PHE A 631 -10.98 3.74 7.63
C PHE A 631 -10.24 3.82 6.30
N ASN A 632 -8.96 4.19 6.38
CA ASN A 632 -8.15 4.35 5.17
C ASN A 632 -7.90 3.02 4.47
N ASP A 633 -8.05 1.90 5.16
CA ASP A 633 -7.85 0.59 4.56
C ASP A 633 -9.13 -0.02 4.02
N GLY A 634 -10.26 0.65 4.19
CA GLY A 634 -11.55 0.14 3.78
C GLY A 634 -12.44 -0.14 4.97
N THR A 635 -13.74 0.06 4.78
CA THR A 635 -14.70 -0.19 5.84
C THR A 635 -14.85 -1.70 6.08
N PRO A 636 -14.90 -2.13 7.33
CA PRO A 636 -15.03 -3.56 7.61
C PRO A 636 -16.42 -4.07 7.28
N SER A 637 -16.51 -5.40 7.18
CA SER A 637 -17.79 -6.03 6.87
C SER A 637 -18.78 -5.90 8.04
N ALA A 638 -18.27 -5.90 9.26
CA ALA A 638 -19.11 -5.76 10.46
C ALA A 638 -19.09 -4.29 10.86
N ASN A 639 -19.99 -3.51 10.26
CA ASN A 639 -20.12 -2.09 10.55
C ASN A 639 -21.56 -1.80 10.98
N PHE A 640 -21.81 -0.53 11.29
CA PHE A 640 -23.12 -0.07 11.74
C PHE A 640 -23.70 0.98 10.81
N ASP A 641 -23.25 1.04 9.56
CA ASP A 641 -23.69 2.09 8.65
C ASP A 641 -25.18 1.94 8.30
N THR A 642 -25.64 0.71 8.09
CA THR A 642 -27.00 0.46 7.67
C THR A 642 -27.64 -0.51 8.67
N PHE A 643 -28.98 -0.50 8.72
CA PHE A 643 -29.68 -1.33 9.70
C PHE A 643 -29.41 -2.81 9.52
N PRO A 644 -29.45 -3.40 8.32
CA PRO A 644 -29.05 -4.82 8.21
C PRO A 644 -27.63 -5.08 8.68
N ALA A 645 -26.70 -4.17 8.40
CA ALA A 645 -25.33 -4.36 8.85
C ALA A 645 -25.24 -4.31 10.38
N ALA A 646 -25.95 -3.38 11.00
CA ALA A 646 -25.93 -3.28 12.45
C ALA A 646 -26.59 -4.51 13.09
N ILE A 647 -27.68 -5.00 12.50
CA ILE A 647 -28.32 -6.22 12.99
C ILE A 647 -27.36 -7.38 12.90
N MET A 648 -26.66 -7.51 11.77
CA MET A 648 -25.72 -8.60 11.59
C MET A 648 -24.58 -8.52 12.60
N THR A 649 -24.06 -7.32 12.84
CA THR A 649 -22.98 -7.17 13.80
C THR A 649 -23.43 -7.49 15.22
N VAL A 650 -24.62 -7.02 15.60
CA VAL A 650 -25.12 -7.30 16.95
C VAL A 650 -25.35 -8.80 17.13
N PHE A 651 -25.90 -9.46 16.11
CA PHE A 651 -26.09 -10.90 16.18
C PHE A 651 -24.75 -11.62 16.30
N GLN A 652 -23.75 -11.18 15.55
CA GLN A 652 -22.43 -11.81 15.63
C GLN A 652 -21.83 -11.66 17.01
N ILE A 653 -21.95 -10.47 17.60
CA ILE A 653 -21.40 -10.27 18.95
C ILE A 653 -22.17 -11.09 19.97
N LEU A 654 -23.49 -11.25 19.78
CA LEU A 654 -24.26 -12.09 20.68
C LEU A 654 -23.82 -13.54 20.59
N THR A 655 -23.55 -14.03 19.39
CA THR A 655 -22.98 -15.37 19.27
C THR A 655 -21.58 -15.46 19.86
N GLY A 656 -20.95 -14.32 20.14
CA GLY A 656 -19.70 -14.29 20.87
C GLY A 656 -18.47 -14.54 20.06
N GLU A 657 -18.56 -14.51 18.73
CA GLU A 657 -17.42 -14.82 17.87
C GLU A 657 -16.82 -13.54 17.32
N ASP A 658 -15.52 -13.34 17.57
CA ASP A 658 -14.78 -12.20 17.06
C ASP A 658 -15.36 -10.87 17.52
N TRP A 659 -15.98 -10.85 18.71
CA TRP A 659 -16.48 -9.59 19.24
C TRP A 659 -15.35 -8.65 19.63
N ASN A 660 -14.17 -9.19 19.94
CA ASN A 660 -13.03 -8.35 20.26
C ASN A 660 -12.61 -7.52 19.06
N GLU A 661 -12.70 -8.07 17.85
CA GLU A 661 -12.34 -7.32 16.66
C GLU A 661 -13.29 -6.14 16.45
N VAL A 662 -14.59 -6.35 16.63
CA VAL A 662 -15.55 -5.26 16.50
C VAL A 662 -15.32 -4.22 17.60
N MET A 663 -14.97 -4.67 18.80
CA MET A 663 -14.69 -3.72 19.87
C MET A 663 -13.44 -2.90 19.56
N TYR A 664 -12.41 -3.52 18.99
CA TYR A 664 -11.24 -2.78 18.54
C TYR A 664 -11.61 -1.75 17.49
N ASN A 665 -12.47 -2.14 16.54
CA ASN A 665 -12.89 -1.19 15.51
C ASN A 665 -13.67 -0.03 16.11
N GLY A 666 -14.54 -0.30 17.07
CA GLY A 666 -15.27 0.79 17.71
C GLY A 666 -14.37 1.72 18.49
N ILE A 667 -13.41 1.16 19.24
CA ILE A 667 -12.45 1.98 19.97
C ILE A 667 -11.62 2.82 19.02
N ARG A 668 -11.18 2.22 17.91
CA ARG A 668 -10.43 2.96 16.90
C ARG A 668 -11.26 4.10 16.30
N SER A 669 -12.53 3.82 16.01
CA SER A 669 -13.38 4.83 15.39
C SER A 669 -13.65 5.99 16.34
N GLN A 670 -13.82 5.69 17.63
CA GLN A 670 -14.15 6.73 18.60
C GLN A 670 -12.94 7.56 19.02
N GLY A 671 -11.78 7.34 18.43
CA GLY A 671 -10.62 8.18 18.73
C GLY A 671 -9.33 7.43 18.94
N GLY A 672 -9.42 6.14 19.24
CA GLY A 672 -8.26 5.35 19.54
C GLY A 672 -8.11 5.09 21.03
N VAL A 673 -6.93 4.56 21.39
CA VAL A 673 -6.67 4.26 22.79
C VAL A 673 -6.61 5.52 23.62
N SER A 674 -6.21 6.64 23.01
CA SER A 674 -6.07 7.89 23.78
C SER A 674 -7.41 8.38 24.30
N SER A 675 -8.46 8.33 23.49
CA SER A 675 -9.73 8.91 23.88
C SER A 675 -10.96 8.06 23.54
N GLY A 676 -10.80 6.90 22.91
CA GLY A 676 -11.93 6.10 22.49
C GLY A 676 -12.22 4.87 23.32
N MET A 677 -11.61 4.71 24.48
CA MET A 677 -11.81 3.52 25.29
C MET A 677 -13.15 3.49 26.01
N TRP A 678 -13.91 4.58 25.97
CA TRP A 678 -15.23 4.58 26.58
C TRP A 678 -16.25 3.79 25.78
N SER A 679 -15.93 3.42 24.54
CA SER A 679 -16.84 2.66 23.69
C SER A 679 -16.72 1.16 23.88
N ALA A 680 -15.82 0.70 24.75
CA ALA A 680 -15.78 -0.71 25.09
C ALA A 680 -16.93 -1.11 26.01
N ILE A 681 -17.57 -0.13 26.66
CA ILE A 681 -18.69 -0.42 27.54
C ILE A 681 -19.86 -0.99 26.75
N TYR A 682 -20.07 -0.47 25.53
CA TYR A 682 -21.16 -0.97 24.70
C TYR A 682 -20.98 -2.45 24.40
N PHE A 683 -19.76 -2.86 24.06
CA PHE A 683 -19.51 -4.26 23.71
C PHE A 683 -19.45 -5.15 24.94
N ILE A 684 -19.01 -4.62 26.09
CA ILE A 684 -19.02 -5.42 27.31
C ILE A 684 -20.45 -5.68 27.78
N VAL A 685 -21.29 -4.65 27.76
CA VAL A 685 -22.68 -4.81 28.15
C VAL A 685 -23.40 -5.76 27.20
N LEU A 686 -23.16 -5.60 25.89
CA LEU A 686 -23.80 -6.47 24.91
C LEU A 686 -23.35 -7.92 25.06
N THR A 687 -22.05 -8.13 25.32
CA THR A 687 -21.56 -9.49 25.52
C THR A 687 -22.17 -10.12 26.75
N LEU A 688 -22.33 -9.35 27.82
CA LEU A 688 -22.95 -9.86 29.04
C LEU A 688 -24.40 -10.28 28.81
N PHE A 689 -25.10 -9.63 27.89
CA PHE A 689 -26.46 -10.02 27.56
C PHE A 689 -26.52 -11.23 26.65
N GLY A 690 -25.45 -11.50 25.90
CA GLY A 690 -25.43 -12.72 25.09
C GLY A 690 -25.45 -13.97 25.93
N ASN A 691 -24.75 -13.95 27.07
CA ASN A 691 -24.81 -15.07 28.00
C ASN A 691 -26.12 -15.07 28.78
N TYR A 692 -26.63 -13.89 29.14
CA TYR A 692 -27.94 -13.80 29.75
C TYR A 692 -29.05 -14.15 28.76
N THR A 693 -28.75 -14.15 27.46
CA THR A 693 -29.72 -14.59 26.46
C THR A 693 -29.89 -16.10 26.50
N LEU A 694 -28.79 -16.85 26.31
CA LEU A 694 -28.89 -18.29 26.28
C LEU A 694 -29.28 -18.85 27.65
N LEU A 695 -28.91 -18.18 28.73
CA LEU A 695 -29.22 -18.69 30.07
C LEU A 695 -30.74 -18.75 30.29
N ASN A 696 -31.44 -17.66 29.99
CA ASN A 696 -32.89 -17.65 30.20
C ASN A 696 -33.62 -18.51 29.19
N VAL A 697 -33.14 -18.56 27.95
CA VAL A 697 -33.75 -19.45 26.96
C VAL A 697 -33.58 -20.91 27.37
N PHE A 698 -32.39 -21.26 27.86
CA PHE A 698 -32.17 -22.61 28.37
C PHE A 698 -33.06 -22.90 29.57
N LEU A 699 -33.22 -21.92 30.46
CA LEU A 699 -34.09 -22.09 31.62
C LEU A 699 -35.53 -22.31 31.20
N ALA A 700 -35.99 -21.58 30.17
CA ALA A 700 -37.36 -21.73 29.71
C ALA A 700 -37.60 -23.08 29.06
N ILE A 701 -36.57 -23.66 28.42
CA ILE A 701 -36.71 -24.98 27.84
C ILE A 701 -36.91 -26.03 28.92
N ALA A 702 -36.10 -25.98 29.97
CA ALA A 702 -36.15 -27.00 31.02
C ALA A 702 -37.48 -26.97 31.76
N VAL A 703 -38.01 -25.77 32.02
CA VAL A 703 -39.29 -25.66 32.72
C VAL A 703 -40.39 -26.34 31.93
N ASP A 704 -40.43 -26.11 30.62
CA ASP A 704 -41.41 -26.76 29.78
C ASP A 704 -41.15 -28.26 29.68
N ASN A 705 -39.88 -28.67 29.68
CA ASN A 705 -39.55 -30.06 29.41
C ASN A 705 -40.03 -31.00 30.50
N LEU A 706 -40.17 -30.50 31.74
CA LEU A 706 -40.74 -31.34 32.79
C LEU A 706 -42.21 -31.64 32.51
N ALA A 707 -42.93 -30.65 31.94
CA ALA A 707 -44.34 -30.86 31.63
C ALA A 707 -44.53 -31.93 30.57
N ASN A 708 -43.54 -32.11 29.69
CA ASN A 708 -43.59 -33.14 28.66
C ASN A 708 -42.95 -34.45 29.10
N ALA A 709 -42.50 -34.54 30.35
CA ALA A 709 -41.96 -35.79 30.87
C ALA A 709 -43.03 -36.79 31.25
N GLN A 710 -44.28 -36.38 31.32
CA GLN A 710 -45.38 -37.28 31.67
C GLN A 710 -46.27 -37.55 30.46
N PHE A 1155 -0.58 -59.38 41.60
CA PHE A 1155 0.46 -58.76 40.79
C PHE A 1155 -0.13 -57.67 39.90
N GLU A 1156 -1.28 -57.14 40.31
CA GLU A 1156 -1.94 -56.12 39.50
C GLU A 1156 -1.17 -54.80 39.50
N MET A 1157 -0.51 -54.48 40.61
CA MET A 1157 0.20 -53.20 40.69
C MET A 1157 1.32 -53.10 39.67
N CYS A 1158 2.10 -54.18 39.51
CA CYS A 1158 3.23 -54.12 38.59
C CYS A 1158 2.78 -54.04 37.13
N ILE A 1159 1.74 -54.80 36.77
CA ILE A 1159 1.26 -54.77 35.39
C ILE A 1159 0.53 -53.47 35.10
N LEU A 1160 -0.06 -52.85 36.13
CA LEU A 1160 -0.65 -51.52 35.93
C LEU A 1160 0.43 -50.46 35.77
N LEU A 1161 1.51 -50.58 36.54
CA LEU A 1161 2.59 -49.59 36.46
C LEU A 1161 3.34 -49.68 35.14
N VAL A 1162 3.50 -50.89 34.59
CA VAL A 1162 4.17 -51.05 33.32
C VAL A 1162 3.37 -50.38 32.20
N ILE A 1163 2.06 -50.23 32.37
CA ILE A 1163 1.26 -49.46 31.41
C ILE A 1163 1.59 -47.97 31.52
N ALA A 1164 1.69 -47.46 32.76
CA ALA A 1164 2.00 -46.05 32.95
C ALA A 1164 3.39 -45.71 32.44
N ALA A 1165 4.36 -46.60 32.66
CA ALA A 1165 5.70 -46.37 32.14
C ALA A 1165 5.70 -46.33 30.62
N SER A 1166 4.95 -47.23 29.98
CA SER A 1166 4.86 -47.22 28.52
C SER A 1166 4.19 -45.95 28.02
N SER A 1167 3.14 -45.49 28.71
CA SER A 1167 2.49 -44.25 28.32
C SER A 1167 3.43 -43.06 28.44
N ILE A 1168 4.23 -43.02 29.52
CA ILE A 1168 5.22 -41.96 29.67
C ILE A 1168 6.26 -42.04 28.56
N ALA A 1169 6.70 -43.26 28.23
CA ALA A 1169 7.66 -43.45 27.15
C ALA A 1169 7.08 -43.09 25.79
N LEU A 1170 5.75 -43.06 25.66
CA LEU A 1170 5.14 -42.66 24.40
C LEU A 1170 5.21 -41.15 24.16
N ALA A 1171 5.41 -40.36 25.22
CA ALA A 1171 5.38 -38.91 25.10
C ALA A 1171 6.74 -38.29 24.88
N ALA A 1172 7.82 -39.00 25.19
CA ALA A 1172 9.17 -38.45 25.09
C ALA A 1172 9.85 -38.86 23.79
N GLU A 1173 9.29 -38.43 22.67
CA GLU A 1173 9.83 -38.72 21.36
C GLU A 1173 10.01 -37.44 20.57
N ASP A 1174 10.90 -37.49 19.60
CA ASP A 1174 11.05 -36.41 18.63
C ASP A 1174 10.49 -36.86 17.29
N PRO A 1175 9.35 -36.33 16.86
CA PRO A 1175 8.80 -36.72 15.55
C PRO A 1175 9.70 -36.36 14.38
N VAL A 1176 10.61 -35.39 14.55
CA VAL A 1176 11.48 -34.99 13.46
C VAL A 1176 12.70 -35.89 13.38
N LEU A 1177 13.50 -35.90 14.43
CA LEU A 1177 14.73 -36.69 14.48
C LEU A 1177 14.37 -38.15 14.70
N THR A 1178 14.12 -38.87 13.59
CA THR A 1178 13.69 -40.25 13.69
C THR A 1178 14.79 -41.15 14.25
N ASN A 1179 16.05 -40.80 14.04
CA ASN A 1179 17.19 -41.60 14.49
C ASN A 1179 18.06 -40.71 15.37
N SER A 1180 17.73 -40.66 16.66
CA SER A 1180 18.49 -39.88 17.62
C SER A 1180 18.63 -40.68 18.90
N GLU A 1181 19.44 -40.15 19.83
CA GLU A 1181 19.75 -40.89 21.04
C GLU A 1181 18.50 -41.28 21.82
N ARG A 1182 17.53 -40.36 21.90
CA ARG A 1182 16.31 -40.65 22.63
C ARG A 1182 15.56 -41.83 22.00
N ASN A 1183 15.41 -41.80 20.67
CA ASN A 1183 14.77 -42.91 19.97
C ASN A 1183 15.62 -44.17 20.08
N LYS A 1184 16.96 -44.01 20.06
CA LYS A 1184 17.85 -45.15 20.19
C LYS A 1184 17.61 -45.89 21.50
N VAL A 1185 17.51 -45.16 22.60
CA VAL A 1185 17.27 -45.80 23.89
C VAL A 1185 15.81 -46.12 24.13
N LEU A 1186 14.90 -45.62 23.29
CA LEU A 1186 13.48 -45.91 23.45
C LEU A 1186 12.99 -47.10 22.64
N ARG A 1187 13.66 -47.45 21.54
CA ARG A 1187 13.22 -48.62 20.79
C ARG A 1187 13.31 -49.88 21.65
N TYR A 1188 14.41 -50.03 22.39
CA TYR A 1188 14.58 -51.22 23.23
C TYR A 1188 13.60 -51.21 24.39
N PHE A 1189 13.28 -50.02 24.93
CA PHE A 1189 12.25 -49.93 25.95
C PHE A 1189 10.91 -50.40 25.41
N ASP A 1190 10.56 -49.97 24.20
CA ASP A 1190 9.34 -50.46 23.57
C ASP A 1190 9.39 -51.95 23.33
N TYR A 1191 10.57 -52.48 23.00
CA TYR A 1191 10.70 -53.93 22.81
C TYR A 1191 10.39 -54.69 24.09
N VAL A 1192 10.94 -54.24 25.22
CA VAL A 1192 10.68 -54.93 26.48
C VAL A 1192 9.22 -54.73 26.91
N PHE A 1193 8.63 -53.58 26.58
CA PHE A 1193 7.22 -53.38 26.88
C PHE A 1193 6.35 -54.35 26.09
N THR A 1194 6.66 -54.54 24.81
CA THR A 1194 5.94 -55.53 24.01
C THR A 1194 6.17 -56.94 24.52
N GLY A 1195 7.38 -57.21 25.02
CA GLY A 1195 7.63 -58.52 25.61
C GLY A 1195 6.79 -58.78 26.83
N VAL A 1196 6.67 -57.78 27.72
CA VAL A 1196 5.81 -57.93 28.89
C VAL A 1196 4.36 -58.10 28.47
N PHE A 1197 3.92 -57.34 27.47
CA PHE A 1197 2.54 -57.43 27.00
C PHE A 1197 2.25 -58.80 26.40
N THR A 1198 3.21 -59.36 25.65
CA THR A 1198 2.99 -60.69 25.09
C THR A 1198 3.13 -61.79 26.14
N PHE A 1199 3.87 -61.54 27.22
CA PHE A 1199 3.85 -62.48 28.34
C PHE A 1199 2.48 -62.50 28.99
N GLU A 1200 1.86 -61.32 29.18
CA GLU A 1200 0.50 -61.28 29.68
C GLU A 1200 -0.47 -61.93 28.71
N MET A 1201 -0.26 -61.73 27.41
CA MET A 1201 -0.96 -62.47 26.37
C MET A 1201 -0.89 -63.98 26.63
N VAL A 1202 0.32 -64.53 26.64
CA VAL A 1202 0.47 -65.99 26.66
C VAL A 1202 -0.05 -66.57 27.96
N ILE A 1203 0.10 -65.85 29.08
CA ILE A 1203 -0.37 -66.39 30.35
C ILE A 1203 -1.89 -66.39 30.43
N LYS A 1204 -2.57 -65.61 29.59
CA LYS A 1204 -4.03 -65.52 29.63
C LYS A 1204 -4.72 -66.45 28.65
N MET A 1205 -3.99 -67.13 27.77
CA MET A 1205 -4.60 -68.04 26.81
C MET A 1205 -4.84 -69.43 27.37
N ILE A 1206 -4.35 -69.73 28.56
CA ILE A 1206 -4.64 -71.01 29.21
C ILE A 1206 -5.74 -70.90 30.25
N ASP A 1207 -5.78 -69.82 31.03
CA ASP A 1207 -6.81 -69.67 32.06
C ASP A 1207 -8.18 -69.47 31.43
N GLN A 1208 -8.27 -68.66 30.38
CA GLN A 1208 -9.55 -68.38 29.73
C GLN A 1208 -9.85 -69.30 28.56
N GLY A 1209 -8.84 -69.98 28.01
CA GLY A 1209 -9.07 -70.89 26.91
C GLY A 1209 -9.64 -70.20 25.68
N LEU A 1210 -9.03 -69.07 25.31
CA LEU A 1210 -9.48 -68.26 24.19
C LEU A 1210 -10.90 -67.76 24.40
N ILE A 1211 -11.87 -68.37 23.71
CA ILE A 1211 -13.26 -67.96 23.76
C ILE A 1211 -14.09 -69.10 24.32
N LEU A 1212 -14.88 -68.81 25.35
CA LEU A 1212 -15.74 -69.81 25.98
C LEU A 1212 -16.81 -69.14 26.84
N LEU A 1221 -16.72 -55.81 24.78
CA LEU A 1221 -15.52 -56.28 25.46
C LEU A 1221 -14.27 -55.58 24.93
N TRP A 1222 -13.31 -55.31 25.81
CA TRP A 1222 -12.07 -54.65 25.43
C TRP A 1222 -10.87 -55.60 25.37
N ASN A 1223 -11.06 -56.86 25.73
CA ASN A 1223 -9.99 -57.84 25.55
C ASN A 1223 -9.65 -57.99 24.07
N ILE A 1224 -10.63 -57.83 23.19
CA ILE A 1224 -10.35 -57.83 21.76
C ILE A 1224 -9.47 -56.64 21.40
N LEU A 1225 -9.69 -55.49 22.04
CA LEU A 1225 -8.83 -54.34 21.82
C LEU A 1225 -7.41 -54.61 22.28
N ASP A 1226 -7.25 -55.25 23.45
CA ASP A 1226 -5.92 -55.62 23.90
C ASP A 1226 -5.25 -56.58 22.92
N PHE A 1227 -6.01 -57.56 22.42
CA PHE A 1227 -5.47 -58.52 21.48
C PHE A 1227 -5.02 -57.84 20.20
N VAL A 1228 -5.83 -56.92 19.68
CA VAL A 1228 -5.46 -56.24 18.44
C VAL A 1228 -4.25 -55.35 18.66
N VAL A 1229 -4.14 -54.73 19.83
CA VAL A 1229 -2.95 -53.92 20.12
C VAL A 1229 -1.71 -54.79 20.12
N VAL A 1230 -1.77 -55.95 20.78
CA VAL A 1230 -0.60 -56.79 20.89
C VAL A 1230 -0.23 -57.39 19.53
N VAL A 1231 -1.22 -57.76 18.72
CA VAL A 1231 -0.89 -58.32 17.42
C VAL A 1231 -0.36 -57.24 16.49
N GLY A 1232 -0.84 -56.00 16.61
CA GLY A 1232 -0.27 -54.91 15.84
C GLY A 1232 1.17 -54.64 16.22
N ALA A 1233 1.48 -54.70 17.52
CA ALA A 1233 2.87 -54.55 17.95
C ALA A 1233 3.73 -55.67 17.39
N LEU A 1234 3.23 -56.90 17.44
CA LEU A 1234 3.99 -58.04 16.91
C LEU A 1234 4.22 -57.90 15.42
N VAL A 1235 3.20 -57.44 14.68
CA VAL A 1235 3.35 -57.24 13.24
C VAL A 1235 4.36 -56.15 12.94
N ALA A 1236 4.30 -55.05 13.68
CA ALA A 1236 5.27 -53.96 13.49
C ALA A 1236 6.69 -54.46 13.72
N PHE A 1237 6.89 -55.25 14.79
CA PHE A 1237 8.21 -55.83 15.02
C PHE A 1237 8.59 -56.80 13.90
N ALA A 1238 7.61 -57.55 13.38
CA ALA A 1238 7.89 -58.59 12.40
C ALA A 1238 8.40 -58.00 11.08
N LEU A 1239 7.69 -57.02 10.53
CA LEU A 1239 8.19 -56.37 9.31
C LEU A 1239 9.11 -55.19 9.58
N ALA A 1240 9.44 -54.91 10.84
CA ALA A 1240 10.49 -53.94 11.10
C ALA A 1240 11.85 -54.46 10.67
N ASN A 1241 12.13 -55.72 10.94
CA ASN A 1241 13.41 -56.33 10.60
C ASN A 1241 13.22 -57.50 9.63
N ARG A 1249 8.14 -48.49 1.94
CA ARG A 1249 8.40 -49.77 2.60
C ARG A 1249 8.39 -49.62 4.11
N ASP A 1250 9.49 -49.12 4.67
CA ASP A 1250 9.62 -48.89 6.10
C ASP A 1250 9.68 -47.40 6.43
N ILE A 1251 9.26 -46.55 5.49
CA ILE A 1251 9.25 -45.11 5.71
C ILE A 1251 7.84 -44.55 5.88
N LYS A 1252 6.85 -45.11 5.20
CA LYS A 1252 5.46 -44.68 5.36
C LYS A 1252 4.51 -45.82 5.69
N THR A 1253 4.74 -47.02 5.13
CA THR A 1253 3.84 -48.13 5.40
C THR A 1253 3.91 -48.58 6.85
N ILE A 1254 5.12 -48.63 7.42
CA ILE A 1254 5.29 -49.13 8.77
C ILE A 1254 4.85 -48.14 9.83
N LYS A 1255 4.78 -46.84 9.49
CA LYS A 1255 4.41 -45.83 10.48
C LYS A 1255 2.96 -45.99 10.92
N SER A 1256 2.08 -46.37 9.99
CA SER A 1256 0.67 -46.53 10.34
C SER A 1256 0.47 -47.61 11.39
N LEU A 1257 1.30 -48.66 11.37
CA LEU A 1257 1.21 -49.69 12.40
C LEU A 1257 1.65 -49.17 13.77
N ARG A 1258 2.62 -48.25 13.79
CA ARG A 1258 3.12 -47.73 15.05
C ARG A 1258 2.11 -46.83 15.76
N VAL A 1259 1.08 -46.37 15.05
CA VAL A 1259 0.03 -45.57 15.69
C VAL A 1259 -0.84 -46.41 16.61
N LEU A 1260 -0.86 -47.73 16.43
CA LEU A 1260 -1.71 -48.59 17.24
C LEU A 1260 -1.28 -48.64 18.70
N ARG A 1261 -0.04 -48.26 19.01
CA ARG A 1261 0.43 -48.35 20.39
C ARG A 1261 -0.08 -47.21 21.26
N VAL A 1262 -0.72 -46.19 20.69
CA VAL A 1262 -1.30 -45.12 21.49
C VAL A 1262 -2.52 -45.57 22.27
N LEU A 1263 -2.97 -46.82 22.09
CA LEU A 1263 -4.07 -47.37 22.84
C LEU A 1263 -3.66 -47.94 24.17
N ARG A 1264 -2.37 -47.86 24.51
CA ARG A 1264 -1.91 -48.35 25.82
C ARG A 1264 -2.59 -47.67 26.99
N PRO A 1265 -2.80 -46.35 27.02
CA PRO A 1265 -3.57 -45.76 28.13
C PRO A 1265 -5.02 -46.24 28.19
N LEU A 1266 -5.59 -46.74 27.09
CA LEU A 1266 -6.98 -47.18 27.12
C LEU A 1266 -7.18 -48.39 28.01
N LYS A 1267 -6.22 -49.31 28.05
CA LYS A 1267 -6.39 -50.51 28.85
C LYS A 1267 -6.37 -50.21 30.34
N THR A 1268 -6.02 -48.98 30.74
CA THR A 1268 -6.09 -48.61 32.14
C THR A 1268 -7.53 -48.51 32.63
N ILE A 1269 -8.49 -48.34 31.72
CA ILE A 1269 -9.89 -48.21 32.12
C ILE A 1269 -10.38 -49.49 32.78
N LYS A 1270 -10.07 -50.63 32.17
CA LYS A 1270 -10.52 -51.91 32.73
C LYS A 1270 -9.88 -52.17 34.09
N ARG A 1271 -8.60 -51.83 34.24
CA ARG A 1271 -7.89 -52.10 35.48
C ARG A 1271 -8.49 -51.33 36.65
N LEU A 1272 -8.84 -50.06 36.43
CA LEU A 1272 -9.38 -49.24 37.50
C LEU A 1272 -10.90 -49.37 37.53
N PRO A 1273 -11.48 -49.97 38.58
CA PRO A 1273 -12.95 -49.98 38.67
C PRO A 1273 -13.55 -48.61 38.76
N LYS A 1274 -12.82 -47.64 39.34
CA LYS A 1274 -13.32 -46.28 39.48
C LYS A 1274 -13.41 -45.57 38.14
N LEU A 1275 -12.51 -45.87 37.20
CA LEU A 1275 -12.61 -45.30 35.86
C LEU A 1275 -13.63 -46.05 35.00
N LYS A 1276 -13.80 -47.34 35.26
CA LYS A 1276 -14.80 -48.12 34.54
C LYS A 1276 -16.20 -47.56 34.76
N ALA A 1277 -16.49 -47.12 35.99
CA ALA A 1277 -17.79 -46.53 36.29
C ALA A 1277 -18.02 -45.25 35.50
N VAL A 1278 -16.98 -44.40 35.38
CA VAL A 1278 -17.12 -43.17 34.63
C VAL A 1278 -17.33 -43.46 33.15
N PHE A 1279 -16.58 -44.43 32.60
CA PHE A 1279 -16.78 -44.81 31.21
C PHE A 1279 -18.18 -45.37 30.98
N ASP A 1280 -18.67 -46.18 31.92
CA ASP A 1280 -20.02 -46.73 31.82
C ASP A 1280 -21.05 -45.61 31.85
N CYS A 1281 -20.87 -44.63 32.72
CA CYS A 1281 -21.79 -43.50 32.77
C CYS A 1281 -21.77 -42.70 31.46
N VAL A 1282 -20.58 -42.50 30.89
CA VAL A 1282 -20.48 -41.77 29.63
C VAL A 1282 -21.21 -42.52 28.53
N VAL A 1283 -21.01 -43.84 28.46
CA VAL A 1283 -21.64 -44.63 27.41
C VAL A 1283 -23.16 -44.63 27.58
N THR A 1284 -23.65 -44.76 28.81
CA THR A 1284 -25.09 -44.77 29.02
C THR A 1284 -25.71 -43.40 28.78
N SER A 1285 -24.96 -42.32 29.04
CA SER A 1285 -25.43 -40.98 28.69
C SER A 1285 -25.52 -40.82 27.18
N LEU A 1286 -24.54 -41.37 26.46
CA LEU A 1286 -24.61 -41.34 25.00
C LEU A 1286 -25.81 -42.13 24.49
N LYS A 1287 -26.08 -43.29 25.10
CA LYS A 1287 -27.24 -44.08 24.71
C LYS A 1287 -28.54 -43.33 24.98
N ASN A 1288 -28.63 -42.64 26.12
CA ASN A 1288 -29.86 -41.94 26.48
C ASN A 1288 -30.16 -40.80 25.51
N VAL A 1289 -29.12 -40.08 25.07
CA VAL A 1289 -29.31 -38.90 24.23
C VAL A 1289 -29.22 -39.21 22.74
N PHE A 1290 -28.98 -40.47 22.38
CA PHE A 1290 -28.74 -40.79 20.97
C PHE A 1290 -29.96 -40.53 20.10
N ASN A 1291 -31.16 -40.60 20.67
CA ASN A 1291 -32.37 -40.39 19.89
C ASN A 1291 -32.44 -38.97 19.34
N ILE A 1292 -32.06 -37.97 20.16
CA ILE A 1292 -32.08 -36.59 19.69
C ILE A 1292 -30.99 -36.35 18.66
N LEU A 1293 -29.88 -37.10 18.74
CA LEU A 1293 -28.81 -36.95 17.76
C LEU A 1293 -29.29 -37.34 16.36
N ILE A 1294 -30.24 -38.27 16.26
CA ILE A 1294 -30.73 -38.69 14.96
C ILE A 1294 -31.49 -37.55 14.29
N VAL A 1295 -32.42 -36.91 15.01
CA VAL A 1295 -33.17 -35.81 14.44
C VAL A 1295 -32.26 -34.60 14.22
N TYR A 1296 -31.26 -34.42 15.08
CA TYR A 1296 -30.28 -33.36 14.85
C TYR A 1296 -29.53 -33.57 13.54
N LYS A 1297 -29.10 -34.81 13.29
CA LYS A 1297 -28.40 -35.12 12.05
C LYS A 1297 -29.32 -34.95 10.85
N LEU A 1298 -30.59 -35.33 10.99
CA LEU A 1298 -31.53 -35.15 9.89
C LEU A 1298 -31.71 -33.68 9.54
N PHE A 1299 -31.87 -32.83 10.56
CA PHE A 1299 -31.99 -31.39 10.31
C PHE A 1299 -30.72 -30.83 9.72
N MET A 1300 -29.56 -31.30 10.19
CA MET A 1300 -28.30 -30.86 9.62
C MET A 1300 -28.19 -31.24 8.15
N PHE A 1301 -28.63 -32.44 7.80
CA PHE A 1301 -28.63 -32.87 6.41
C PHE A 1301 -29.55 -32.01 5.57
N ILE A 1302 -30.73 -31.67 6.10
CA ILE A 1302 -31.66 -30.80 5.37
C ILE A 1302 -31.04 -29.44 5.11
N PHE A 1303 -30.42 -28.86 6.15
CA PHE A 1303 -29.81 -27.54 6.00
C PHE A 1303 -28.65 -27.58 5.03
N ALA A 1304 -27.83 -28.64 5.07
CA ALA A 1304 -26.73 -28.76 4.13
C ALA A 1304 -27.22 -28.89 2.69
N VAL A 1305 -28.28 -29.67 2.49
CA VAL A 1305 -28.85 -29.81 1.14
C VAL A 1305 -29.37 -28.47 0.64
N ILE A 1306 -30.02 -27.71 1.52
CA ILE A 1306 -30.49 -26.37 1.13
C ILE A 1306 -29.31 -25.48 0.77
N ALA A 1307 -28.23 -25.55 1.56
CA ALA A 1307 -27.08 -24.69 1.33
C ALA A 1307 -26.30 -25.08 0.08
N VAL A 1308 -26.37 -26.35 -0.32
CA VAL A 1308 -25.67 -26.78 -1.53
C VAL A 1308 -26.27 -26.11 -2.76
N GLN A 1309 -27.60 -26.11 -2.87
CA GLN A 1309 -28.24 -25.47 -4.01
C GLN A 1309 -28.13 -23.95 -3.92
N LEU A 1310 -28.13 -23.40 -2.71
CA LEU A 1310 -28.08 -21.96 -2.54
C LEU A 1310 -26.74 -21.38 -2.98
N PHE A 1311 -25.64 -22.09 -2.70
CA PHE A 1311 -24.31 -21.57 -2.99
C PHE A 1311 -23.58 -22.37 -4.05
N LYS A 1312 -23.42 -23.68 -3.87
CA LYS A 1312 -22.79 -24.54 -4.87
C LYS A 1312 -21.43 -24.00 -5.32
N GLY A 1313 -21.30 -23.72 -6.62
CA GLY A 1313 -20.03 -23.31 -7.18
C GLY A 1313 -19.77 -21.82 -7.17
N LYS A 1314 -20.54 -21.08 -6.37
CA LYS A 1314 -20.41 -19.64 -6.33
C LYS A 1314 -19.29 -19.15 -5.43
N PHE A 1315 -18.55 -20.05 -4.78
CA PHE A 1315 -17.50 -19.66 -3.85
C PHE A 1315 -16.13 -19.55 -4.50
N PHE A 1316 -16.04 -19.65 -5.81
CA PHE A 1316 -14.77 -19.48 -6.50
C PHE A 1316 -14.39 -18.01 -6.56
N TYR A 1317 -13.09 -17.75 -6.66
CA TYR A 1317 -12.60 -16.38 -6.77
C TYR A 1317 -11.22 -16.39 -7.42
N CYS A 1318 -10.81 -15.23 -7.90
CA CYS A 1318 -9.51 -15.03 -8.50
C CYS A 1318 -8.63 -14.18 -7.58
N THR A 1319 -7.32 -14.35 -7.71
CA THR A 1319 -6.39 -13.71 -6.79
C THR A 1319 -6.47 -12.19 -6.89
N ASP A 1320 -6.58 -11.65 -8.09
CA ASP A 1320 -6.78 -10.21 -8.28
C ASP A 1320 -8.25 -9.93 -8.57
N SER A 1321 -8.76 -8.86 -7.98
CA SER A 1321 -10.20 -8.59 -8.01
C SER A 1321 -10.70 -8.24 -9.40
N SER A 1322 -9.82 -7.88 -10.33
CA SER A 1322 -10.26 -7.43 -11.65
C SER A 1322 -10.95 -8.55 -12.42
N LYS A 1323 -10.40 -9.77 -12.37
CA LYS A 1323 -10.95 -10.87 -13.13
C LYS A 1323 -12.19 -11.44 -12.45
N ASP A 1324 -13.17 -11.84 -13.26
CA ASP A 1324 -14.42 -12.37 -12.76
C ASP A 1324 -14.70 -13.79 -13.24
N THR A 1325 -13.75 -14.44 -13.90
CA THR A 1325 -13.97 -15.81 -14.38
C THR A 1325 -12.62 -16.50 -14.54
N GLU A 1326 -12.69 -17.82 -14.66
CA GLU A 1326 -11.47 -18.62 -14.80
C GLU A 1326 -10.78 -18.39 -16.13
N LYS A 1327 -11.54 -18.09 -17.18
CA LYS A 1327 -10.94 -17.87 -18.49
C LYS A 1327 -10.01 -16.67 -18.48
N GLU A 1328 -10.43 -15.58 -17.84
CA GLU A 1328 -9.61 -14.37 -17.78
C GLU A 1328 -8.58 -14.39 -16.66
N CYS A 1329 -8.83 -15.15 -15.58
CA CYS A 1329 -7.92 -15.21 -14.45
C CYS A 1329 -6.74 -16.09 -14.81
N ILE A 1330 -5.85 -15.54 -15.63
CA ILE A 1330 -4.64 -16.23 -16.06
C ILE A 1330 -3.58 -15.21 -16.38
N GLY A 1331 -2.33 -15.53 -16.06
CA GLY A 1331 -1.21 -14.65 -16.32
C GLY A 1331 -0.56 -14.09 -15.08
N ASN A 1332 0.02 -12.90 -15.19
CA ASN A 1332 0.64 -12.22 -14.06
C ASN A 1332 -0.03 -10.87 -13.86
N TYR A 1333 -0.02 -10.40 -12.63
CA TYR A 1333 -0.63 -9.11 -12.29
C TYR A 1333 0.24 -8.42 -11.25
N VAL A 1334 0.09 -7.10 -11.18
CA VAL A 1334 0.84 -6.28 -10.23
C VAL A 1334 0.04 -6.20 -8.93
N ASP A 1335 0.68 -6.54 -7.82
CA ASP A 1335 0.03 -6.58 -6.52
C ASP A 1335 0.39 -5.33 -5.73
N HIS A 1336 -0.61 -4.53 -5.37
CA HIS A 1336 -0.42 -3.33 -4.57
C HIS A 1336 -0.77 -3.53 -3.11
N GLU A 1337 -0.91 -4.78 -2.68
CA GLU A 1337 -1.31 -5.08 -1.31
C GLU A 1337 -0.23 -4.65 -0.32
N LYS A 1338 -0.68 -4.15 0.83
CA LYS A 1338 0.20 -3.77 1.95
C LYS A 1338 1.20 -2.70 1.53
N ASN A 1339 0.77 -1.80 0.65
CA ASN A 1339 1.56 -0.66 0.18
C ASN A 1339 2.85 -1.07 -0.53
N LYS A 1340 3.03 -2.37 -0.80
CA LYS A 1340 4.23 -2.87 -1.46
C LYS A 1340 3.85 -3.39 -2.84
N MET A 1341 4.55 -2.92 -3.86
CA MET A 1341 4.30 -3.32 -5.23
C MET A 1341 5.07 -4.59 -5.56
N GLU A 1342 4.37 -5.60 -6.05
CA GLU A 1342 5.00 -6.88 -6.38
C GLU A 1342 4.23 -7.51 -7.54
N VAL A 1343 4.92 -8.40 -8.25
CA VAL A 1343 4.36 -9.10 -9.39
C VAL A 1343 4.02 -10.52 -8.95
N LYS A 1344 2.74 -10.88 -9.08
CA LYS A 1344 2.26 -12.21 -8.69
C LYS A 1344 1.45 -12.80 -9.84
N GLY A 1345 1.32 -14.11 -9.83
CA GLY A 1345 0.54 -14.81 -10.83
C GLY A 1345 -0.92 -14.90 -10.43
N ARG A 1346 -1.80 -14.82 -11.43
CA ARG A 1346 -3.23 -14.96 -11.19
C ARG A 1346 -3.59 -16.43 -11.05
N GLU A 1347 -4.37 -16.76 -10.02
CA GLU A 1347 -4.80 -18.12 -9.76
C GLU A 1347 -6.30 -18.14 -9.49
N TRP A 1348 -6.99 -19.08 -10.13
CA TRP A 1348 -8.43 -19.27 -9.91
C TRP A 1348 -8.61 -20.24 -8.76
N LYS A 1349 -8.75 -19.69 -7.56
CA LYS A 1349 -8.83 -20.49 -6.34
C LYS A 1349 -10.27 -20.59 -5.86
N ARG A 1350 -10.46 -21.40 -4.82
CA ARG A 1350 -11.75 -21.58 -4.18
C ARG A 1350 -11.59 -21.35 -2.69
N HIS A 1351 -12.64 -20.81 -2.07
CA HIS A 1351 -12.61 -20.58 -0.64
C HIS A 1351 -12.44 -21.91 0.10
N GLU A 1352 -11.80 -21.83 1.26
CA GLU A 1352 -11.43 -23.05 1.98
C GLU A 1352 -12.66 -23.85 2.39
N PHE A 1353 -13.70 -23.17 2.89
CA PHE A 1353 -14.93 -23.80 3.31
C PHE A 1353 -16.04 -23.36 2.37
N HIS A 1354 -16.67 -24.32 1.70
CA HIS A 1354 -17.61 -24.04 0.63
C HIS A 1354 -18.77 -25.02 0.74
N TYR A 1355 -19.59 -25.05 -0.30
CA TYR A 1355 -20.76 -25.93 -0.37
C TYR A 1355 -20.85 -26.60 -1.73
N ASP A 1356 -19.72 -27.12 -2.22
CA ASP A 1356 -19.73 -27.78 -3.53
C ASP A 1356 -20.43 -29.14 -3.47
N ASN A 1357 -20.13 -29.93 -2.44
CA ASN A 1357 -20.72 -31.24 -2.24
C ASN A 1357 -21.66 -31.21 -1.05
N ILE A 1358 -22.33 -32.33 -0.81
CA ILE A 1358 -23.06 -32.50 0.44
C ILE A 1358 -22.09 -32.65 1.60
N ILE A 1359 -20.96 -33.32 1.37
CA ILE A 1359 -19.98 -33.52 2.44
C ILE A 1359 -19.28 -32.21 2.78
N TRP A 1360 -18.91 -31.42 1.77
CA TRP A 1360 -18.30 -30.13 2.04
C TRP A 1360 -19.26 -29.20 2.76
N ALA A 1361 -20.54 -29.21 2.36
CA ALA A 1361 -21.53 -28.41 3.05
C ALA A 1361 -21.70 -28.86 4.50
N LEU A 1362 -21.69 -30.18 4.73
CA LEU A 1362 -21.81 -30.68 6.10
C LEU A 1362 -20.63 -30.24 6.95
N LEU A 1363 -19.42 -30.30 6.40
CA LEU A 1363 -18.25 -29.86 7.13
C LEU A 1363 -18.30 -28.36 7.44
N THR A 1364 -18.70 -27.56 6.45
CA THR A 1364 -18.82 -26.12 6.68
C THR A 1364 -19.87 -25.80 7.74
N LEU A 1365 -21.00 -26.51 7.69
CA LEU A 1365 -22.05 -26.26 8.67
C LEU A 1365 -21.61 -26.69 10.06
N PHE A 1366 -20.86 -27.78 10.16
CA PHE A 1366 -20.33 -28.19 11.46
C PHE A 1366 -19.37 -27.15 12.01
N THR A 1367 -18.50 -26.62 11.16
CA THR A 1367 -17.58 -25.56 11.58
C THR A 1367 -18.34 -24.33 12.06
N VAL A 1368 -19.39 -23.95 11.33
CA VAL A 1368 -20.21 -22.82 11.74
C VAL A 1368 -20.88 -23.10 13.09
N SER A 1369 -21.39 -24.33 13.27
CA SER A 1369 -22.06 -24.69 14.51
C SER A 1369 -21.10 -24.59 15.70
N THR A 1370 -19.85 -25.01 15.51
CA THR A 1370 -18.86 -24.83 16.57
C THR A 1370 -18.72 -23.36 16.94
N GLY A 1371 -18.83 -22.47 15.96
CA GLY A 1371 -18.86 -21.05 16.19
C GLY A 1371 -17.64 -20.29 15.71
N GLU A 1372 -16.62 -20.99 15.22
CA GLU A 1372 -15.37 -20.36 14.82
C GLU A 1372 -15.34 -20.17 13.32
N GLY A 1373 -14.99 -18.96 12.88
CA GLY A 1373 -14.88 -18.67 11.47
C GLY A 1373 -16.18 -18.48 10.74
N TRP A 1374 -17.30 -18.46 11.43
CA TRP A 1374 -18.60 -18.31 10.77
C TRP A 1374 -18.84 -16.90 10.21
N PRO A 1375 -18.32 -15.82 10.82
CA PRO A 1375 -18.46 -14.51 10.15
C PRO A 1375 -17.79 -14.48 8.79
N GLN A 1376 -16.65 -15.15 8.64
CA GLN A 1376 -15.99 -15.19 7.34
C GLN A 1376 -16.81 -15.98 6.33
N VAL A 1377 -17.45 -17.07 6.78
CA VAL A 1377 -18.31 -17.84 5.89
C VAL A 1377 -19.51 -17.00 5.46
N LEU A 1378 -20.09 -16.25 6.39
CA LEU A 1378 -21.20 -15.37 6.04
C LEU A 1378 -20.76 -14.29 5.05
N GLN A 1379 -19.58 -13.71 5.25
CA GLN A 1379 -19.08 -12.70 4.33
C GLN A 1379 -18.85 -13.28 2.94
N HIS A 1380 -18.30 -14.49 2.86
CA HIS A 1380 -18.12 -15.13 1.56
C HIS A 1380 -19.45 -15.43 0.90
N SER A 1381 -20.44 -15.86 1.68
CA SER A 1381 -21.73 -16.27 1.11
C SER A 1381 -22.55 -15.08 0.65
N VAL A 1382 -22.44 -13.94 1.31
CA VAL A 1382 -23.21 -12.77 0.90
C VAL A 1382 -22.74 -12.26 -0.45
N ASP A 1383 -21.47 -12.46 -0.79
CA ASP A 1383 -20.86 -11.87 -1.98
C ASP A 1383 -21.02 -12.72 -3.23
N VAL A 1384 -21.78 -13.80 -3.18
CA VAL A 1384 -21.91 -14.67 -4.35
C VAL A 1384 -22.72 -13.97 -5.43
N THR A 1385 -22.31 -14.15 -6.68
CA THR A 1385 -23.01 -13.55 -7.81
C THR A 1385 -23.60 -14.59 -8.75
N GLU A 1386 -22.80 -15.50 -9.29
CA GLU A 1386 -23.27 -16.45 -10.29
C GLU A 1386 -22.54 -17.77 -10.11
N GLU A 1387 -22.96 -18.77 -10.89
CA GLU A 1387 -22.50 -20.13 -10.67
C GLU A 1387 -21.00 -20.27 -10.88
N ASP A 1388 -20.44 -19.62 -11.89
CA ASP A 1388 -19.02 -19.73 -12.19
C ASP A 1388 -18.41 -18.35 -12.41
N ARG A 1389 -18.70 -17.41 -11.52
CA ARG A 1389 -18.18 -16.07 -11.61
C ARG A 1389 -17.60 -15.65 -10.27
N GLY A 1390 -16.69 -14.68 -10.32
CA GLY A 1390 -16.06 -14.15 -9.13
C GLY A 1390 -17.04 -13.36 -8.29
N PRO A 1391 -16.78 -13.30 -6.99
CA PRO A 1391 -17.70 -12.62 -6.07
C PRO A 1391 -17.59 -11.11 -6.15
N SER A 1392 -18.69 -10.44 -5.84
CA SER A 1392 -18.74 -8.99 -5.70
C SER A 1392 -19.27 -8.66 -4.32
N ARG A 1393 -18.61 -7.71 -3.65
CA ARG A 1393 -18.90 -7.46 -2.24
C ARG A 1393 -20.35 -7.05 -2.03
N SER A 1394 -21.00 -7.67 -1.04
CA SER A 1394 -22.35 -7.32 -0.62
C SER A 1394 -23.33 -7.37 -1.80
N ASN A 1395 -23.13 -8.34 -2.69
CA ASN A 1395 -24.01 -8.47 -3.85
C ASN A 1395 -25.43 -8.79 -3.43
N ARG A 1396 -25.59 -9.71 -2.48
CA ARG A 1396 -26.92 -10.13 -2.02
C ARG A 1396 -26.82 -10.34 -0.51
N MET A 1397 -27.29 -9.35 0.25
CA MET A 1397 -27.26 -9.42 1.70
C MET A 1397 -28.42 -10.22 2.29
N GLU A 1398 -29.32 -10.71 1.45
CA GLU A 1398 -30.42 -11.55 1.93
C GLU A 1398 -29.97 -12.96 2.28
N MET A 1399 -28.74 -13.34 1.92
CA MET A 1399 -28.25 -14.67 2.23
C MET A 1399 -27.96 -14.88 3.71
N SER A 1400 -27.95 -13.81 4.51
CA SER A 1400 -27.74 -13.92 5.94
C SER A 1400 -28.95 -14.46 6.68
N ILE A 1401 -30.12 -14.49 6.05
CA ILE A 1401 -31.29 -15.11 6.66
C ILE A 1401 -31.03 -16.60 6.91
N PHE A 1402 -30.33 -17.24 5.98
CA PHE A 1402 -29.98 -18.65 6.15
C PHE A 1402 -29.19 -18.86 7.44
N TYR A 1403 -28.17 -18.04 7.66
CA TYR A 1403 -27.33 -18.20 8.85
C TYR A 1403 -28.08 -17.80 10.12
N VAL A 1404 -28.97 -16.81 10.03
CA VAL A 1404 -29.78 -16.45 11.19
C VAL A 1404 -30.67 -17.61 11.61
N VAL A 1405 -31.36 -18.23 10.65
CA VAL A 1405 -32.22 -19.36 10.96
C VAL A 1405 -31.39 -20.52 11.49
N TYR A 1406 -30.23 -20.76 10.89
CA TYR A 1406 -29.38 -21.86 11.34
C TYR A 1406 -28.92 -21.64 12.78
N PHE A 1407 -28.55 -20.41 13.13
CA PHE A 1407 -28.09 -20.13 14.49
C PHE A 1407 -29.23 -20.13 15.49
N VAL A 1408 -30.44 -19.76 15.06
CA VAL A 1408 -31.58 -19.83 15.95
C VAL A 1408 -31.95 -21.29 16.23
N VAL A 1409 -31.86 -22.14 15.21
CA VAL A 1409 -32.34 -23.52 15.34
C VAL A 1409 -31.29 -24.40 16.00
N PHE A 1410 -30.11 -24.51 15.40
CA PHE A 1410 -29.21 -25.58 15.80
C PHE A 1410 -28.50 -25.32 17.12
N PRO A 1411 -27.68 -24.25 17.26
CA PRO A 1411 -26.93 -24.10 18.51
C PRO A 1411 -27.80 -23.57 19.64
N PHE A 1412 -28.72 -22.66 19.32
CA PHE A 1412 -29.51 -22.03 20.37
C PHE A 1412 -30.60 -22.93 20.92
N PHE A 1413 -31.04 -23.94 20.17
CA PHE A 1413 -32.15 -24.78 20.59
C PHE A 1413 -31.77 -26.25 20.74
N PHE A 1414 -31.16 -26.87 19.72
CA PHE A 1414 -30.88 -28.29 19.79
C PHE A 1414 -29.79 -28.61 20.81
N VAL A 1415 -28.79 -27.73 20.94
CA VAL A 1415 -27.66 -28.03 21.81
C VAL A 1415 -28.10 -28.10 23.28
N ASN A 1416 -28.91 -27.14 23.73
CA ASN A 1416 -29.35 -27.19 25.12
C ASN A 1416 -30.52 -28.13 25.33
N ILE A 1417 -31.07 -28.72 24.27
CA ILE A 1417 -32.02 -29.81 24.44
C ILE A 1417 -31.32 -31.05 24.97
N PHE A 1418 -30.07 -31.28 24.54
CA PHE A 1418 -29.29 -32.39 25.06
C PHE A 1418 -29.08 -32.26 26.56
N VAL A 1419 -28.61 -31.09 27.01
CA VAL A 1419 -28.36 -30.92 28.44
C VAL A 1419 -29.66 -30.92 29.22
N ALA A 1420 -30.75 -30.44 28.62
CA ALA A 1420 -32.02 -30.43 29.31
C ALA A 1420 -32.60 -31.83 29.45
N LEU A 1421 -32.55 -32.63 28.38
CA LEU A 1421 -33.11 -33.97 28.45
C LEU A 1421 -32.22 -34.93 29.22
N ILE A 1422 -30.91 -34.70 29.23
CA ILE A 1422 -30.03 -35.48 30.08
C ILE A 1422 -30.35 -35.22 31.55
N ILE A 1423 -30.67 -33.97 31.89
CA ILE A 1423 -31.09 -33.64 33.25
C ILE A 1423 -32.46 -34.23 33.56
N ILE A 1424 -33.31 -34.38 32.54
CA ILE A 1424 -34.63 -34.97 32.79
C ILE A 1424 -34.49 -36.46 33.12
N THR A 1425 -33.65 -37.19 32.39
CA THR A 1425 -33.37 -38.58 32.68
C THR A 1425 -32.37 -38.75 33.80
N PHE A 1426 -32.21 -37.71 34.62
CA PHE A 1426 -31.18 -37.64 35.64
C PHE A 1426 -31.71 -37.67 37.07
N GLN A 1427 -32.95 -37.21 37.29
CA GLN A 1427 -33.49 -37.15 38.64
C GLN A 1427 -33.66 -38.53 39.26
N GLU A 1428 -33.77 -39.57 38.44
CA GLU A 1428 -33.93 -40.94 38.92
C GLU A 1428 -32.56 -41.62 38.91
N GLN A 1429 -31.95 -41.73 40.10
CA GLN A 1429 -30.65 -42.37 40.24
C GLN A 1429 -30.79 -43.74 40.90
N VAL A 1475 -7.24 -9.48 70.19
CA VAL A 1475 -7.54 -10.53 69.22
C VAL A 1475 -9.04 -10.55 68.94
N VAL A 1476 -9.82 -11.01 69.91
CA VAL A 1476 -11.28 -11.05 69.76
C VAL A 1476 -11.91 -9.69 69.96
N SER A 1477 -11.13 -8.67 70.27
CA SER A 1477 -11.68 -7.33 70.45
C SER A 1477 -12.30 -6.85 69.15
N PRO A 1478 -13.49 -6.25 69.18
CA PRO A 1478 -14.12 -5.79 67.94
C PRO A 1478 -13.28 -4.80 67.16
N SER A 1479 -12.59 -3.89 67.85
CA SER A 1479 -11.83 -2.85 67.16
C SER A 1479 -10.71 -3.45 66.33
N PHE A 1480 -9.98 -4.42 66.88
CA PHE A 1480 -8.87 -5.04 66.14
C PHE A 1480 -9.38 -5.77 64.91
N GLU A 1481 -10.47 -6.54 65.07
CA GLU A 1481 -11.02 -7.28 63.94
C GLU A 1481 -11.54 -6.34 62.86
N TYR A 1482 -12.16 -5.22 63.26
CA TYR A 1482 -12.60 -4.24 62.27
C TYR A 1482 -11.42 -3.59 61.56
N THR A 1483 -10.38 -3.23 62.31
CA THR A 1483 -9.25 -2.53 61.69
C THR A 1483 -8.49 -3.43 60.72
N ILE A 1484 -8.27 -4.70 61.09
CA ILE A 1484 -7.53 -5.58 60.19
C ILE A 1484 -8.34 -5.84 58.92
N MET A 1485 -9.66 -5.91 59.02
CA MET A 1485 -10.48 -6.09 57.83
C MET A 1485 -10.46 -4.83 56.96
N ALA A 1486 -10.50 -3.65 57.58
CA ALA A 1486 -10.48 -2.41 56.83
C ALA A 1486 -9.08 -2.08 56.31
N MET A 1487 -8.03 -2.45 57.04
CA MET A 1487 -6.67 -2.15 56.59
C MET A 1487 -6.33 -2.93 55.33
N ILE A 1488 -6.73 -4.21 55.27
CA ILE A 1488 -6.42 -5.01 54.09
C ILE A 1488 -7.18 -4.50 52.87
N ALA A 1489 -8.31 -3.82 53.07
CA ALA A 1489 -8.99 -3.18 51.96
C ALA A 1489 -8.13 -2.08 51.34
N LEU A 1490 -7.41 -1.33 52.19
CA LEU A 1490 -6.50 -0.32 51.68
C LEU A 1490 -5.34 -0.94 50.91
N ASN A 1491 -4.84 -2.08 51.38
CA ASN A 1491 -3.71 -2.72 50.70
C ASN A 1491 -4.09 -3.18 49.29
N THR A 1492 -5.30 -3.71 49.14
CA THR A 1492 -5.77 -4.10 47.81
C THR A 1492 -5.87 -2.89 46.89
N VAL A 1493 -6.44 -1.79 47.41
CA VAL A 1493 -6.53 -0.57 46.63
C VAL A 1493 -5.14 -0.08 46.24
N VAL A 1494 -4.21 -0.10 47.20
CA VAL A 1494 -2.82 0.23 46.88
C VAL A 1494 -2.26 -0.72 45.85
N LEU A 1495 -2.65 -1.99 45.91
CA LEU A 1495 -2.18 -2.97 44.94
C LEU A 1495 -2.59 -2.59 43.52
N MET A 1496 -3.83 -2.16 43.35
CA MET A 1496 -4.33 -1.86 42.01
C MET A 1496 -4.16 -0.39 41.64
N MET A 1497 -2.95 0.15 41.75
CA MET A 1497 -2.65 1.46 41.18
C MET A 1497 -1.30 1.52 40.49
N LYS A 1498 -0.58 0.42 40.36
CA LYS A 1498 0.66 0.42 39.61
C LYS A 1498 0.38 0.53 38.12
N TYR A 1499 1.04 1.46 37.44
CA TYR A 1499 0.81 1.63 36.01
C TYR A 1499 2.10 2.07 35.33
N TYR A 1500 2.16 1.83 34.03
CA TYR A 1500 3.36 2.11 33.25
C TYR A 1500 3.58 3.60 33.10
N SER A 1501 4.86 3.98 33.04
CA SER A 1501 5.28 5.38 32.87
C SER A 1501 4.70 6.28 33.96
N ALA A 1502 4.67 5.78 35.18
CA ALA A 1502 4.25 6.57 36.32
C ALA A 1502 5.37 7.51 36.76
N PRO A 1503 5.03 8.61 37.42
CA PRO A 1503 6.08 9.49 37.96
C PRO A 1503 6.88 8.77 39.03
N CYS A 1504 8.15 9.17 39.17
CA CYS A 1504 9.04 8.51 40.12
C CYS A 1504 8.52 8.63 41.55
N THR A 1505 8.05 9.82 41.93
CA THR A 1505 7.49 10.00 43.27
C THR A 1505 6.29 9.10 43.50
N TYR A 1506 5.53 8.80 42.44
CA TYR A 1506 4.43 7.85 42.58
C TYR A 1506 4.94 6.46 42.94
N GLU A 1507 6.03 6.03 42.30
CA GLU A 1507 6.63 4.74 42.64
C GLU A 1507 7.17 4.74 44.06
N LEU A 1508 7.80 5.84 44.48
CA LEU A 1508 8.30 5.91 45.86
C LEU A 1508 7.15 5.82 46.86
N ALA A 1509 6.06 6.54 46.60
CA ALA A 1509 4.90 6.48 47.49
C ALA A 1509 4.32 5.08 47.54
N LEU A 1510 4.24 4.41 46.39
CA LEU A 1510 3.73 3.05 46.35
C LEU A 1510 4.62 2.10 47.16
N LYS A 1511 5.93 2.22 46.99
CA LYS A 1511 6.86 1.37 47.72
C LYS A 1511 6.77 1.61 49.23
N TYR A 1512 6.68 2.88 49.63
CA TYR A 1512 6.57 3.19 51.05
C TYR A 1512 5.27 2.68 51.64
N LEU A 1513 4.16 2.78 50.89
CA LEU A 1513 2.90 2.24 51.36
C LEU A 1513 2.97 0.73 51.51
N ASN A 1514 3.62 0.05 50.55
CA ASN A 1514 3.80 -1.39 50.66
C ASN A 1514 4.61 -1.75 51.90
N ILE A 1515 5.68 -1.00 52.16
CA ILE A 1515 6.51 -1.26 53.35
C ILE A 1515 5.71 -1.06 54.62
N ALA A 1516 4.91 0.01 54.67
CA ALA A 1516 4.10 0.28 55.85
C ALA A 1516 3.09 -0.84 56.09
N PHE A 1517 2.43 -1.31 55.02
CA PHE A 1517 1.47 -2.39 55.18
C PHE A 1517 2.16 -3.69 55.61
N THR A 1518 3.35 -3.95 55.08
CA THR A 1518 4.10 -5.13 55.51
C THR A 1518 4.46 -5.05 56.99
N MET A 1519 4.90 -3.88 57.45
CA MET A 1519 5.23 -3.71 58.86
C MET A 1519 4.00 -3.88 59.74
N VAL A 1520 2.86 -3.34 59.30
CA VAL A 1520 1.62 -3.50 60.06
C VAL A 1520 1.24 -4.97 60.15
N PHE A 1521 1.37 -5.70 59.04
CA PHE A 1521 1.06 -7.13 59.03
C PHE A 1521 2.00 -7.89 59.96
N SER A 1522 3.29 -7.55 59.96
CA SER A 1522 4.23 -8.21 60.85
C SER A 1522 3.88 -7.95 62.31
N LEU A 1523 3.50 -6.71 62.64
CA LEU A 1523 3.10 -6.39 64.00
C LEU A 1523 1.84 -7.17 64.40
N GLU A 1524 0.87 -7.26 63.49
CA GLU A 1524 -0.34 -8.02 63.78
C GLU A 1524 -0.02 -9.50 64.01
N CYS A 1525 0.85 -10.07 63.18
CA CYS A 1525 1.22 -11.48 63.32
C CYS A 1525 1.96 -11.72 64.63
N VAL A 1526 2.87 -10.81 65.02
CA VAL A 1526 3.60 -11.01 66.26
C VAL A 1526 2.66 -10.86 67.45
N LEU A 1527 1.67 -9.96 67.36
CA LEU A 1527 0.68 -9.85 68.43
C LEU A 1527 -0.15 -11.13 68.53
N LYS A 1528 -0.55 -11.69 67.39
CA LYS A 1528 -1.32 -12.93 67.39
C LYS A 1528 -0.51 -14.07 68.01
N VAL A 1529 0.78 -14.15 67.65
CA VAL A 1529 1.63 -15.21 68.20
C VAL A 1529 1.80 -15.03 69.70
N ILE A 1530 2.01 -13.80 70.15
CA ILE A 1530 2.20 -13.55 71.58
C ILE A 1530 0.94 -13.90 72.36
N ALA A 1531 -0.23 -13.50 71.86
CA ALA A 1531 -1.47 -13.67 72.60
C ALA A 1531 -2.14 -15.03 72.36
N PHE A 1532 -1.61 -15.85 71.45
CA PHE A 1532 -2.24 -17.13 71.15
C PHE A 1532 -1.28 -18.31 71.22
N GLY A 1533 -0.01 -18.10 71.52
CA GLY A 1533 0.94 -19.20 71.57
C GLY A 1533 1.49 -19.54 70.21
N PHE A 1534 2.81 -19.73 70.13
CA PHE A 1534 3.45 -19.96 68.83
C PHE A 1534 2.95 -21.26 68.20
N LEU A 1535 2.86 -22.33 68.99
CA LEU A 1535 2.45 -23.61 68.44
C LEU A 1535 0.97 -23.64 68.08
N ASN A 1536 0.12 -22.98 68.88
CA ASN A 1536 -1.31 -22.96 68.63
C ASN A 1536 -1.73 -21.90 67.62
N TYR A 1537 -0.79 -21.07 67.16
CA TYR A 1537 -1.14 -20.03 66.18
C TYR A 1537 -1.53 -20.64 64.85
N PHE A 1538 -0.87 -21.73 64.45
CA PHE A 1538 -1.12 -22.38 63.17
C PHE A 1538 -2.22 -23.43 63.25
N ARG A 1539 -3.15 -23.30 64.19
CA ARG A 1539 -4.23 -24.27 64.34
C ARG A 1539 -5.38 -24.03 63.37
N ASP A 1540 -5.33 -22.95 62.57
CA ASP A 1540 -6.35 -22.64 61.58
C ASP A 1540 -5.70 -22.49 60.21
N THR A 1541 -6.40 -22.96 59.18
CA THR A 1541 -5.88 -22.86 57.82
C THR A 1541 -5.73 -21.39 57.41
N TRP A 1542 -6.71 -20.56 57.75
CA TRP A 1542 -6.64 -19.14 57.42
C TRP A 1542 -5.47 -18.48 58.12
N ASN A 1543 -5.27 -18.79 59.40
CA ASN A 1543 -4.14 -18.22 60.13
C ASN A 1543 -2.81 -18.69 59.55
N ILE A 1544 -2.73 -19.97 59.17
CA ILE A 1544 -1.50 -20.50 58.58
C ILE A 1544 -1.20 -19.78 57.26
N PHE A 1545 -2.23 -19.59 56.43
CA PHE A 1545 -2.03 -18.89 55.16
C PHE A 1545 -1.61 -17.44 55.39
N ASP A 1546 -2.23 -16.77 56.35
CA ASP A 1546 -1.87 -15.38 56.63
C ASP A 1546 -0.43 -15.27 57.13
N PHE A 1547 -0.01 -16.20 57.99
CA PHE A 1547 1.35 -16.18 58.49
C PHE A 1547 2.36 -16.51 57.39
N ILE A 1548 1.97 -17.37 56.43
CA ILE A 1548 2.87 -17.71 55.34
C ILE A 1548 3.18 -16.48 54.50
N THR A 1549 2.16 -15.68 54.19
CA THR A 1549 2.37 -14.50 53.37
C THR A 1549 3.21 -13.45 54.09
N VAL A 1550 2.99 -13.28 55.40
CA VAL A 1550 3.69 -12.24 56.15
C VAL A 1550 5.19 -12.49 56.16
N ILE A 1551 5.60 -13.73 56.42
CA ILE A 1551 7.02 -14.07 56.34
C ILE A 1551 7.53 -13.89 54.92
N GLY A 1552 6.74 -14.35 53.93
CA GLY A 1552 7.10 -14.11 52.54
C GLY A 1552 7.12 -12.64 52.20
N SER A 1553 6.20 -11.86 52.79
CA SER A 1553 6.21 -10.41 52.57
C SER A 1553 7.50 -9.79 53.10
N ILE A 1554 7.94 -10.20 54.29
CA ILE A 1554 9.18 -9.68 54.86
C ILE A 1554 10.37 -10.08 53.99
N THR A 1555 10.39 -11.34 53.53
CA THR A 1555 11.49 -11.80 52.69
C THR A 1555 11.54 -11.02 51.38
N GLU A 1556 10.38 -10.74 50.79
CA GLU A 1556 10.33 -9.95 49.56
C GLU A 1556 10.77 -8.51 49.81
N ILE A 1557 10.33 -7.93 50.92
CA ILE A 1557 10.67 -6.54 51.22
C ILE A 1557 12.16 -6.38 51.42
N ILE A 1558 12.77 -7.30 52.18
CA ILE A 1558 14.21 -7.22 52.42
C ILE A 1558 15.00 -7.44 51.14
N LEU A 1559 14.62 -8.44 50.35
CA LEU A 1559 15.36 -8.77 49.14
C LEU A 1559 15.08 -7.81 47.99
N THR A 1560 13.97 -7.07 48.05
CA THR A 1560 13.63 -6.15 46.97
C THR A 1560 14.68 -5.05 46.84
N ASP A 1561 15.05 -4.43 47.97
CA ASP A 1561 16.08 -3.40 47.94
C ASP A 1561 17.46 -4.02 47.76
N SER A 1562 17.86 -4.87 48.69
CA SER A 1562 19.13 -5.60 48.65
C SER A 1562 20.29 -4.62 48.50
N LYS A 1563 21.39 -5.09 47.91
CA LYS A 1563 22.59 -4.27 47.71
C LYS A 1563 23.56 -4.98 46.77
N LEU A 1564 24.54 -5.68 47.36
CA LEU A 1564 25.53 -6.41 46.57
C LEU A 1564 25.05 -7.79 46.16
N VAL A 1565 23.84 -8.20 46.56
CA VAL A 1565 23.32 -9.52 46.27
C VAL A 1565 22.22 -9.41 45.21
N ASN A 1566 22.35 -8.40 44.33
CA ASN A 1566 21.32 -8.15 43.32
C ASN A 1566 21.01 -9.41 42.52
N THR A 1567 22.06 -10.07 42.01
CA THR A 1567 21.94 -11.37 41.35
C THR A 1567 20.89 -11.32 40.24
N SER A 1568 21.22 -10.55 39.20
CA SER A 1568 20.31 -10.38 38.07
C SER A 1568 19.93 -11.72 37.45
N GLY A 1569 20.81 -12.71 37.51
CA GLY A 1569 20.43 -14.05 37.11
C GLY A 1569 19.37 -14.66 38.01
N PHE A 1570 19.52 -14.48 39.32
CA PHE A 1570 18.55 -14.99 40.29
C PHE A 1570 17.48 -13.93 40.56
N ASN A 1571 16.67 -13.69 39.54
CA ASN A 1571 15.61 -12.68 39.60
C ASN A 1571 14.43 -13.26 40.36
N MET A 1572 14.33 -12.90 41.64
CA MET A 1572 13.24 -13.38 42.47
C MET A 1572 11.97 -12.58 42.15
N SER A 1573 10.92 -13.27 41.74
CA SER A 1573 9.65 -12.64 41.43
C SER A 1573 8.44 -13.36 42.00
N PHE A 1574 8.53 -14.65 42.33
CA PHE A 1574 7.37 -15.41 42.77
C PHE A 1574 6.87 -14.98 44.13
N LEU A 1575 7.65 -14.23 44.90
CA LEU A 1575 7.17 -13.72 46.19
C LEU A 1575 6.15 -12.62 46.03
N LYS A 1576 6.02 -12.04 44.84
CA LYS A 1576 4.93 -11.10 44.59
C LYS A 1576 3.58 -11.78 44.68
N LEU A 1577 3.54 -13.10 44.62
CA LEU A 1577 2.27 -13.82 44.70
C LEU A 1577 1.61 -13.63 46.06
N PHE A 1578 2.40 -13.58 47.14
CA PHE A 1578 1.83 -13.34 48.46
C PHE A 1578 1.21 -11.94 48.55
N ARG A 1579 1.92 -10.94 48.02
CA ARG A 1579 1.38 -9.59 48.01
C ARG A 1579 0.11 -9.51 47.18
N ALA A 1580 0.07 -10.21 46.04
CA ALA A 1580 -1.10 -10.23 45.19
C ALA A 1580 -2.15 -11.24 45.63
N ALA A 1581 -1.88 -11.97 46.71
CA ALA A 1581 -2.85 -12.90 47.29
C ALA A 1581 -3.33 -12.47 48.66
N ARG A 1582 -2.84 -11.35 49.19
CA ARG A 1582 -3.43 -10.80 50.41
C ARG A 1582 -4.94 -10.64 50.27
N LEU A 1583 -5.42 -10.31 49.07
CA LEU A 1583 -6.85 -10.22 48.90
C LEU A 1583 -7.54 -11.57 48.87
N ILE A 1584 -6.79 -12.65 48.65
CA ILE A 1584 -7.37 -13.98 48.68
C ILE A 1584 -7.91 -14.23 50.07
N LYS A 1585 -7.40 -13.50 51.06
CA LYS A 1585 -7.89 -13.64 52.41
C LYS A 1585 -8.84 -12.48 52.71
N LEU A 1586 -8.63 -11.37 52.03
CA LEU A 1586 -9.49 -10.20 52.24
C LEU A 1586 -10.92 -10.50 51.82
N LEU A 1587 -11.08 -11.44 50.88
CA LEU A 1587 -12.42 -11.77 50.38
C LEU A 1587 -13.26 -12.51 51.41
N ARG A 1588 -14.49 -12.85 51.03
CA ARG A 1588 -15.36 -13.60 51.93
C ARG A 1588 -15.66 -12.83 53.21
N GLN A 1589 -15.85 -11.52 53.09
CA GLN A 1589 -16.22 -10.75 54.27
C GLN A 1589 -17.51 -11.35 54.78
N GLY A 1590 -18.38 -11.78 53.87
CA GLY A 1590 -19.61 -12.43 54.26
C GLY A 1590 -19.53 -13.90 53.90
N TYR A 1591 -20.08 -14.27 52.76
CA TYR A 1591 -20.02 -15.66 52.32
C TYR A 1591 -20.07 -15.74 50.81
N THR A 1592 -19.06 -15.20 50.14
CA THR A 1592 -19.03 -15.22 48.68
C THR A 1592 -19.00 -16.65 48.17
N ILE A 1593 -18.26 -17.51 48.85
CA ILE A 1593 -18.19 -18.91 48.45
C ILE A 1593 -19.55 -19.57 48.60
N ARG A 1594 -20.21 -19.30 49.73
CA ARG A 1594 -21.53 -19.87 49.97
C ARG A 1594 -22.46 -19.41 48.87
N ILE A 1595 -22.30 -18.16 48.44
CA ILE A 1595 -23.11 -17.63 47.36
C ILE A 1595 -22.98 -18.52 46.15
N LEU A 1596 -21.80 -19.09 45.94
CA LEU A 1596 -21.63 -20.03 44.84
C LEU A 1596 -22.36 -21.34 45.15
N LEU A 1597 -22.59 -22.15 44.13
CA LEU A 1597 -23.27 -23.43 44.33
C LEU A 1597 -22.31 -24.60 44.21
N TRP A 1598 -21.65 -24.76 43.06
CA TRP A 1598 -20.69 -25.84 42.90
C TRP A 1598 -19.47 -25.66 43.79
N THR A 1599 -19.09 -24.42 44.09
CA THR A 1599 -17.96 -24.15 44.96
C THR A 1599 -18.32 -24.27 46.43
N PHE A 1600 -19.49 -23.77 46.82
CA PHE A 1600 -19.92 -23.89 48.21
C PHE A 1600 -20.20 -25.33 48.58
N VAL A 1601 -20.94 -26.04 47.74
CA VAL A 1601 -21.20 -27.46 47.98
C VAL A 1601 -20.02 -28.27 47.48
N GLN A 1602 -19.95 -29.54 47.87
CA GLN A 1602 -18.83 -30.41 47.53
C GLN A 1602 -18.63 -30.48 46.02
N SER A 1603 -17.51 -29.93 45.54
CA SER A 1603 -17.25 -29.92 44.10
C SER A 1603 -16.67 -31.24 43.65
N PHE A 1604 -15.51 -31.61 44.17
CA PHE A 1604 -14.82 -32.84 43.77
C PHE A 1604 -15.10 -33.97 44.75
N LYS A 1605 -16.38 -34.18 45.06
CA LYS A 1605 -16.73 -35.25 45.98
C LYS A 1605 -16.38 -36.61 45.39
N ALA A 1606 -17.09 -37.00 44.33
CA ALA A 1606 -16.71 -38.17 43.54
C ALA A 1606 -16.85 -37.98 42.04
N LEU A 1607 -17.68 -37.07 41.57
CA LEU A 1607 -18.00 -36.92 40.15
C LEU A 1607 -16.86 -36.25 39.40
N PRO A 1608 -16.00 -35.50 40.08
CA PRO A 1608 -14.85 -34.89 39.38
C PRO A 1608 -13.80 -35.94 38.99
N TYR A 1609 -14.13 -37.21 39.20
CA TYR A 1609 -13.32 -38.30 38.66
C TYR A 1609 -13.35 -38.35 37.13
N VAL A 1610 -14.35 -37.71 36.52
CA VAL A 1610 -14.43 -37.64 35.07
C VAL A 1610 -13.30 -36.80 34.48
N CYS A 1611 -12.70 -35.91 35.29
CA CYS A 1611 -11.59 -35.10 34.80
C CYS A 1611 -10.41 -35.95 34.37
N LEU A 1612 -10.24 -37.13 34.99
CA LEU A 1612 -9.18 -38.03 34.57
C LEU A 1612 -9.44 -38.59 33.17
N LEU A 1613 -10.71 -38.72 32.78
CA LEU A 1613 -11.03 -39.23 31.46
C LEU A 1613 -10.69 -38.22 30.38
N ILE A 1614 -10.90 -36.93 30.65
CA ILE A 1614 -10.58 -35.89 29.67
C ILE A 1614 -9.07 -35.78 29.50
N ALA A 1615 -8.31 -35.91 30.59
CA ALA A 1615 -6.86 -35.86 30.49
C ALA A 1615 -6.33 -36.99 29.62
N MET A 1616 -6.91 -38.18 29.75
CA MET A 1616 -6.49 -39.31 28.92
C MET A 1616 -6.79 -39.04 27.44
N LEU A 1617 -7.95 -38.45 27.15
CA LEU A 1617 -8.29 -38.10 25.77
C LEU A 1617 -7.30 -37.09 25.21
N PHE A 1618 -6.97 -36.07 26.00
CA PHE A 1618 -5.98 -35.09 25.56
C PHE A 1618 -4.63 -35.74 25.31
N PHE A 1619 -4.21 -36.63 26.20
CA PHE A 1619 -2.93 -37.31 26.04
C PHE A 1619 -2.91 -38.15 24.76
N ILE A 1620 -3.97 -38.91 24.52
CA ILE A 1620 -4.03 -39.78 23.35
C ILE A 1620 -3.98 -38.96 22.07
N TYR A 1621 -4.79 -37.90 21.99
CA TYR A 1621 -4.81 -37.11 20.77
C TYR A 1621 -3.52 -36.35 20.58
N ALA A 1622 -2.86 -35.94 21.67
CA ALA A 1622 -1.55 -35.30 21.55
C ALA A 1622 -0.52 -36.28 21.01
N ILE A 1623 -0.55 -37.53 21.48
CA ILE A 1623 0.39 -38.53 20.95
C ILE A 1623 0.14 -38.78 19.48
N ILE A 1624 -1.13 -38.92 19.09
CA ILE A 1624 -1.45 -39.14 17.68
C ILE A 1624 -1.00 -37.96 16.83
N GLY A 1625 -1.23 -36.74 17.31
CA GLY A 1625 -0.81 -35.57 16.56
C GLY A 1625 0.69 -35.48 16.43
N MET A 1626 1.43 -35.79 17.50
CA MET A 1626 2.88 -35.82 17.41
C MET A 1626 3.35 -36.84 16.39
N GLN A 1627 2.74 -38.01 16.38
CA GLN A 1627 3.18 -39.06 15.46
C GLN A 1627 2.83 -38.74 14.02
N VAL A 1628 1.71 -38.07 13.77
CA VAL A 1628 1.26 -37.86 12.39
C VAL A 1628 1.72 -36.51 11.86
N PHE A 1629 1.32 -35.42 12.50
CA PHE A 1629 1.60 -34.08 12.03
C PHE A 1629 2.86 -33.48 12.64
N GLY A 1630 3.67 -34.27 13.35
CA GLY A 1630 4.79 -33.72 14.06
C GLY A 1630 5.95 -33.28 13.19
N ASN A 1631 5.98 -33.67 11.92
CA ASN A 1631 7.10 -33.37 11.04
C ASN A 1631 6.79 -32.28 10.03
N ILE A 1632 5.66 -31.59 10.15
CA ILE A 1632 5.32 -30.53 9.21
C ILE A 1632 6.27 -29.35 9.40
N LYS A 1633 6.73 -28.78 8.30
CA LYS A 1633 7.63 -27.64 8.37
C LYS A 1633 6.90 -26.42 8.89
N LEU A 1634 7.51 -25.73 9.84
CA LEU A 1634 6.92 -24.52 10.40
C LEU A 1634 7.17 -23.34 9.48
N ASP A 1635 6.14 -22.51 9.30
CA ASP A 1635 6.27 -21.31 8.51
C ASP A 1635 5.27 -20.28 9.01
N GLU A 1636 5.52 -19.02 8.66
CA GLU A 1636 4.56 -17.97 8.95
C GLU A 1636 3.42 -18.04 7.93
N GLU A 1637 2.45 -17.14 8.08
CA GLU A 1637 1.27 -17.12 7.21
C GLU A 1637 0.50 -18.44 7.26
N SER A 1638 0.64 -19.18 8.37
CA SER A 1638 -0.08 -20.42 8.56
C SER A 1638 -0.24 -20.63 10.06
N HIS A 1639 -1.19 -21.49 10.41
CA HIS A 1639 -1.51 -21.74 11.81
C HIS A 1639 -0.69 -22.86 12.43
N ILE A 1640 0.27 -23.41 11.69
CA ILE A 1640 1.28 -24.32 12.23
C ILE A 1640 2.61 -23.57 12.13
N ASN A 1641 3.08 -23.06 13.26
CA ASN A 1641 4.29 -22.23 13.29
C ASN A 1641 4.96 -22.45 14.63
N ARG A 1642 5.89 -21.55 14.98
CA ARG A 1642 6.64 -21.71 16.22
C ARG A 1642 5.75 -21.59 17.45
N HIS A 1643 4.73 -20.74 17.39
CA HIS A 1643 3.82 -20.60 18.52
C HIS A 1643 2.91 -21.82 18.65
N ASN A 1644 2.48 -22.38 17.53
CA ASN A 1644 1.48 -23.45 17.52
C ASN A 1644 1.94 -24.53 16.56
N ASN A 1645 2.28 -25.71 17.07
CA ASN A 1645 2.73 -26.81 16.24
C ASN A 1645 2.59 -28.11 17.01
N PHE A 1646 3.01 -29.20 16.38
CA PHE A 1646 2.94 -30.54 16.96
C PHE A 1646 4.33 -31.12 17.26
N ARG A 1647 5.37 -30.29 17.26
CA ARG A 1647 6.73 -30.81 17.38
C ARG A 1647 6.96 -31.47 18.74
N SER A 1648 6.49 -30.86 19.81
CA SER A 1648 6.73 -31.34 21.16
C SER A 1648 5.43 -31.77 21.82
N PHE A 1649 5.56 -32.57 22.89
CA PHE A 1649 4.39 -33.06 23.60
C PHE A 1649 3.62 -31.91 24.24
N PHE A 1650 4.33 -31.00 24.89
CA PHE A 1650 3.66 -29.87 25.52
C PHE A 1650 3.12 -28.89 24.50
N GLY A 1651 3.82 -28.70 23.38
CA GLY A 1651 3.26 -27.91 22.30
C GLY A 1651 2.01 -28.52 21.73
N SER A 1652 1.99 -29.85 21.59
CA SER A 1652 0.80 -30.54 21.12
C SER A 1652 -0.36 -30.40 22.11
N LEU A 1653 -0.06 -30.50 23.41
CA LEU A 1653 -1.11 -30.31 24.41
C LEU A 1653 -1.65 -28.88 24.38
N MET A 1654 -0.77 -27.90 24.19
CA MET A 1654 -1.22 -26.51 24.07
C MET A 1654 -2.10 -26.32 22.85
N LEU A 1655 -1.71 -26.93 21.73
CA LEU A 1655 -2.55 -26.87 20.53
C LEU A 1655 -3.92 -27.50 20.78
N LEU A 1656 -3.95 -28.64 21.45
CA LEU A 1656 -5.21 -29.31 21.72
C LEU A 1656 -6.09 -28.48 22.65
N PHE A 1657 -5.50 -27.86 23.67
CA PHE A 1657 -6.27 -26.99 24.55
C PHE A 1657 -6.82 -25.79 23.80
N ARG A 1658 -6.00 -25.19 22.93
CA ARG A 1658 -6.46 -24.07 22.12
C ARG A 1658 -7.62 -24.47 21.23
N SER A 1659 -7.54 -25.64 20.61
CA SER A 1659 -8.64 -26.11 19.78
C SER A 1659 -9.89 -26.41 20.62
N ALA A 1660 -9.71 -26.99 21.80
CA ALA A 1660 -10.84 -27.32 22.66
C ALA A 1660 -11.60 -26.06 23.06
N THR A 1661 -10.87 -25.03 23.51
CA THR A 1661 -11.52 -23.74 23.73
C THR A 1661 -12.04 -23.18 22.41
N GLY A 1662 -11.26 -23.30 21.35
CA GLY A 1662 -11.69 -22.98 20.01
C GLY A 1662 -11.28 -21.60 19.58
N GLU A 1663 -10.16 -21.50 18.85
CA GLU A 1663 -9.74 -20.21 18.31
C GLU A 1663 -9.72 -20.22 16.79
N ALA A 1664 -8.93 -21.08 16.17
CA ALA A 1664 -8.92 -21.26 14.73
C ALA A 1664 -8.73 -22.73 14.40
N TRP A 1665 -9.42 -23.61 15.13
CA TRP A 1665 -9.19 -25.04 14.96
C TRP A 1665 -9.43 -25.49 13.52
N GLN A 1666 -10.33 -24.81 12.81
CA GLN A 1666 -10.52 -25.12 11.40
C GLN A 1666 -9.31 -24.68 10.58
N GLU A 1667 -8.70 -23.55 10.94
CA GLU A 1667 -7.48 -23.13 10.26
C GLU A 1667 -6.31 -24.04 10.60
N ILE A 1668 -6.24 -24.52 11.85
CA ILE A 1668 -5.22 -25.49 12.22
C ILE A 1668 -5.41 -26.78 11.43
N MET A 1669 -6.66 -27.24 11.29
CA MET A 1669 -6.92 -28.44 10.51
C MET A 1669 -6.54 -28.25 9.05
N LEU A 1670 -6.82 -27.07 8.51
CA LEU A 1670 -6.41 -26.76 7.14
C LEU A 1670 -4.90 -26.79 7.00
N SER A 1671 -4.19 -26.26 7.98
CA SER A 1671 -2.73 -26.25 7.91
C SER A 1671 -2.13 -27.64 8.01
N CYS A 1672 -2.78 -28.55 8.73
CA CYS A 1672 -2.29 -29.92 8.88
C CYS A 1672 -2.86 -30.84 7.81
N LEU A 1673 -2.78 -30.44 6.55
CA LEU A 1673 -3.32 -31.20 5.45
C LEU A 1673 -2.18 -31.83 4.64
N GLY A 1674 -2.54 -32.45 3.52
CA GLY A 1674 -1.55 -33.14 2.72
C GLY A 1674 -0.65 -32.19 1.93
N GLU A 1675 0.35 -32.80 1.29
CA GLU A 1675 1.36 -32.12 0.48
C GLU A 1675 1.81 -30.81 1.11
N LYS A 1676 2.35 -30.92 2.32
CA LYS A 1676 2.90 -29.80 3.05
C LYS A 1676 4.42 -29.93 3.12
N GLY A 1677 5.07 -28.84 3.54
CA GLY A 1677 6.50 -28.87 3.73
C GLY A 1677 6.91 -29.79 4.87
N CYS A 1678 8.16 -30.24 4.83
CA CYS A 1678 8.68 -31.20 5.80
C CYS A 1678 9.88 -30.62 6.52
N GLU A 1679 9.88 -30.76 7.84
CA GLU A 1679 11.00 -30.27 8.63
C GLU A 1679 12.26 -31.08 8.29
N PRO A 1680 13.42 -30.43 8.23
CA PRO A 1680 14.63 -31.14 7.80
C PRO A 1680 15.10 -32.14 8.84
N ASP A 1681 15.54 -33.30 8.36
CA ASP A 1681 16.02 -34.39 9.20
C ASP A 1681 17.55 -34.43 9.07
N THR A 1682 18.22 -33.76 10.01
CA THR A 1682 19.68 -33.77 10.01
C THR A 1682 20.22 -35.19 10.24
N THR A 1683 19.60 -35.93 11.16
CA THR A 1683 19.95 -37.32 11.36
C THR A 1683 19.45 -38.17 10.20
N ALA A 1684 19.89 -39.43 10.19
CA ALA A 1684 19.57 -40.38 9.12
C ALA A 1684 19.93 -39.77 7.76
N PRO A 1685 21.21 -39.65 7.44
CA PRO A 1685 21.59 -39.05 6.15
C PRO A 1685 21.08 -39.86 4.98
N SER A 1686 20.68 -39.16 3.92
CA SER A 1686 20.19 -39.80 2.71
C SER A 1686 20.32 -38.83 1.55
N GLY A 1687 20.25 -39.38 0.34
CA GLY A 1687 20.37 -38.59 -0.86
C GLY A 1687 19.10 -37.92 -1.32
N GLN A 1688 18.00 -38.07 -0.58
CA GLN A 1688 16.72 -37.48 -0.94
C GLN A 1688 16.43 -36.29 -0.05
N ASN A 1689 15.95 -35.21 -0.66
CA ASN A 1689 15.58 -34.00 0.06
C ASN A 1689 14.07 -33.88 0.22
N GLU A 1690 13.33 -33.91 -0.89
CA GLU A 1690 11.87 -33.88 -0.82
C GLU A 1690 11.33 -35.20 -0.29
N ASN A 1691 11.83 -36.32 -0.83
CA ASN A 1691 11.38 -37.66 -0.44
C ASN A 1691 9.87 -37.77 -0.53
N GLU A 1692 9.18 -37.61 0.59
CA GLU A 1692 7.73 -37.63 0.64
C GLU A 1692 7.24 -36.42 1.43
N ARG A 1693 6.03 -35.97 1.10
CA ARG A 1693 5.45 -34.79 1.71
C ARG A 1693 4.76 -35.15 3.01
N CYS A 1694 5.16 -34.49 4.10
CA CYS A 1694 4.51 -34.71 5.38
C CYS A 1694 3.19 -33.96 5.45
N GLY A 1695 2.33 -34.40 6.37
CA GLY A 1695 0.97 -33.90 6.46
C GLY A 1695 0.00 -34.83 5.78
N THR A 1696 -1.03 -35.26 6.51
CA THR A 1696 -1.99 -36.24 5.99
C THR A 1696 -3.32 -35.56 5.68
N ASP A 1697 -4.19 -36.31 5.03
CA ASP A 1697 -5.55 -35.88 4.74
C ASP A 1697 -6.54 -36.38 5.78
N LEU A 1698 -6.05 -36.99 6.86
CA LEU A 1698 -6.87 -37.45 7.96
C LEU A 1698 -7.07 -36.36 9.01
N ALA A 1699 -6.66 -35.13 8.73
CA ALA A 1699 -6.87 -34.04 9.67
C ALA A 1699 -8.34 -33.77 9.89
N TYR A 1700 -9.16 -33.97 8.86
CA TYR A 1700 -10.59 -33.74 8.97
C TYR A 1700 -11.20 -34.58 10.09
N VAL A 1701 -11.09 -35.90 9.97
CA VAL A 1701 -11.65 -36.80 10.97
C VAL A 1701 -10.98 -36.58 12.31
N TYR A 1702 -9.66 -36.39 12.32
CA TYR A 1702 -8.93 -36.15 13.56
C TYR A 1702 -9.53 -35.00 14.35
N PHE A 1703 -9.58 -33.81 13.75
CA PHE A 1703 -10.04 -32.63 14.46
C PHE A 1703 -11.53 -32.70 14.76
N VAL A 1704 -12.34 -33.17 13.81
CA VAL A 1704 -13.79 -33.22 14.03
C VAL A 1704 -14.11 -34.16 15.18
N SER A 1705 -13.53 -35.35 15.17
CA SER A 1705 -13.75 -36.31 16.26
C SER A 1705 -13.22 -35.77 17.57
N PHE A 1706 -12.07 -35.11 17.55
CA PHE A 1706 -11.52 -34.58 18.81
C PHE A 1706 -12.48 -33.57 19.42
N ILE A 1707 -12.96 -32.62 18.64
CA ILE A 1707 -13.82 -31.60 19.25
C ILE A 1707 -15.17 -32.17 19.62
N PHE A 1708 -15.68 -33.14 18.86
CA PHE A 1708 -16.93 -33.79 19.26
C PHE A 1708 -16.78 -34.48 20.60
N PHE A 1709 -15.69 -35.24 20.77
CA PHE A 1709 -15.46 -35.93 22.04
C PHE A 1709 -15.24 -34.95 23.18
N CYS A 1710 -14.51 -33.87 22.92
CA CYS A 1710 -14.29 -32.87 23.96
C CYS A 1710 -15.60 -32.25 24.41
N SER A 1711 -16.48 -31.89 23.47
CA SER A 1711 -17.75 -31.29 23.84
C SER A 1711 -18.63 -32.29 24.61
N PHE A 1712 -18.65 -33.55 24.17
CA PHE A 1712 -19.45 -34.55 24.87
C PHE A 1712 -18.94 -34.77 26.28
N LEU A 1713 -17.62 -34.85 26.46
CA LEU A 1713 -17.07 -35.04 27.79
C LEU A 1713 -17.29 -33.82 28.67
N MET A 1714 -17.27 -32.61 28.10
CA MET A 1714 -17.60 -31.43 28.88
C MET A 1714 -19.06 -31.46 29.35
N LEU A 1715 -19.97 -31.91 28.47
CA LEU A 1715 -21.36 -32.05 28.86
C LEU A 1715 -21.51 -33.07 29.99
N ASN A 1716 -20.80 -34.19 29.89
CA ASN A 1716 -20.85 -35.19 30.94
C ASN A 1716 -20.26 -34.66 32.25
N LEU A 1717 -19.22 -33.84 32.16
CA LEU A 1717 -18.66 -33.22 33.37
C LEU A 1717 -19.67 -32.28 34.02
N PHE A 1718 -20.41 -31.52 33.20
CA PHE A 1718 -21.45 -30.65 33.74
C PHE A 1718 -22.53 -31.46 34.46
N VAL A 1719 -22.99 -32.55 33.84
CA VAL A 1719 -24.02 -33.34 34.50
C VAL A 1719 -23.47 -34.04 35.74
N ALA A 1720 -22.17 -34.37 35.75
CA ALA A 1720 -21.56 -34.94 36.95
C ALA A 1720 -21.51 -33.92 38.08
N VAL A 1721 -21.22 -32.66 37.75
CA VAL A 1721 -21.27 -31.61 38.77
C VAL A 1721 -22.68 -31.45 39.28
N ILE A 1722 -23.68 -31.63 38.41
CA ILE A 1722 -25.07 -31.67 38.87
C ILE A 1722 -25.28 -32.82 39.85
N MET A 1723 -24.66 -33.98 39.58
CA MET A 1723 -24.64 -35.06 40.56
C MET A 1723 -24.10 -34.58 41.91
N ASP A 1724 -22.96 -33.88 41.87
CA ASP A 1724 -22.27 -33.51 43.11
C ASP A 1724 -23.17 -32.66 44.01
N ASN A 1725 -23.94 -31.75 43.41
CA ASN A 1725 -24.70 -30.77 44.17
C ASN A 1725 -26.18 -31.09 44.21
N PHE A 1726 -26.56 -32.32 43.88
CA PHE A 1726 -27.98 -32.68 43.88
C PHE A 1726 -28.58 -32.57 45.28
N GLU A 1727 -27.85 -33.02 46.29
CA GLU A 1727 -28.35 -32.93 47.66
C GLU A 1727 -28.47 -31.50 48.13
N TYR A 1728 -27.49 -30.65 47.79
CA TYR A 1728 -27.49 -29.28 48.28
C TYR A 1728 -28.65 -28.47 47.70
N LEU A 1729 -28.94 -28.63 46.42
CA LEU A 1729 -29.99 -27.83 45.80
C LEU A 1729 -31.37 -28.21 46.32
N THR A 1730 -31.54 -29.43 46.80
CA THR A 1730 -32.82 -29.88 47.32
C THR A 1730 -33.00 -29.42 48.78
N PHE B 27 43.46 58.38 6.00
CA PHE B 27 42.80 58.25 4.70
C PHE B 27 43.63 58.92 3.61
N PRO B 28 44.20 58.11 2.71
CA PRO B 28 45.04 58.66 1.65
C PRO B 28 44.24 59.52 0.69
N SER B 29 44.94 60.47 0.06
CA SER B 29 44.30 61.37 -0.88
C SER B 29 43.86 60.62 -2.13
N ALA B 30 42.87 61.20 -2.82
CA ALA B 30 42.34 60.57 -4.02
C ALA B 30 43.39 60.51 -5.13
N VAL B 31 44.19 61.56 -5.28
CA VAL B 31 45.16 61.59 -6.36
C VAL B 31 46.27 60.56 -6.12
N THR B 32 46.70 60.42 -4.87
CA THR B 32 47.72 59.42 -4.56
C THR B 32 47.22 58.01 -4.83
N ILE B 33 45.97 57.73 -4.45
CA ILE B 33 45.38 56.42 -4.73
C ILE B 33 45.25 56.20 -6.23
N LYS B 34 44.87 57.24 -6.97
CA LYS B 34 44.77 57.11 -8.42
C LYS B 34 46.13 56.81 -9.04
N SER B 35 47.19 57.49 -8.57
CA SER B 35 48.53 57.21 -9.09
C SER B 35 48.97 55.80 -8.75
N TRP B 36 48.69 55.34 -7.53
CA TRP B 36 49.05 53.98 -7.15
C TRP B 36 48.33 52.95 -8.02
N VAL B 37 47.03 53.16 -8.24
CA VAL B 37 46.26 52.25 -9.08
C VAL B 37 46.78 52.27 -10.51
N ASP B 38 47.15 53.46 -11.00
CA ASP B 38 47.71 53.57 -12.34
C ASP B 38 49.00 52.79 -12.46
N LYS B 39 49.86 52.88 -11.44
CA LYS B 39 51.10 52.11 -11.45
C LYS B 39 50.82 50.61 -11.47
N MET B 40 49.89 50.15 -10.62
CA MET B 40 49.60 48.72 -10.58
C MET B 40 49.03 48.23 -11.91
N GLN B 41 48.08 48.98 -12.48
CA GLN B 41 47.47 48.54 -13.73
C GLN B 41 48.46 48.59 -14.89
N GLU B 42 49.33 49.60 -14.91
CA GLU B 42 50.36 49.65 -15.94
C GLU B 42 51.30 48.46 -15.83
N ASP B 43 51.71 48.11 -14.60
CA ASP B 43 52.58 46.95 -14.42
C ASP B 43 51.90 45.68 -14.89
N LEU B 44 50.64 45.48 -14.49
CA LEU B 44 49.92 44.26 -14.86
C LEU B 44 49.74 44.17 -16.38
N VAL B 45 49.32 45.27 -17.01
CA VAL B 45 49.09 45.26 -18.45
C VAL B 45 50.39 45.02 -19.20
N THR B 46 51.48 45.69 -18.79
CA THR B 46 52.75 45.49 -19.47
C THR B 46 53.24 44.06 -19.31
N LEU B 47 53.12 43.49 -18.11
CA LEU B 47 53.55 42.11 -17.90
C LEU B 47 52.74 41.15 -18.77
N ALA B 48 51.42 41.33 -18.80
CA ALA B 48 50.57 40.44 -19.59
C ALA B 48 50.88 40.57 -21.08
N LYS B 49 51.07 41.80 -21.56
CA LYS B 49 51.35 42.00 -22.98
C LYS B 49 52.70 41.41 -23.37
N THR B 50 53.72 41.59 -22.52
CA THR B 50 55.05 41.09 -22.87
C THR B 50 55.20 39.59 -22.63
N ALA B 51 54.33 38.97 -21.84
CA ALA B 51 54.43 37.54 -21.60
C ALA B 51 53.53 36.73 -22.52
N SER B 52 52.25 37.10 -22.63
CA SER B 52 51.33 36.37 -23.50
C SER B 52 51.73 36.47 -24.96
N GLY B 53 52.37 37.58 -25.35
CA GLY B 53 52.79 37.75 -26.73
C GLY B 53 51.66 37.87 -27.73
N VAL B 54 50.62 38.61 -27.40
CA VAL B 54 49.50 38.80 -28.32
C VAL B 54 49.96 39.54 -29.57
N ASN B 55 50.80 40.56 -29.39
CA ASN B 55 51.26 41.36 -30.53
C ASN B 55 52.04 40.51 -31.52
N GLN B 56 52.86 39.58 -31.03
CA GLN B 56 53.58 38.69 -31.92
C GLN B 56 52.62 37.80 -32.72
N LEU B 57 51.58 37.29 -32.06
CA LEU B 57 50.61 36.46 -32.77
C LEU B 57 49.90 37.25 -33.85
N VAL B 58 49.51 38.49 -33.55
CA VAL B 58 48.89 39.35 -34.56
C VAL B 58 49.85 39.58 -35.72
N ASP B 59 51.12 39.87 -35.41
CA ASP B 59 52.10 40.13 -36.45
C ASP B 59 52.28 38.93 -37.37
N ILE B 60 52.37 37.73 -36.80
CA ILE B 60 52.58 36.55 -37.63
C ILE B 60 51.33 36.23 -38.45
N TYR B 61 50.15 36.33 -37.83
CA TYR B 61 48.92 36.09 -38.58
C TYR B 61 48.80 37.03 -39.77
N GLU B 62 49.13 38.31 -39.56
CA GLU B 62 49.07 39.27 -40.66
C GLU B 62 50.25 39.13 -41.62
N LYS B 63 51.33 38.47 -41.20
CA LYS B 63 52.48 38.31 -42.07
C LYS B 63 52.36 37.09 -42.98
N TYR B 64 51.59 36.08 -42.60
CA TYR B 64 51.45 34.92 -43.49
C TYR B 64 50.41 35.19 -44.57
N GLN B 65 49.14 35.34 -44.18
CA GLN B 65 48.05 35.77 -45.06
C GLN B 65 47.99 34.99 -46.37
N ASP B 66 48.61 33.81 -46.43
CA ASP B 66 48.68 33.06 -47.68
C ASP B 66 48.29 31.60 -47.56
N LEU B 67 48.33 31.02 -46.36
CA LEU B 67 47.92 29.64 -46.16
C LEU B 67 46.44 29.52 -45.84
N TYR B 68 45.69 30.62 -45.90
CA TYR B 68 44.27 30.60 -45.59
C TYR B 68 43.58 31.75 -46.33
N THR B 69 42.25 31.66 -46.39
CA THR B 69 41.43 32.70 -46.99
C THR B 69 40.27 33.02 -46.06
N VAL B 70 39.78 34.25 -46.16
CA VAL B 70 38.67 34.73 -45.34
C VAL B 70 37.39 34.58 -46.13
N GLU B 71 36.39 33.93 -45.53
CA GLU B 71 35.13 33.69 -46.20
C GLU B 71 33.97 34.23 -45.36
N PRO B 72 32.91 34.72 -46.01
CA PRO B 72 31.78 35.25 -45.26
C PRO B 72 30.97 34.15 -44.58
N ASN B 73 30.19 34.57 -43.58
CA ASN B 73 29.31 33.69 -42.85
C ASN B 73 27.89 34.24 -42.90
N ASN B 74 27.41 34.55 -44.11
CA ASN B 74 26.08 35.13 -44.30
C ASN B 74 25.03 34.36 -43.52
N ALA B 75 24.42 35.04 -42.54
CA ALA B 75 23.50 34.37 -41.63
C ALA B 75 22.27 33.84 -42.35
N ARG B 76 21.72 34.63 -43.29
CA ARG B 76 20.47 34.25 -43.94
C ARG B 76 20.63 32.94 -44.70
N GLN B 77 21.70 32.80 -45.47
CA GLN B 77 21.92 31.57 -46.24
C GLN B 77 22.13 30.38 -45.31
N LEU B 78 22.89 30.56 -44.23
CA LEU B 78 23.12 29.46 -43.31
C LEU B 78 21.82 29.00 -42.67
N VAL B 79 20.99 29.94 -42.23
CA VAL B 79 19.71 29.58 -41.62
C VAL B 79 18.82 28.86 -42.63
N GLU B 80 18.79 29.36 -43.87
CA GLU B 80 17.96 28.71 -44.89
C GLU B 80 18.44 27.29 -45.15
N ILE B 81 19.75 27.09 -45.24
CA ILE B 81 20.29 25.75 -45.52
C ILE B 81 19.96 24.80 -44.37
N ALA B 82 20.15 25.26 -43.13
CA ALA B 82 19.86 24.40 -42.00
C ALA B 82 18.37 24.07 -41.92
N ALA B 83 17.51 25.05 -42.20
CA ALA B 83 16.08 24.80 -42.21
C ALA B 83 15.70 23.79 -43.28
N ARG B 84 16.31 23.89 -44.47
CA ARG B 84 16.02 22.94 -45.53
C ARG B 84 16.47 21.53 -45.15
N ASP B 85 17.65 21.43 -44.51
CA ASP B 85 18.13 20.11 -44.08
C ASP B 85 17.21 19.49 -43.04
N ILE B 86 16.77 20.28 -42.06
CA ILE B 86 15.85 19.76 -41.05
C ILE B 86 14.53 19.34 -41.68
N GLU B 87 14.02 20.15 -42.61
CA GLU B 87 12.78 19.81 -43.30
C GLU B 87 12.93 18.51 -44.08
N LYS B 88 14.07 18.33 -44.74
CA LYS B 88 14.28 17.09 -45.50
C LYS B 88 14.34 15.88 -44.58
N LEU B 89 15.01 16.00 -43.44
CA LEU B 89 15.06 14.88 -42.49
C LEU B 89 13.67 14.54 -41.98
N LEU B 90 12.90 15.55 -41.60
CA LEU B 90 11.54 15.28 -41.11
C LEU B 90 10.66 14.76 -42.23
N SER B 91 10.95 15.11 -43.48
CA SER B 91 10.19 14.56 -44.61
C SER B 91 10.50 13.09 -44.81
N ASN B 92 11.77 12.69 -44.66
CA ASN B 92 12.10 11.27 -44.70
C ASN B 92 11.33 10.52 -43.62
N ARG B 93 11.32 11.07 -42.41
CA ARG B 93 10.60 10.41 -41.31
C ARG B 93 9.10 10.33 -41.61
N SER B 94 8.52 11.39 -42.17
CA SER B 94 7.10 11.36 -42.51
C SER B 94 6.80 10.33 -43.58
N LYS B 95 7.68 10.20 -44.58
CA LYS B 95 7.48 9.18 -45.60
C LYS B 95 7.50 7.78 -45.00
N ALA B 96 8.46 7.52 -44.11
CA ALA B 96 8.50 6.22 -43.45
C ALA B 96 7.23 5.96 -42.64
N LEU B 97 6.77 6.98 -41.91
CA LEU B 97 5.55 6.83 -41.12
C LEU B 97 4.34 6.53 -42.01
N VAL B 98 4.22 7.25 -43.13
CA VAL B 98 3.08 7.04 -44.03
C VAL B 98 3.11 5.63 -44.60
N ARG B 99 4.29 5.17 -45.03
CA ARG B 99 4.38 3.83 -45.58
C ARG B 99 3.97 2.79 -44.54
N LEU B 100 4.48 2.92 -43.31
CA LEU B 100 4.15 1.97 -42.27
C LEU B 100 2.67 1.96 -41.97
N ALA B 101 2.06 3.14 -41.85
CA ALA B 101 0.64 3.22 -41.51
C ALA B 101 -0.23 2.62 -42.61
N LEU B 102 0.06 2.95 -43.87
CA LEU B 102 -0.74 2.42 -44.97
C LEU B 102 -0.62 0.91 -45.04
N GLU B 103 0.60 0.39 -44.91
CA GLU B 103 0.77 -1.06 -44.97
C GLU B 103 0.06 -1.75 -43.80
N ALA B 104 0.13 -1.17 -42.60
CA ALA B 104 -0.56 -1.75 -41.46
C ALA B 104 -2.08 -1.77 -41.66
N GLU B 105 -2.64 -0.68 -42.18
CA GLU B 105 -4.07 -0.64 -42.45
C GLU B 105 -4.46 -1.71 -43.46
N LYS B 106 -3.70 -1.82 -44.55
CA LYS B 106 -4.01 -2.81 -45.57
C LYS B 106 -3.91 -4.23 -45.03
N VAL B 107 -2.88 -4.51 -44.22
CA VAL B 107 -2.69 -5.84 -43.69
C VAL B 107 -3.82 -6.20 -42.73
N GLN B 108 -4.18 -5.28 -41.83
CA GLN B 108 -5.24 -5.58 -40.87
C GLN B 108 -6.59 -5.71 -41.54
N ALA B 109 -6.81 -5.01 -42.66
CA ALA B 109 -8.09 -5.12 -43.36
C ALA B 109 -8.39 -6.55 -43.78
N ALA B 110 -7.35 -7.36 -44.01
CA ALA B 110 -7.50 -8.75 -44.43
C ALA B 110 -7.02 -9.63 -43.28
N HIS B 111 -7.93 -9.96 -42.37
CA HIS B 111 -7.65 -10.84 -41.24
C HIS B 111 -8.85 -11.77 -41.05
N GLN B 112 -8.58 -12.92 -40.42
CA GLN B 112 -9.62 -13.94 -40.24
C GLN B 112 -10.11 -14.08 -38.82
N TRP B 113 -9.34 -13.62 -37.82
CA TRP B 113 -9.70 -13.71 -36.41
C TRP B 113 -9.93 -15.18 -36.00
N ARG B 114 -8.84 -15.94 -36.06
CA ARG B 114 -8.88 -17.32 -35.61
C ARG B 114 -9.10 -17.38 -34.10
N GLU B 115 -9.93 -18.32 -33.67
CA GLU B 115 -10.23 -18.49 -32.25
C GLU B 115 -9.28 -19.46 -31.56
N ASP B 116 -8.39 -20.12 -32.29
CA ASP B 116 -7.48 -21.10 -31.72
C ASP B 116 -6.11 -20.97 -32.39
N PHE B 117 -5.05 -21.10 -31.59
CA PHE B 117 -3.69 -20.96 -32.10
C PHE B 117 -2.78 -22.10 -31.64
N ALA B 118 -3.36 -23.19 -31.13
CA ALA B 118 -2.52 -24.32 -30.74
C ALA B 118 -1.96 -25.05 -31.96
N SER B 119 -2.76 -25.20 -33.01
CA SER B 119 -2.28 -25.87 -34.23
C SER B 119 -1.39 -24.96 -35.05
N ASN B 120 -1.70 -23.66 -35.10
CA ASN B 120 -0.94 -22.68 -35.85
C ASN B 120 -0.29 -21.72 -34.86
N GLU B 121 0.91 -22.08 -34.39
CA GLU B 121 1.61 -21.26 -33.42
C GLU B 121 2.06 -19.95 -34.05
N VAL B 122 2.21 -18.93 -33.22
CA VAL B 122 2.67 -17.61 -33.64
C VAL B 122 4.16 -17.50 -33.29
N VAL B 123 4.96 -17.14 -34.28
CA VAL B 123 6.41 -16.99 -34.11
C VAL B 123 6.71 -15.51 -33.91
N TYR B 124 7.21 -15.16 -32.73
CA TYR B 124 7.53 -13.78 -32.43
C TYR B 124 8.57 -13.75 -31.31
N TYR B 125 9.30 -12.64 -31.24
CA TYR B 125 10.29 -12.43 -30.20
C TYR B 125 9.68 -11.55 -29.11
N ASN B 126 9.59 -12.09 -27.91
CA ASN B 126 9.08 -11.34 -26.76
C ASN B 126 10.27 -10.81 -25.97
N ALA B 127 10.31 -9.49 -25.78
CA ALA B 127 11.39 -8.89 -25.00
C ALA B 127 11.22 -9.23 -23.53
N LYS B 128 12.13 -8.71 -22.71
CA LYS B 128 12.19 -8.93 -21.27
C LYS B 128 11.89 -10.39 -20.90
N ASP B 129 12.63 -11.30 -21.55
CA ASP B 129 12.61 -12.70 -21.18
C ASP B 129 14.03 -13.22 -21.05
N ASP B 130 14.26 -14.04 -20.02
CA ASP B 130 15.58 -14.59 -19.77
C ASP B 130 15.54 -16.12 -19.71
N GLU B 139 5.66 -21.26 -23.86
CA GLU B 139 4.27 -21.18 -23.44
C GLU B 139 3.34 -21.55 -24.60
N PRO B 140 2.18 -22.11 -24.29
CA PRO B 140 1.25 -22.52 -25.36
C PRO B 140 0.72 -21.33 -26.14
N GLY B 141 0.47 -21.55 -27.42
CA GLY B 141 -0.09 -20.57 -28.31
C GLY B 141 0.93 -19.83 -29.15
N SER B 142 2.20 -19.86 -28.77
CA SER B 142 3.22 -19.11 -29.49
C SER B 142 4.58 -19.75 -29.24
N GLN B 143 5.54 -19.41 -30.09
CA GLN B 143 6.91 -19.88 -29.97
C GLN B 143 7.86 -18.71 -30.02
N ARG B 144 8.89 -18.76 -29.16
CA ARG B 144 9.83 -17.66 -29.02
C ARG B 144 10.88 -17.71 -30.14
N ILE B 145 11.74 -16.70 -30.17
CA ILE B 145 12.83 -16.59 -31.13
C ILE B 145 14.09 -16.22 -30.38
N LYS B 146 15.21 -16.86 -30.75
CA LYS B 146 16.50 -16.57 -30.14
C LYS B 146 17.35 -15.76 -31.11
N PRO B 147 17.55 -14.47 -30.86
CA PRO B 147 18.31 -13.64 -31.80
C PRO B 147 19.80 -13.60 -31.48
N VAL B 148 20.56 -13.05 -32.41
CA VAL B 148 22.01 -13.00 -32.27
C VAL B 148 22.45 -11.83 -31.41
N PHE B 149 21.80 -10.68 -31.56
CA PHE B 149 22.06 -9.48 -30.76
C PHE B 149 23.51 -9.02 -30.93
N ILE B 150 23.82 -8.60 -32.16
CA ILE B 150 25.11 -8.00 -32.46
C ILE B 150 25.17 -6.60 -31.83
N GLU B 151 26.36 -6.02 -31.77
CA GLU B 151 26.54 -4.67 -31.29
C GLU B 151 26.61 -3.73 -32.50
N ASP B 152 25.81 -2.66 -32.46
CA ASP B 152 25.71 -1.76 -33.59
C ASP B 152 25.72 -0.32 -33.10
N ALA B 153 26.38 0.55 -33.87
CA ALA B 153 26.52 1.96 -33.52
C ALA B 153 25.18 2.69 -33.66
N ASN B 154 25.15 3.91 -33.12
CA ASN B 154 23.96 4.75 -32.98
C ASN B 154 22.96 4.19 -31.97
N PHE B 155 23.21 3.00 -31.42
CA PHE B 155 22.46 2.45 -30.32
C PHE B 155 23.45 2.06 -29.23
N GLY B 156 23.15 2.44 -27.99
CA GLY B 156 24.03 2.09 -26.90
C GLY B 156 23.88 0.69 -26.37
N ARG B 157 22.96 -0.09 -26.96
CA ARG B 157 22.64 -1.44 -26.50
C ARG B 157 22.88 -2.42 -27.65
N GLN B 158 22.51 -3.68 -27.40
CA GLN B 158 22.61 -4.73 -28.40
C GLN B 158 21.30 -4.85 -29.15
N ILE B 159 21.39 -4.87 -30.49
CA ILE B 159 20.21 -4.89 -31.34
C ILE B 159 20.36 -5.99 -32.38
N SER B 160 19.23 -6.36 -32.98
CA SER B 160 19.20 -7.34 -34.06
C SER B 160 18.31 -6.82 -35.17
N TYR B 161 18.79 -6.91 -36.41
CA TYR B 161 18.06 -6.40 -37.57
C TYR B 161 17.23 -7.47 -38.26
N GLN B 162 17.16 -8.69 -37.72
CA GLN B 162 16.47 -9.77 -38.40
C GLN B 162 14.97 -9.79 -38.12
N HIS B 163 14.52 -9.16 -37.05
CA HIS B 163 13.10 -9.15 -36.71
C HIS B 163 12.82 -7.95 -35.79
N ALA B 164 11.62 -7.90 -35.26
CA ALA B 164 11.17 -6.81 -34.40
C ALA B 164 10.77 -7.37 -33.04
N ALA B 165 11.13 -6.66 -31.97
CA ALA B 165 10.77 -7.09 -30.64
C ALA B 165 9.35 -6.68 -30.30
N VAL B 166 8.78 -7.35 -29.29
CA VAL B 166 7.42 -7.10 -28.84
C VAL B 166 7.44 -6.93 -27.34
N HIS B 167 6.87 -5.83 -26.85
CA HIS B 167 6.74 -5.58 -25.42
C HIS B 167 5.28 -5.72 -25.03
N ILE B 168 5.00 -6.63 -24.11
CA ILE B 168 3.66 -6.85 -23.59
C ILE B 168 3.67 -6.48 -22.11
N PRO B 169 2.82 -5.55 -21.67
CA PRO B 169 2.87 -5.12 -20.27
C PRO B 169 2.52 -6.25 -19.31
N THR B 170 2.92 -6.07 -18.06
CA THR B 170 2.79 -7.14 -17.06
C THR B 170 1.33 -7.54 -16.86
N ASP B 171 0.43 -6.55 -16.78
CA ASP B 171 -0.98 -6.85 -16.51
C ASP B 171 -1.66 -7.55 -17.67
N ILE B 172 -1.08 -7.50 -18.86
CA ILE B 172 -1.66 -8.12 -20.05
C ILE B 172 -0.99 -9.47 -20.26
N TYR B 173 -1.79 -10.51 -20.41
CA TYR B 173 -1.30 -11.87 -20.54
C TYR B 173 -1.19 -12.24 -22.02
N GLU B 174 0.01 -12.62 -22.44
CA GLU B 174 0.20 -13.12 -23.79
C GLU B 174 -0.34 -14.54 -23.90
N GLY B 175 -0.98 -14.85 -25.03
CA GLY B 175 -1.63 -16.12 -25.22
C GLY B 175 -3.14 -16.06 -25.26
N SER B 176 -3.74 -14.91 -24.93
CA SER B 176 -5.17 -14.75 -25.09
C SER B 176 -5.50 -14.47 -26.55
N THR B 177 -6.80 -14.48 -26.86
CA THR B 177 -7.22 -14.32 -28.24
C THR B 177 -6.84 -12.96 -28.81
N ILE B 178 -7.03 -11.89 -28.03
CA ILE B 178 -6.76 -10.55 -28.52
C ILE B 178 -5.29 -10.38 -28.84
N VAL B 179 -4.41 -10.75 -27.90
CA VAL B 179 -2.98 -10.54 -28.10
C VAL B 179 -2.45 -11.46 -29.19
N LEU B 180 -2.96 -12.69 -29.27
CA LEU B 180 -2.50 -13.61 -30.31
C LEU B 180 -2.90 -13.13 -31.69
N ASN B 181 -4.14 -12.66 -31.84
CA ASN B 181 -4.57 -12.10 -33.12
C ASN B 181 -3.76 -10.86 -33.48
N GLU B 182 -3.49 -10.01 -32.49
CA GLU B 182 -2.68 -8.82 -32.75
C GLU B 182 -1.27 -9.20 -33.21
N LEU B 183 -0.66 -10.18 -32.55
CA LEU B 183 0.67 -10.63 -32.97
C LEU B 183 0.64 -11.18 -34.38
N ASN B 184 -0.37 -12.00 -34.69
CA ASN B 184 -0.44 -12.61 -36.01
C ASN B 184 -0.59 -11.56 -37.11
N TRP B 185 -1.49 -10.59 -36.91
CA TRP B 185 -1.67 -9.62 -37.99
C TRP B 185 -0.59 -8.55 -38.02
N THR B 186 0.12 -8.31 -36.91
CA THR B 186 1.21 -7.35 -36.91
C THR B 186 2.55 -7.95 -37.28
N SER B 187 2.64 -9.27 -37.41
CA SER B 187 3.90 -9.87 -37.87
C SER B 187 4.27 -9.43 -39.28
N ALA B 188 3.32 -8.87 -40.03
CA ALA B 188 3.60 -8.45 -41.40
C ALA B 188 4.33 -7.12 -41.49
N LEU B 189 4.54 -6.43 -40.37
CA LEU B 189 5.20 -5.14 -40.38
C LEU B 189 6.73 -5.24 -40.38
N ASP B 190 7.29 -6.43 -40.20
CA ASP B 190 8.73 -6.57 -40.17
C ASP B 190 9.34 -6.25 -41.54
N GLU B 191 8.66 -6.65 -42.62
CA GLU B 191 9.16 -6.32 -43.95
C GLU B 191 9.24 -4.81 -44.16
N VAL B 192 8.20 -4.09 -43.73
CA VAL B 192 8.20 -2.64 -43.89
C VAL B 192 9.25 -2.00 -42.99
N PHE B 193 9.43 -2.53 -41.78
CA PHE B 193 10.49 -2.03 -40.91
C PHE B 193 11.85 -2.18 -41.57
N LYS B 194 12.12 -3.35 -42.14
CA LYS B 194 13.40 -3.59 -42.80
C LYS B 194 13.57 -2.70 -44.01
N LYS B 195 12.51 -2.52 -44.80
CA LYS B 195 12.60 -1.66 -45.98
C LYS B 195 12.87 -0.21 -45.60
N ASN B 196 12.20 0.28 -44.55
CA ASN B 196 12.47 1.62 -44.07
C ASN B 196 13.91 1.76 -43.57
N ARG B 197 14.42 0.74 -42.90
CA ARG B 197 15.82 0.78 -42.46
C ARG B 197 16.78 0.83 -43.65
N GLU B 198 16.52 0.02 -44.68
CA GLU B 198 17.42 0.00 -45.83
C GLU B 198 17.37 1.31 -46.60
N GLU B 199 16.19 1.92 -46.71
CA GLU B 199 16.10 3.18 -47.42
C GLU B 199 16.88 4.28 -46.72
N ASP B 200 16.79 4.35 -45.39
CA ASP B 200 17.51 5.33 -44.58
C ASP B 200 18.27 4.58 -43.48
N PRO B 201 19.54 4.27 -43.71
CA PRO B 201 20.30 3.50 -42.70
C PRO B 201 20.44 4.22 -41.37
N SER B 202 20.30 5.54 -41.33
CA SER B 202 20.40 6.30 -40.09
C SER B 202 19.01 6.51 -39.48
N LEU B 203 18.33 5.40 -39.22
CA LEU B 203 16.98 5.40 -38.69
C LEU B 203 16.97 4.75 -37.32
N LEU B 204 16.35 5.43 -36.36
CA LEU B 204 16.24 4.96 -34.99
C LEU B 204 14.94 4.16 -34.84
N TRP B 205 14.52 3.93 -33.59
CA TRP B 205 13.37 3.06 -33.31
C TRP B 205 12.16 3.44 -34.15
N GLN B 206 11.55 2.43 -34.76
CA GLN B 206 10.22 2.53 -35.35
C GLN B 206 9.31 1.60 -34.57
N VAL B 207 8.24 2.14 -34.00
CA VAL B 207 7.39 1.41 -33.07
C VAL B 207 5.94 1.57 -33.50
N PHE B 208 5.17 0.48 -33.38
CA PHE B 208 3.72 0.50 -33.57
C PHE B 208 3.08 0.20 -32.22
N GLY B 209 2.42 1.19 -31.64
CA GLY B 209 1.75 0.99 -30.37
C GLY B 209 0.31 0.57 -30.54
N SER B 210 0.01 -0.69 -30.20
CA SER B 210 -1.33 -1.21 -30.37
C SER B 210 -2.27 -0.69 -29.31
N ALA B 211 -3.54 -0.55 -29.67
CA ALA B 211 -4.58 -0.29 -28.67
C ALA B 211 -4.78 -1.49 -27.76
N THR B 212 -4.32 -2.68 -28.17
CA THR B 212 -4.38 -3.84 -27.30
C THR B 212 -3.51 -3.65 -26.07
N GLY B 213 -2.32 -3.07 -26.25
CA GLY B 213 -1.44 -2.81 -25.14
C GLY B 213 0.00 -3.16 -25.43
N LEU B 214 0.22 -3.98 -26.46
CA LEU B 214 1.56 -4.42 -26.83
C LEU B 214 2.18 -3.45 -27.83
N ALA B 215 3.50 -3.33 -27.76
CA ALA B 215 4.26 -2.48 -28.65
C ALA B 215 5.26 -3.32 -29.43
N ARG B 216 5.27 -3.15 -30.75
CA ARG B 216 6.20 -3.86 -31.62
C ARG B 216 7.15 -2.85 -32.23
N TYR B 217 8.44 -2.97 -31.90
CA TYR B 217 9.43 -2.00 -32.33
C TYR B 217 10.59 -2.69 -33.03
N TYR B 218 11.22 -1.95 -33.94
CA TYR B 218 12.34 -2.42 -34.74
C TYR B 218 13.48 -1.42 -34.66
N PRO B 219 14.73 -1.88 -34.54
CA PRO B 219 15.20 -3.27 -34.51
C PRO B 219 14.93 -3.95 -33.17
N ALA B 220 14.94 -5.28 -33.15
CA ALA B 220 14.70 -6.00 -31.91
C ALA B 220 15.84 -5.75 -30.92
N SER B 221 15.46 -5.53 -29.66
CA SER B 221 16.43 -5.30 -28.60
C SER B 221 15.77 -5.65 -27.28
N PRO B 222 16.50 -6.22 -26.32
CA PRO B 222 15.89 -6.57 -25.04
C PRO B 222 15.41 -5.35 -24.29
N TRP B 223 14.35 -5.54 -23.51
CA TRP B 223 13.81 -4.47 -22.69
C TRP B 223 14.75 -4.17 -21.53
N VAL B 224 14.66 -2.93 -21.03
CA VAL B 224 15.52 -2.48 -19.95
C VAL B 224 15.28 -3.30 -18.68
N LYS B 232 13.40 -3.67 -11.41
CA LYS B 232 12.37 -3.97 -10.42
C LYS B 232 11.08 -4.41 -11.11
N ILE B 233 10.03 -3.60 -10.94
CA ILE B 233 8.73 -3.86 -11.55
C ILE B 233 8.59 -2.97 -12.77
N ASP B 234 8.27 -3.56 -13.91
CA ASP B 234 8.14 -2.84 -15.17
C ASP B 234 6.72 -2.33 -15.30
N LEU B 235 6.54 -1.00 -15.24
CA LEU B 235 5.24 -0.37 -15.34
C LEU B 235 5.01 0.28 -16.70
N TYR B 236 5.86 0.01 -17.68
CA TYR B 236 5.72 0.63 -18.99
C TYR B 236 4.43 0.17 -19.65
N ASP B 237 3.76 1.12 -20.30
CA ASP B 237 2.57 0.84 -21.09
C ASP B 237 2.55 1.78 -22.29
N VAL B 238 2.40 1.22 -23.49
CA VAL B 238 2.50 2.04 -24.68
C VAL B 238 1.34 3.00 -24.82
N ARG B 239 0.20 2.73 -24.16
CA ARG B 239 -0.96 3.60 -24.28
C ARG B 239 -0.88 4.82 -23.38
N ARG B 240 0.12 4.91 -22.52
CA ARG B 240 0.34 6.09 -21.70
C ARG B 240 1.48 6.96 -22.16
N ARG B 241 2.26 6.51 -23.13
CA ARG B 241 3.40 7.29 -23.60
C ARG B 241 2.90 8.56 -24.30
N PRO B 242 3.62 9.68 -24.16
CA PRO B 242 3.12 10.95 -24.70
C PRO B 242 2.87 10.94 -26.19
N TRP B 243 3.68 10.22 -26.98
CA TRP B 243 3.44 10.18 -28.42
C TRP B 243 2.13 9.45 -28.74
N TYR B 244 1.85 8.36 -28.03
CA TYR B 244 0.58 7.67 -28.23
C TYR B 244 -0.58 8.58 -27.86
N ILE B 245 -0.48 9.30 -26.74
CA ILE B 245 -1.55 10.18 -26.31
C ILE B 245 -1.77 11.28 -27.34
N GLN B 246 -0.70 11.81 -27.91
CA GLN B 246 -0.85 12.87 -28.90
C GLN B 246 -1.37 12.36 -30.23
N GLY B 247 -1.16 11.08 -30.53
CA GLY B 247 -1.69 10.53 -31.77
C GLY B 247 -3.07 9.94 -31.63
N ALA B 248 -3.48 9.65 -30.39
CA ALA B 248 -4.77 9.02 -30.16
C ALA B 248 -5.92 9.99 -30.35
N ALA B 249 -5.76 11.23 -29.90
CA ALA B 249 -6.86 12.18 -29.93
C ALA B 249 -6.32 13.60 -30.02
N SER B 250 -7.21 14.52 -30.35
CA SER B 250 -6.91 15.95 -30.45
C SER B 250 -6.76 16.57 -29.07
N PRO B 251 -6.15 17.75 -28.98
CA PRO B 251 -6.04 18.44 -27.69
C PRO B 251 -7.42 18.71 -27.08
N LYS B 252 -7.46 18.81 -25.76
CA LYS B 252 -8.72 18.85 -25.03
C LYS B 252 -8.71 20.01 -24.05
N ASP B 253 -9.85 20.19 -23.39
CA ASP B 253 -10.11 21.24 -22.40
C ASP B 253 -10.66 20.63 -21.13
N MET B 254 -9.99 19.60 -20.63
CA MET B 254 -10.49 18.82 -19.52
C MET B 254 -10.76 19.68 -18.30
N LEU B 255 -11.88 19.40 -17.63
CA LEU B 255 -12.23 20.01 -16.35
C LEU B 255 -12.67 18.90 -15.41
N ILE B 256 -11.94 18.73 -14.32
CA ILE B 256 -12.15 17.62 -13.40
C ILE B 256 -13.04 18.08 -12.26
N LEU B 257 -14.09 17.32 -11.98
CA LEU B 257 -14.97 17.54 -10.85
C LEU B 257 -14.75 16.42 -9.84
N VAL B 258 -14.48 16.80 -8.60
CA VAL B 258 -14.23 15.84 -7.53
C VAL B 258 -15.29 16.02 -6.46
N ASP B 259 -15.98 14.93 -6.13
CA ASP B 259 -16.98 14.96 -5.05
C ASP B 259 -16.27 14.79 -3.73
N VAL B 260 -16.32 15.83 -2.88
CA VAL B 260 -15.63 15.80 -1.60
C VAL B 260 -16.65 15.83 -0.47
N SER B 261 -17.81 15.24 -0.69
CA SER B 261 -18.78 15.11 0.37
C SER B 261 -18.29 14.10 1.41
N GLY B 262 -19.06 13.98 2.49
CA GLY B 262 -18.63 13.13 3.59
C GLY B 262 -18.55 11.66 3.22
N SER B 263 -19.43 11.20 2.33
CA SER B 263 -19.51 9.79 1.98
C SER B 263 -18.27 9.28 1.27
N VAL B 264 -17.40 10.16 0.78
CA VAL B 264 -16.19 9.75 0.08
C VAL B 264 -14.98 9.71 1.00
N SER B 265 -15.17 9.92 2.29
CA SER B 265 -14.06 9.88 3.23
C SER B 265 -13.62 8.45 3.48
N GLY B 266 -12.31 8.24 3.55
CA GLY B 266 -11.74 6.92 3.82
C GLY B 266 -10.90 6.44 2.65
N LEU B 267 -11.06 5.17 2.31
CA LEU B 267 -10.29 4.58 1.21
C LEU B 267 -10.64 5.19 -0.13
N THR B 268 -11.92 5.45 -0.36
CA THR B 268 -12.33 6.01 -1.65
C THR B 268 -11.77 7.41 -1.86
N LEU B 269 -11.48 8.15 -0.78
CA LEU B 269 -10.88 9.46 -0.94
C LEU B 269 -9.48 9.37 -1.53
N LYS B 270 -8.63 8.51 -0.96
CA LYS B 270 -7.29 8.37 -1.51
C LYS B 270 -7.31 7.70 -2.87
N LEU B 271 -8.28 6.82 -3.12
CA LEU B 271 -8.44 6.28 -4.46
C LEU B 271 -8.76 7.40 -5.45
N ILE B 272 -9.64 8.34 -5.06
CA ILE B 272 -9.97 9.45 -5.93
C ILE B 272 -8.75 10.34 -6.17
N ARG B 273 -7.97 10.59 -5.13
CA ARG B 273 -6.78 11.42 -5.28
C ARG B 273 -5.77 10.78 -6.23
N THR B 274 -5.52 9.48 -6.06
CA THR B 274 -4.59 8.79 -6.95
C THR B 274 -5.13 8.77 -8.38
N SER B 275 -6.44 8.57 -8.55
CA SER B 275 -7.03 8.57 -9.88
C SER B 275 -6.88 9.93 -10.55
N VAL B 276 -7.09 11.01 -9.79
CA VAL B 276 -6.95 12.34 -10.37
C VAL B 276 -5.50 12.59 -10.77
N SER B 277 -4.54 12.18 -9.93
CA SER B 277 -3.14 12.35 -10.30
C SER B 277 -2.80 11.58 -11.57
N GLU B 278 -3.26 10.32 -11.66
CA GLU B 278 -2.98 9.52 -12.85
C GLU B 278 -3.64 10.11 -14.09
N MET B 279 -4.87 10.63 -13.94
CA MET B 279 -5.54 11.29 -15.06
C MET B 279 -4.78 12.53 -15.51
N LEU B 280 -4.27 13.31 -14.55
CA LEU B 280 -3.46 14.47 -14.90
C LEU B 280 -2.17 14.06 -15.61
N GLU B 281 -1.64 12.88 -15.28
CA GLU B 281 -0.41 12.42 -15.91
C GLU B 281 -0.55 12.17 -17.41
N THR B 282 -1.78 12.10 -17.94
CA THR B 282 -2.00 11.87 -19.36
C THR B 282 -2.17 13.16 -20.15
N LEU B 283 -1.99 14.32 -19.53
CA LEU B 283 -2.20 15.60 -20.18
C LEU B 283 -0.87 16.19 -20.63
N SER B 284 -0.86 16.77 -21.82
CA SER B 284 0.33 17.35 -22.42
C SER B 284 0.25 18.87 -22.35
N ASP B 285 1.23 19.52 -22.96
CA ASP B 285 1.31 20.99 -22.92
C ASP B 285 0.33 21.66 -23.87
N ASP B 286 -0.30 20.92 -24.78
CA ASP B 286 -1.31 21.48 -25.65
C ASP B 286 -2.71 21.43 -25.06
N ASP B 287 -2.90 20.73 -23.94
CA ASP B 287 -4.19 20.61 -23.29
C ASP B 287 -4.30 21.62 -22.15
N PHE B 288 -5.53 21.93 -21.79
CA PHE B 288 -5.81 22.88 -20.71
C PHE B 288 -6.72 22.19 -19.70
N VAL B 289 -6.35 22.28 -18.42
CA VAL B 289 -7.03 21.53 -17.36
C VAL B 289 -7.25 22.43 -16.15
N ASN B 290 -8.26 22.07 -15.37
CA ASN B 290 -8.47 22.64 -14.04
C ASN B 290 -9.17 21.60 -13.20
N VAL B 291 -9.02 21.71 -11.89
CA VAL B 291 -9.61 20.78 -10.94
C VAL B 291 -10.53 21.55 -10.00
N ALA B 292 -11.76 21.06 -9.85
CA ALA B 292 -12.74 21.66 -8.97
C ALA B 292 -13.31 20.59 -8.05
N SER B 293 -13.85 21.04 -6.92
CA SER B 293 -14.47 20.16 -5.95
C SER B 293 -15.80 20.76 -5.51
N PHE B 294 -16.70 19.91 -5.03
CA PHE B 294 -18.02 20.39 -4.63
C PHE B 294 -18.61 19.54 -3.52
N ASN B 295 -19.10 20.20 -2.48
CA ASN B 295 -19.92 19.55 -1.44
C ASN B 295 -20.89 20.63 -0.94
N SER B 296 -22.08 20.68 -1.55
CA SER B 296 -23.07 21.72 -1.30
C SER B 296 -22.55 23.10 -1.71
N ASN B 297 -21.34 23.13 -2.27
CA ASN B 297 -20.69 24.37 -2.71
C ASN B 297 -19.51 24.02 -3.59
N ALA B 298 -19.43 24.60 -4.79
CA ALA B 298 -18.38 24.29 -5.74
C ALA B 298 -17.28 25.33 -5.65
N GLN B 299 -16.03 24.87 -5.64
CA GLN B 299 -14.88 25.76 -5.57
C GLN B 299 -13.69 25.08 -6.23
N ASP B 300 -12.68 25.87 -6.54
CA ASP B 300 -11.44 25.37 -7.10
C ASP B 300 -10.51 24.90 -5.99
N VAL B 301 -9.84 23.77 -6.22
CA VAL B 301 -8.95 23.21 -5.22
C VAL B 301 -7.64 23.97 -5.12
N SER B 302 -7.35 24.88 -6.04
CA SER B 302 -6.05 25.53 -6.11
C SER B 302 -6.26 27.03 -6.32
N CYS B 303 -5.18 27.71 -6.65
CA CYS B 303 -5.15 29.17 -6.79
C CYS B 303 -5.42 29.63 -8.22
N PHE B 304 -5.83 28.73 -9.12
CA PHE B 304 -5.86 29.04 -10.54
C PHE B 304 -7.14 29.74 -10.97
N GLN B 305 -8.30 29.23 -10.56
CA GLN B 305 -9.62 29.80 -10.80
C GLN B 305 -10.08 29.72 -12.26
N HIS B 306 -9.27 29.20 -13.17
CA HIS B 306 -9.69 28.99 -14.54
C HIS B 306 -8.76 27.98 -15.18
N LEU B 307 -9.03 27.64 -16.44
CA LEU B 307 -8.21 26.66 -17.14
C LEU B 307 -6.78 27.17 -17.29
N VAL B 308 -5.82 26.26 -17.11
CA VAL B 308 -4.41 26.60 -17.17
C VAL B 308 -3.75 25.68 -18.20
N GLN B 309 -2.50 26.00 -18.53
CA GLN B 309 -1.82 25.40 -19.68
C GLN B 309 -1.45 23.94 -19.47
N ALA B 310 -1.59 23.41 -18.26
CA ALA B 310 -1.33 22.00 -17.97
C ALA B 310 0.10 21.59 -18.34
N ASN B 311 1.06 22.47 -18.08
CA ASN B 311 2.47 22.12 -18.21
C ASN B 311 2.93 21.50 -16.89
N VAL B 312 4.24 21.31 -16.73
CA VAL B 312 4.76 20.59 -15.58
C VAL B 312 4.47 21.35 -14.28
N ARG B 313 4.68 22.67 -14.29
CA ARG B 313 4.46 23.46 -13.08
C ARG B 313 2.99 23.45 -12.67
N ASN B 314 2.09 23.71 -13.61
CA ASN B 314 0.67 23.73 -13.29
C ASN B 314 0.18 22.35 -12.87
N LYS B 315 0.69 21.30 -13.53
CA LYS B 315 0.30 19.95 -13.14
C LYS B 315 0.76 19.63 -11.72
N LYS B 316 1.98 20.04 -11.36
CA LYS B 316 2.44 19.80 -10.00
C LYS B 316 1.62 20.59 -8.99
N VAL B 317 1.26 21.83 -9.32
CA VAL B 317 0.44 22.63 -8.40
C VAL B 317 -0.91 21.96 -8.21
N LEU B 318 -1.53 21.49 -9.29
CA LEU B 318 -2.83 20.83 -9.18
C LEU B 318 -2.73 19.54 -8.38
N LYS B 319 -1.67 18.76 -8.60
CA LYS B 319 -1.48 17.53 -7.84
C LYS B 319 -1.32 17.82 -6.36
N ASP B 320 -0.53 18.83 -6.01
CA ASP B 320 -0.33 19.18 -4.62
C ASP B 320 -1.60 19.72 -3.98
N ALA B 321 -2.42 20.44 -4.75
CA ALA B 321 -3.70 20.91 -4.21
C ALA B 321 -4.67 19.76 -4.00
N VAL B 322 -4.69 18.80 -4.93
CA VAL B 322 -5.62 17.68 -4.81
C VAL B 322 -5.21 16.77 -3.66
N ASN B 323 -3.91 16.56 -3.47
CA ASN B 323 -3.45 15.69 -2.39
C ASN B 323 -3.66 16.28 -1.02
N ASN B 324 -4.34 17.43 -0.89
CA ASN B 324 -4.57 18.09 0.38
C ASN B 324 -6.02 18.53 0.51
N ILE B 325 -6.95 17.66 0.12
CA ILE B 325 -8.37 17.94 0.27
C ILE B 325 -8.95 17.00 1.32
N THR B 326 -10.06 17.43 1.90
CA THR B 326 -10.76 16.67 2.93
C THR B 326 -12.21 16.50 2.53
N ALA B 327 -12.83 15.45 3.05
CA ALA B 327 -14.21 15.09 2.72
C ALA B 327 -15.12 15.47 3.88
N LYS B 328 -16.11 16.31 3.60
CA LYS B 328 -17.08 16.74 4.60
C LYS B 328 -18.21 17.47 3.89
N GLY B 329 -19.45 17.17 4.28
CA GLY B 329 -20.59 17.88 3.73
C GLY B 329 -21.57 17.00 2.98
N ILE B 330 -22.46 17.62 2.22
CA ILE B 330 -23.52 16.94 1.50
C ILE B 330 -23.39 17.26 0.01
N THR B 331 -23.45 16.22 -0.83
CA THR B 331 -23.26 16.41 -2.26
C THR B 331 -24.37 17.26 -2.86
N ASP B 332 -23.99 18.12 -3.81
CA ASP B 332 -24.94 18.91 -4.58
C ASP B 332 -24.45 18.90 -6.03
N TYR B 333 -25.04 18.05 -6.85
CA TYR B 333 -24.58 17.88 -8.22
C TYR B 333 -24.87 19.11 -9.07
N LYS B 334 -26.00 19.79 -8.82
CA LYS B 334 -26.37 20.93 -9.64
C LYS B 334 -25.34 22.05 -9.54
N LYS B 335 -24.91 22.38 -8.32
CA LYS B 335 -23.96 23.46 -8.13
C LYS B 335 -22.62 23.14 -8.78
N GLY B 336 -22.11 21.92 -8.56
CA GLY B 336 -20.84 21.54 -9.15
C GLY B 336 -20.88 21.53 -10.66
N PHE B 337 -21.97 21.01 -11.24
CA PHE B 337 -22.06 20.95 -12.68
C PHE B 337 -22.22 22.33 -13.30
N SER B 338 -22.99 23.21 -12.65
CA SER B 338 -23.10 24.58 -13.14
C SER B 338 -21.76 25.29 -13.06
N PHE B 339 -21.00 25.08 -12.00
CA PHE B 339 -19.67 25.68 -11.89
C PHE B 339 -18.76 25.17 -12.99
N ALA B 340 -18.78 23.87 -13.25
CA ALA B 340 -17.93 23.31 -14.31
C ALA B 340 -18.31 23.86 -15.68
N PHE B 341 -19.61 23.93 -15.96
CA PHE B 341 -20.05 24.46 -17.25
C PHE B 341 -19.72 25.93 -17.40
N GLU B 342 -19.79 26.69 -16.30
CA GLU B 342 -19.39 28.09 -16.37
C GLU B 342 -17.88 28.23 -16.63
N GLN B 343 -17.08 27.39 -15.99
CA GLN B 343 -15.63 27.46 -16.20
C GLN B 343 -15.23 26.97 -17.58
N LEU B 344 -16.04 26.14 -18.23
CA LEU B 344 -15.75 25.70 -19.58
C LEU B 344 -16.21 26.68 -20.64
N LEU B 345 -16.86 27.77 -20.26
CA LEU B 345 -17.38 28.77 -21.17
C LEU B 345 -16.80 30.15 -20.88
N ASN B 346 -15.51 30.21 -20.54
CA ASN B 346 -14.91 31.48 -20.14
C ASN B 346 -14.53 32.32 -21.34
N TYR B 347 -13.59 31.83 -22.16
CA TYR B 347 -13.09 32.47 -23.38
C TYR B 347 -12.34 33.77 -23.12
N ASN B 348 -12.27 34.24 -21.87
CA ASN B 348 -11.43 35.39 -21.57
C ASN B 348 -9.96 35.03 -21.64
N VAL B 349 -9.63 33.79 -21.30
CA VAL B 349 -8.24 33.34 -21.19
C VAL B 349 -7.89 32.48 -22.39
N SER B 350 -6.61 32.17 -22.52
CA SER B 350 -6.15 31.32 -23.62
C SER B 350 -6.57 29.88 -23.36
N ARG B 351 -7.16 29.25 -24.38
CA ARG B 351 -7.64 27.88 -24.26
C ARG B 351 -7.23 27.06 -25.47
N ALA B 352 -7.73 25.83 -25.56
CA ALA B 352 -7.47 25.00 -26.72
C ALA B 352 -8.53 25.12 -27.79
N ASN B 353 -9.73 25.59 -27.44
CA ASN B 353 -10.84 25.71 -28.38
C ASN B 353 -11.11 24.38 -29.07
N CYS B 354 -11.16 23.33 -28.27
CA CYS B 354 -11.22 21.95 -28.75
C CYS B 354 -12.03 21.14 -27.73
N ASN B 355 -11.84 19.82 -27.75
CA ASN B 355 -12.61 18.90 -26.92
C ASN B 355 -12.82 19.43 -25.51
N LYS B 356 -14.07 19.62 -25.15
CA LYS B 356 -14.45 20.08 -23.81
C LYS B 356 -15.07 18.88 -23.10
N ILE B 357 -14.39 18.42 -22.05
CA ILE B 357 -14.79 17.21 -21.35
C ILE B 357 -14.82 17.48 -19.86
N ILE B 358 -15.79 16.89 -19.17
CA ILE B 358 -15.92 17.01 -17.72
C ILE B 358 -15.69 15.64 -17.13
N MET B 359 -14.73 15.54 -16.21
CA MET B 359 -14.43 14.30 -15.51
C MET B 359 -15.07 14.38 -14.14
N LEU B 360 -16.07 13.54 -13.89
CA LEU B 360 -16.77 13.52 -12.62
C LEU B 360 -16.29 12.32 -11.81
N PHE B 361 -15.64 12.59 -10.69
CA PHE B 361 -15.12 11.56 -9.80
C PHE B 361 -16.03 11.49 -8.58
N THR B 362 -16.95 10.51 -8.59
CA THR B 362 -17.91 10.36 -7.51
C THR B 362 -17.86 8.95 -6.94
N ASP B 363 -18.83 8.60 -6.11
CA ASP B 363 -19.06 7.22 -5.71
C ASP B 363 -20.44 6.74 -6.10
N GLY B 364 -21.48 7.52 -5.82
CA GLY B 364 -22.82 7.16 -6.19
C GLY B 364 -23.85 8.14 -5.64
N GLY B 365 -25.07 8.07 -6.14
CA GLY B 365 -26.11 8.95 -5.66
C GLY B 365 -27.39 8.75 -6.44
N GLU B 366 -28.42 9.48 -6.04
CA GLU B 366 -29.73 9.41 -6.68
C GLU B 366 -30.06 10.63 -7.53
N GLU B 367 -29.48 11.79 -7.24
CA GLU B 367 -29.76 12.99 -8.02
C GLU B 367 -29.26 12.82 -9.44
N ARG B 368 -30.08 13.21 -10.41
CA ARG B 368 -29.74 13.09 -11.82
C ARG B 368 -29.33 14.41 -12.47
N ALA B 369 -29.79 15.54 -11.92
CA ALA B 369 -29.44 16.87 -12.43
C ALA B 369 -29.78 17.00 -13.91
N GLN B 370 -30.98 16.55 -14.27
CA GLN B 370 -31.41 16.61 -15.67
C GLN B 370 -31.61 18.06 -16.12
N GLU B 371 -32.05 18.93 -15.23
CA GLU B 371 -32.27 20.34 -15.61
C GLU B 371 -30.95 21.01 -15.98
N ILE B 372 -29.87 20.71 -15.24
CA ILE B 372 -28.58 21.34 -15.51
C ILE B 372 -28.11 20.96 -16.91
N PHE B 373 -28.18 19.67 -17.25
CA PHE B 373 -27.75 19.23 -18.57
C PHE B 373 -28.68 19.74 -19.67
N ASN B 374 -29.97 19.86 -19.38
CA ASN B 374 -30.91 20.42 -20.34
C ASN B 374 -30.79 21.94 -20.45
N LYS B 375 -30.02 22.57 -19.58
CA LYS B 375 -29.81 24.02 -19.63
C LYS B 375 -28.52 24.40 -20.35
N TYR B 376 -27.40 23.81 -19.97
CA TYR B 376 -26.10 24.25 -20.50
C TYR B 376 -25.81 23.63 -21.87
N ASN B 377 -25.68 22.31 -21.92
CA ASN B 377 -25.36 21.62 -23.17
C ASN B 377 -26.61 20.97 -23.79
N LYS B 378 -27.48 21.85 -24.31
CA LYS B 378 -28.65 21.38 -25.04
C LYS B 378 -28.25 20.65 -26.31
N ASP B 379 -27.25 21.16 -27.01
CA ASP B 379 -26.75 20.54 -28.23
C ASP B 379 -25.65 19.51 -27.98
N LYS B 380 -25.33 19.26 -26.70
CA LYS B 380 -24.34 18.25 -26.31
C LYS B 380 -22.99 18.52 -26.96
N LYS B 381 -22.43 19.68 -26.63
CA LYS B 381 -21.10 20.07 -27.08
C LYS B 381 -20.02 19.72 -26.07
N VAL B 382 -20.39 19.19 -24.91
CA VAL B 382 -19.45 18.86 -23.84
C VAL B 382 -19.67 17.41 -23.45
N ARG B 383 -18.63 16.58 -23.57
CA ARG B 383 -18.69 15.20 -23.12
C ARG B 383 -18.51 15.13 -21.62
N VAL B 384 -19.28 14.24 -20.98
CA VAL B 384 -19.21 14.05 -19.54
C VAL B 384 -18.75 12.62 -19.28
N PHE B 385 -17.59 12.47 -18.66
CA PHE B 385 -17.07 11.18 -18.23
C PHE B 385 -17.25 11.06 -16.72
N THR B 386 -17.80 9.94 -16.28
CA THR B 386 -18.04 9.72 -14.86
C THR B 386 -17.31 8.48 -14.39
N PHE B 387 -16.81 8.53 -13.15
CA PHE B 387 -16.07 7.44 -12.55
C PHE B 387 -16.71 7.11 -11.21
N SER B 388 -16.89 5.82 -10.94
CA SER B 388 -17.31 5.34 -9.63
C SER B 388 -16.11 4.73 -8.93
N VAL B 389 -15.69 5.35 -7.83
CA VAL B 389 -14.44 5.02 -7.16
C VAL B 389 -14.73 4.39 -5.82
N GLY B 390 -13.98 3.33 -5.50
CA GLY B 390 -14.07 2.69 -4.21
C GLY B 390 -15.04 1.51 -4.19
N GLN B 391 -15.00 0.77 -3.10
CA GLN B 391 -15.93 -0.33 -2.85
C GLN B 391 -17.12 0.23 -2.08
N HIS B 392 -18.30 0.20 -2.70
CA HIS B 392 -19.51 0.70 -2.07
C HIS B 392 -20.72 0.08 -2.75
N ASN B 393 -21.89 0.36 -2.21
CA ASN B 393 -23.15 -0.16 -2.75
C ASN B 393 -24.12 0.94 -3.13
N TYR B 394 -23.63 2.16 -3.37
CA TYR B 394 -24.50 3.26 -3.71
C TYR B 394 -25.04 3.09 -5.12
N ASP B 395 -26.09 3.87 -5.43
CA ASP B 395 -26.75 3.76 -6.72
C ASP B 395 -25.87 4.34 -7.81
N ARG B 396 -25.53 3.52 -8.80
CA ARG B 396 -24.74 3.95 -9.95
C ARG B 396 -25.60 4.31 -11.15
N GLY B 397 -26.92 4.26 -11.01
CA GLY B 397 -27.82 4.52 -12.11
C GLY B 397 -27.69 5.91 -12.70
N PRO B 398 -27.95 6.94 -11.89
CA PRO B 398 -27.82 8.32 -12.40
C PRO B 398 -26.43 8.64 -12.92
N ILE B 399 -25.40 8.09 -12.30
CA ILE B 399 -24.03 8.32 -12.77
C ILE B 399 -23.87 7.80 -14.20
N GLN B 400 -24.31 6.57 -14.45
CA GLN B 400 -24.23 6.01 -15.80
C GLN B 400 -25.09 6.80 -16.78
N TRP B 401 -26.30 7.19 -16.35
CA TRP B 401 -27.18 7.95 -17.24
C TRP B 401 -26.52 9.24 -17.68
N MET B 402 -26.02 10.02 -16.74
CA MET B 402 -25.38 11.27 -17.09
C MET B 402 -24.05 11.05 -17.82
N ALA B 403 -23.44 9.88 -17.65
CA ALA B 403 -22.23 9.57 -18.39
C ALA B 403 -22.52 9.38 -19.87
N CYS B 404 -23.52 8.57 -20.20
CA CYS B 404 -23.75 8.19 -21.59
C CYS B 404 -25.01 8.85 -22.18
N GLU B 405 -25.44 9.95 -21.60
CA GLU B 405 -26.40 10.84 -22.24
C GLU B 405 -25.75 12.06 -22.88
N ASN B 406 -24.54 12.42 -22.44
CA ASN B 406 -23.81 13.57 -22.96
C ASN B 406 -22.60 13.13 -23.76
N LYS B 407 -22.74 12.07 -24.56
CA LYS B 407 -21.69 11.58 -25.45
C LYS B 407 -20.41 11.22 -24.69
N GLY B 408 -20.55 10.74 -23.47
CA GLY B 408 -19.40 10.38 -22.66
C GLY B 408 -19.25 8.90 -22.45
N TYR B 409 -18.68 8.51 -21.31
CA TYR B 409 -18.43 7.11 -21.00
C TYR B 409 -18.42 6.94 -19.49
N TYR B 410 -18.58 5.70 -19.04
CA TYR B 410 -18.65 5.36 -17.63
C TYR B 410 -17.54 4.36 -17.29
N TYR B 411 -16.86 4.62 -16.17
CA TYR B 411 -15.76 3.78 -15.73
C TYR B 411 -15.89 3.50 -14.23
N GLU B 412 -15.31 2.39 -13.81
CA GLU B 412 -15.33 1.96 -12.42
C GLU B 412 -13.90 1.76 -11.93
N ILE B 413 -13.59 2.30 -10.76
CA ILE B 413 -12.26 2.17 -10.17
C ILE B 413 -12.42 1.63 -8.75
N PRO B 414 -12.56 0.30 -8.56
CA PRO B 414 -12.79 -0.23 -7.22
C PRO B 414 -11.53 -0.44 -6.39
N SER B 415 -10.34 -0.37 -6.98
CA SER B 415 -9.11 -0.62 -6.24
C SER B 415 -7.97 0.13 -6.89
N ILE B 416 -6.77 -0.04 -6.34
CA ILE B 416 -5.59 0.64 -6.87
C ILE B 416 -5.17 0.06 -8.21
N GLY B 417 -5.46 -1.22 -8.45
CA GLY B 417 -5.07 -1.85 -9.70
C GLY B 417 -5.76 -1.24 -10.91
N ALA B 418 -7.03 -0.85 -10.75
CA ALA B 418 -7.81 -0.33 -11.86
C ALA B 418 -7.49 1.12 -12.20
N ILE B 419 -6.74 1.81 -11.34
CA ILE B 419 -6.50 3.25 -11.54
C ILE B 419 -5.74 3.47 -12.84
N ARG B 420 -4.67 2.70 -13.06
CA ARG B 420 -3.81 2.93 -14.20
C ARG B 420 -4.50 2.62 -15.52
N ILE B 421 -5.36 1.61 -15.53
CA ILE B 421 -6.01 1.20 -16.78
C ILE B 421 -7.25 2.03 -17.09
N ASN B 422 -8.01 2.44 -16.07
CA ASN B 422 -9.26 3.14 -16.31
C ASN B 422 -9.11 4.64 -16.50
N THR B 423 -7.92 5.19 -16.25
CA THR B 423 -7.69 6.62 -16.43
C THR B 423 -7.09 6.95 -17.79
N GLN B 424 -6.91 5.96 -18.67
CA GLN B 424 -6.38 6.19 -20.00
C GLN B 424 -7.35 5.79 -21.11
N GLU B 425 -8.51 5.21 -20.76
CA GLU B 425 -9.42 4.65 -21.75
C GLU B 425 -10.36 5.68 -22.37
N TYR B 426 -10.36 6.93 -21.88
CA TYR B 426 -11.25 7.93 -22.47
C TYR B 426 -10.75 8.42 -23.82
N LEU B 427 -9.48 8.17 -24.15
CA LEU B 427 -8.95 8.54 -25.45
C LEU B 427 -9.55 7.69 -26.57
N ASP B 428 -10.11 6.52 -26.24
CA ASP B 428 -10.89 5.78 -27.22
C ASP B 428 -12.15 6.55 -27.61
N VAL B 429 -12.82 7.14 -26.62
CA VAL B 429 -14.02 7.94 -26.90
C VAL B 429 -13.64 9.22 -27.62
N LEU B 430 -12.58 9.88 -27.18
CA LEU B 430 -12.20 11.16 -27.77
C LEU B 430 -11.74 11.02 -29.22
N GLY B 431 -11.31 9.84 -29.63
CA GLY B 431 -10.80 9.63 -30.97
C GLY B 431 -11.81 9.26 -32.02
N ARG B 432 -13.09 9.16 -31.68
CA ARG B 432 -14.10 8.79 -32.68
C ARG B 432 -14.23 9.82 -33.79
N PRO B 433 -14.33 11.13 -33.52
CA PRO B 433 -14.34 12.08 -34.64
C PRO B 433 -13.08 12.04 -35.48
N MET B 434 -11.93 11.75 -34.87
CA MET B 434 -10.69 11.69 -35.62
C MET B 434 -10.72 10.56 -36.64
N VAL B 435 -11.13 9.36 -36.23
CA VAL B 435 -11.20 8.26 -37.16
C VAL B 435 -12.32 8.48 -38.18
N LEU B 436 -13.43 9.09 -37.76
CA LEU B 436 -14.51 9.37 -38.70
C LEU B 436 -14.14 10.41 -39.74
N ALA B 437 -13.17 11.29 -39.44
CA ALA B 437 -12.74 12.28 -40.42
C ALA B 437 -12.16 11.61 -41.66
N GLY B 438 -11.37 10.56 -41.47
CA GLY B 438 -10.82 9.81 -42.57
C GLY B 438 -9.39 10.21 -42.88
N ASP B 439 -9.12 10.47 -44.16
CA ASP B 439 -7.77 10.81 -44.59
C ASP B 439 -7.33 12.19 -44.11
N LYS B 440 -8.28 13.07 -43.77
CA LYS B 440 -7.90 14.39 -43.28
C LYS B 440 -7.21 14.31 -41.93
N ALA B 441 -7.58 13.34 -41.10
CA ALA B 441 -6.97 13.18 -39.79
C ALA B 441 -5.80 12.22 -39.83
N LYS B 442 -4.88 12.43 -40.78
CA LYS B 442 -3.64 11.66 -40.85
C LYS B 442 -2.52 12.65 -41.15
N GLN B 443 -1.98 13.25 -40.11
CA GLN B 443 -0.91 14.23 -40.22
C GLN B 443 0.17 13.87 -39.22
N VAL B 444 1.42 13.89 -39.67
CA VAL B 444 2.53 13.56 -38.79
C VAL B 444 2.71 14.65 -37.75
N GLN B 445 2.72 14.26 -36.48
CA GLN B 445 2.88 15.18 -35.36
C GLN B 445 4.17 14.85 -34.62
N TRP B 446 4.81 15.88 -34.08
CA TRP B 446 6.08 15.74 -33.39
C TRP B 446 5.92 16.12 -31.93
N THR B 447 6.42 15.27 -31.04
CA THR B 447 6.25 15.47 -29.61
C THR B 447 7.31 16.42 -29.07
N ASN B 448 7.22 16.73 -27.79
CA ASN B 448 8.24 17.52 -27.12
C ASN B 448 9.51 16.69 -26.93
N VAL B 449 10.60 17.37 -26.64
CA VAL B 449 11.86 16.68 -26.38
C VAL B 449 11.75 15.92 -25.08
N TYR B 450 11.86 14.59 -25.15
CA TYR B 450 11.77 13.73 -23.97
C TYR B 450 12.88 12.70 -24.02
N LEU B 451 13.24 12.19 -22.83
CA LEU B 451 14.24 11.14 -22.74
C LEU B 451 13.66 9.82 -23.21
N ASP B 452 14.40 9.13 -24.08
CA ASP B 452 13.90 7.89 -24.65
C ASP B 452 13.73 6.82 -23.56
N ALA B 453 12.71 6.00 -23.74
CA ALA B 453 12.45 4.92 -22.78
C ALA B 453 13.49 3.81 -22.85
N LEU B 454 14.19 3.68 -23.98
CA LEU B 454 15.17 2.63 -24.17
C LEU B 454 16.60 3.16 -24.06
N GLU B 455 16.81 4.21 -23.26
CA GLU B 455 18.13 4.77 -22.98
C GLU B 455 18.88 5.11 -24.27
N LEU B 456 18.32 6.07 -25.01
CA LEU B 456 18.94 6.57 -26.23
C LEU B 456 19.21 8.07 -26.17
N GLY B 457 18.84 8.74 -25.09
CA GLY B 457 19.09 10.17 -24.97
C GLY B 457 17.84 11.00 -25.18
N LEU B 458 18.03 12.24 -25.63
CA LEU B 458 16.92 13.13 -25.94
C LEU B 458 16.46 12.89 -27.36
N VAL B 459 15.17 12.57 -27.53
CA VAL B 459 14.60 12.27 -28.84
C VAL B 459 13.25 12.96 -28.97
N ILE B 460 12.81 13.11 -30.21
CA ILE B 460 11.43 13.49 -30.54
C ILE B 460 10.87 12.41 -31.43
N THR B 461 9.54 12.27 -31.42
CA THR B 461 8.87 11.16 -32.08
C THR B 461 7.84 11.68 -33.07
N GLY B 462 7.88 11.18 -34.30
CA GLY B 462 6.78 11.36 -35.21
C GLY B 462 5.62 10.45 -34.85
N THR B 463 4.43 10.78 -35.33
CA THR B 463 3.24 10.07 -34.91
C THR B 463 2.22 10.05 -36.03
N LEU B 464 1.56 8.90 -36.22
CA LEU B 464 0.50 8.75 -37.20
C LEU B 464 -0.49 7.69 -36.74
N PRO B 465 -1.75 8.04 -36.54
CA PRO B 465 -2.73 7.05 -36.11
C PRO B 465 -3.07 6.05 -37.21
N VAL B 466 -3.47 4.85 -36.80
CA VAL B 466 -3.84 3.76 -37.69
C VAL B 466 -5.30 3.42 -37.43
N PHE B 467 -6.10 3.38 -38.50
CA PHE B 467 -7.54 3.22 -38.38
C PHE B 467 -7.95 1.80 -38.78
N ASN B 468 -8.95 1.28 -38.06
CA ASN B 468 -9.56 0.00 -38.43
C ASN B 468 -10.41 0.20 -39.68
N ILE B 469 -9.99 -0.37 -40.80
CA ILE B 469 -10.64 -0.18 -42.08
C ILE B 469 -11.32 -1.46 -42.56
N THR B 470 -11.40 -2.47 -41.71
CA THR B 470 -12.06 -3.72 -42.09
C THR B 470 -13.52 -3.47 -42.42
N GLY B 471 -13.97 -4.04 -43.54
CA GLY B 471 -15.34 -3.89 -43.98
C GLY B 471 -15.63 -2.63 -44.76
N GLN B 472 -14.63 -1.79 -45.02
CA GLN B 472 -14.85 -0.55 -45.76
C GLN B 472 -15.02 -0.77 -47.26
N PHE B 473 -14.65 -1.96 -47.77
CA PHE B 473 -14.83 -2.23 -49.18
C PHE B 473 -16.30 -2.16 -49.58
N GLU B 474 -17.18 -2.72 -48.75
CA GLU B 474 -18.62 -2.66 -48.97
C GLU B 474 -19.31 -1.59 -48.13
N ASN B 475 -18.61 -1.02 -47.15
CA ASN B 475 -19.14 0.07 -46.32
C ASN B 475 -20.43 -0.34 -45.62
N LYS B 476 -20.32 -1.34 -44.74
CA LYS B 476 -21.49 -1.88 -44.06
C LYS B 476 -21.33 -2.04 -42.55
N THR B 477 -20.11 -2.11 -42.01
CA THR B 477 -19.95 -2.41 -40.59
C THR B 477 -20.17 -1.17 -39.73
N ASN B 478 -19.26 -0.19 -39.84
CA ASN B 478 -19.38 1.11 -39.15
C ASN B 478 -19.71 0.95 -37.66
N LEU B 479 -19.31 -0.17 -37.05
CA LEU B 479 -19.67 -0.42 -35.65
C LEU B 479 -18.47 -0.51 -34.74
N LYS B 480 -17.39 -1.18 -35.16
CA LYS B 480 -16.13 -1.20 -34.41
C LYS B 480 -15.02 -0.47 -35.15
N ASN B 481 -15.36 0.22 -36.23
CA ASN B 481 -14.38 0.98 -37.00
C ASN B 481 -14.21 2.40 -36.49
N GLN B 482 -14.85 2.74 -35.39
CA GLN B 482 -14.71 4.05 -34.76
C GLN B 482 -13.57 4.09 -33.75
N LEU B 483 -12.79 3.03 -33.64
CA LEU B 483 -11.63 2.99 -32.77
C LEU B 483 -10.37 2.83 -33.62
N ILE B 484 -9.30 3.47 -33.20
CA ILE B 484 -8.03 3.36 -33.91
C ILE B 484 -7.39 2.03 -33.57
N LEU B 485 -6.73 1.42 -34.56
CA LEU B 485 -5.96 0.21 -34.29
C LEU B 485 -4.78 0.50 -33.36
N GLY B 486 -4.14 1.64 -33.56
CA GLY B 486 -2.97 1.98 -32.76
C GLY B 486 -2.32 3.23 -33.31
N VAL B 487 -1.07 3.45 -32.91
CA VAL B 487 -0.33 4.63 -33.30
C VAL B 487 1.06 4.22 -33.76
N MET B 488 1.48 4.68 -34.93
CA MET B 488 2.82 4.45 -35.44
C MET B 488 3.74 5.60 -35.02
N GLY B 489 4.99 5.27 -34.74
CA GLY B 489 5.94 6.27 -34.31
C GLY B 489 7.33 5.96 -34.82
N VAL B 490 8.11 7.02 -35.02
CA VAL B 490 9.50 6.91 -35.42
C VAL B 490 10.30 7.94 -34.64
N ASP B 491 11.46 7.54 -34.14
CA ASP B 491 12.28 8.38 -33.28
C ASP B 491 13.29 9.17 -34.10
N VAL B 492 13.50 10.42 -33.70
CA VAL B 492 14.54 11.27 -34.25
C VAL B 492 15.38 11.78 -33.08
N SER B 493 16.65 11.41 -33.06
CA SER B 493 17.54 11.85 -31.99
C SER B 493 17.94 13.31 -32.20
N LEU B 494 18.11 14.02 -31.10
CA LEU B 494 18.56 15.40 -31.17
C LEU B 494 19.99 15.52 -31.70
N GLU B 495 20.78 14.45 -31.61
CA GLU B 495 22.11 14.47 -32.22
C GLU B 495 22.03 14.52 -33.73
N ASP B 496 21.00 13.90 -34.33
CA ASP B 496 20.80 13.99 -35.76
C ASP B 496 20.53 15.43 -36.18
N ILE B 497 19.73 16.16 -35.41
CA ILE B 497 19.46 17.56 -35.72
C ILE B 497 20.70 18.41 -35.47
N LYS B 498 21.45 18.11 -34.41
CA LYS B 498 22.69 18.85 -34.13
C LYS B 498 23.73 18.61 -35.22
N ARG B 499 23.67 17.46 -35.90
CA ARG B 499 24.59 17.19 -36.99
C ARG B 499 24.30 18.02 -38.23
N LEU B 500 23.08 18.49 -38.38
CA LEU B 500 22.68 19.29 -39.55
C LEU B 500 22.94 20.78 -39.37
N THR B 501 23.45 21.19 -38.21
CA THR B 501 23.74 22.60 -37.92
C THR B 501 25.18 22.69 -37.47
N PRO B 502 26.12 22.70 -38.41
CA PRO B 502 27.54 22.80 -38.04
C PRO B 502 27.83 24.12 -37.33
N ARG B 503 28.71 24.07 -36.34
CA ARG B 503 29.02 25.24 -35.53
C ARG B 503 30.50 25.60 -35.53
N PHE B 504 31.35 24.82 -36.18
CA PHE B 504 32.79 25.05 -36.13
C PHE B 504 33.28 26.03 -37.19
N THR B 505 32.40 26.48 -38.09
CA THR B 505 32.73 27.52 -39.04
C THR B 505 32.44 28.93 -38.51
N LEU B 506 31.97 29.03 -37.27
CA LEU B 506 31.62 30.29 -36.67
C LEU B 506 32.16 30.33 -35.23
N CYS B 507 32.25 31.54 -34.69
CA CYS B 507 32.93 31.76 -33.42
C CYS B 507 32.18 31.06 -32.29
N PRO B 508 32.87 30.74 -31.20
CA PRO B 508 32.21 29.99 -30.11
C PRO B 508 31.03 30.71 -29.50
N ASN B 509 30.94 32.03 -29.62
CA ASN B 509 29.80 32.76 -29.08
C ASN B 509 28.55 32.62 -29.94
N GLY B 510 28.69 32.18 -31.19
CA GLY B 510 27.54 31.97 -32.04
C GLY B 510 27.00 30.56 -31.94
N TYR B 511 25.71 30.41 -32.22
CA TYR B 511 25.06 29.11 -32.10
C TYR B 511 23.72 29.16 -32.81
N TYR B 512 23.14 27.98 -33.00
CA TYR B 512 21.79 27.82 -33.52
C TYR B 512 20.84 27.47 -32.38
N PHE B 513 19.56 27.73 -32.60
CA PHE B 513 18.53 27.23 -31.71
C PHE B 513 17.19 27.26 -32.44
N ALA B 514 16.42 26.19 -32.28
CA ALA B 514 15.10 26.07 -32.87
C ALA B 514 14.05 26.10 -31.77
N ILE B 515 12.85 26.58 -32.14
CA ILE B 515 11.82 26.87 -31.16
C ILE B 515 10.54 26.12 -31.55
N ASP B 516 9.68 25.94 -30.58
CA ASP B 516 8.39 25.30 -30.70
C ASP B 516 7.28 26.33 -30.85
N PRO B 517 6.13 25.97 -31.38
CA PRO B 517 4.97 26.86 -31.26
C PRO B 517 4.56 27.13 -29.83
N ASN B 518 4.93 26.27 -28.90
CA ASN B 518 4.73 26.52 -27.47
C ASN B 518 5.84 27.35 -26.86
N GLY B 519 6.92 27.61 -27.59
CA GLY B 519 8.03 28.39 -27.11
C GLY B 519 9.20 27.58 -26.62
N TYR B 520 9.05 26.27 -26.45
CA TYR B 520 10.14 25.43 -25.98
C TYR B 520 11.20 25.28 -27.06
N VAL B 521 12.42 24.98 -26.62
CA VAL B 521 13.57 24.91 -27.52
C VAL B 521 13.77 23.46 -27.96
N LEU B 522 13.82 23.24 -29.27
CA LEU B 522 14.16 21.92 -29.79
C LEU B 522 15.64 21.61 -29.57
N LEU B 523 16.51 22.56 -29.91
CA LEU B 523 17.93 22.46 -29.57
C LEU B 523 18.42 23.82 -29.11
N HIS B 524 19.33 23.80 -28.13
CA HIS B 524 19.89 25.01 -27.55
C HIS B 524 21.14 24.62 -26.77
N PRO B 525 22.15 25.49 -26.68
CA PRO B 525 23.34 25.15 -25.89
C PRO B 525 23.04 24.90 -24.42
N ASN B 526 21.97 25.45 -23.88
CA ASN B 526 21.63 25.30 -22.48
C ASN B 526 20.65 24.16 -22.22
N LEU B 527 20.31 23.38 -23.25
CA LEU B 527 19.46 22.21 -23.07
C LEU B 527 20.34 21.00 -22.75
N GLN B 528 20.00 20.28 -21.69
CA GLN B 528 20.82 19.19 -21.21
C GLN B 528 19.98 17.93 -21.08
N PRO B 529 20.61 16.75 -21.18
CA PRO B 529 19.86 15.50 -21.08
C PRO B 529 19.44 15.18 -19.65
N LYS B 530 18.79 16.12 -18.98
CA LYS B 530 18.27 15.93 -17.63
C LYS B 530 16.85 16.43 -17.56
N PRO B 531 16.01 15.80 -16.74
CA PRO B 531 14.64 16.33 -16.56
C PRO B 531 14.67 17.70 -15.92
N ILE B 532 13.72 18.54 -16.32
CA ILE B 532 13.61 19.86 -15.72
C ILE B 532 12.96 19.73 -14.35
N GLY B 533 13.51 20.45 -13.38
CA GLY B 533 13.04 20.34 -12.01
C GLY B 533 11.84 21.22 -11.74
N VAL B 534 11.19 20.94 -10.61
CA VAL B 534 10.04 21.71 -10.16
C VAL B 534 9.87 21.48 -8.66
N GLY B 535 9.58 22.56 -7.94
CA GLY B 535 9.38 22.44 -6.51
C GLY B 535 10.69 22.15 -5.78
N ILE B 536 10.56 21.69 -4.54
CA ILE B 536 11.70 21.36 -3.71
C ILE B 536 11.77 19.84 -3.55
N PRO B 537 12.97 19.24 -3.56
CA PRO B 537 13.10 17.79 -3.43
C PRO B 537 13.10 17.31 -1.98
N THR B 538 11.89 17.12 -1.44
CA THR B 538 11.72 16.62 -0.08
C THR B 538 11.44 15.13 -0.11
N ILE B 539 12.09 14.39 0.79
CA ILE B 539 11.95 12.94 0.90
C ILE B 539 11.59 12.59 2.33
N ASN B 540 10.58 11.74 2.50
CA ASN B 540 10.16 11.31 3.83
C ASN B 540 10.10 9.79 3.91
N SER B 553 11.87 9.42 -16.34
CA SER B 553 11.85 9.44 -17.80
C SER B 553 10.42 9.56 -18.32
N GLN B 554 9.49 9.93 -17.43
CA GLN B 554 8.10 10.07 -17.83
C GLN B 554 7.83 11.46 -18.40
N GLU B 555 8.12 12.50 -17.63
CA GLU B 555 7.84 13.86 -18.08
C GLU B 555 8.85 14.29 -19.14
N PRO B 556 8.43 15.11 -20.10
CA PRO B 556 9.36 15.58 -21.14
C PRO B 556 10.24 16.71 -20.62
N VAL B 557 11.24 17.03 -21.43
CA VAL B 557 12.17 18.12 -21.13
C VAL B 557 11.66 19.33 -21.91
N THR B 558 10.77 20.10 -21.30
CA THR B 558 10.16 21.28 -21.91
C THR B 558 10.80 22.50 -21.27
N LEU B 559 11.82 23.05 -21.94
CA LEU B 559 12.52 24.25 -21.48
C LEU B 559 12.16 25.39 -22.40
N ASP B 560 11.59 26.46 -21.85
CA ASP B 560 11.20 27.60 -22.66
C ASP B 560 12.43 28.35 -23.16
N PHE B 561 12.23 29.11 -24.24
CA PHE B 561 13.31 29.91 -24.79
C PHE B 561 13.74 30.99 -23.80
N LEU B 562 12.79 31.61 -23.11
CA LEU B 562 13.12 32.65 -22.16
C LEU B 562 13.81 32.11 -20.92
N ASP B 563 13.70 30.81 -20.65
CA ASP B 563 14.40 30.20 -19.53
C ASP B 563 15.76 29.63 -19.92
N ALA B 564 16.00 29.42 -21.23
CA ALA B 564 17.30 28.91 -21.66
C ALA B 564 18.39 29.96 -21.52
N GLU B 565 18.06 31.23 -21.73
CA GLU B 565 19.03 32.32 -21.62
C GLU B 565 18.37 33.51 -20.94
N LEU B 566 19.13 34.59 -20.77
CA LEU B 566 18.64 35.76 -20.07
C LEU B 566 17.47 36.39 -20.82
N GLU B 567 16.42 36.73 -20.09
CA GLU B 567 15.22 37.31 -20.67
C GLU B 567 15.42 38.79 -20.95
N ASN B 568 14.62 39.31 -21.88
CA ASN B 568 14.68 40.70 -22.29
C ASN B 568 13.40 41.02 -23.05
N ASP B 569 13.10 42.31 -23.18
CA ASP B 569 11.97 42.73 -23.99
C ASP B 569 12.21 42.40 -25.46
N ILE B 570 13.42 42.65 -25.95
CA ILE B 570 13.75 42.27 -27.33
C ILE B 570 13.69 40.76 -27.49
N LYS B 571 14.11 40.02 -26.48
CA LYS B 571 14.01 38.57 -26.52
C LYS B 571 12.55 38.13 -26.63
N VAL B 572 11.66 38.76 -25.87
CA VAL B 572 10.25 38.40 -25.93
C VAL B 572 9.68 38.71 -27.30
N GLU B 573 10.03 39.87 -27.87
CA GLU B 573 9.55 40.22 -29.19
C GLU B 573 10.05 39.22 -30.24
N ILE B 574 11.32 38.83 -30.16
CA ILE B 574 11.88 37.87 -31.09
C ILE B 574 11.18 36.52 -30.96
N ARG B 575 10.94 36.08 -29.72
CA ARG B 575 10.27 34.81 -29.49
C ARG B 575 8.85 34.84 -30.05
N ASN B 576 8.13 35.94 -29.84
CA ASN B 576 6.78 36.06 -30.38
C ASN B 576 6.78 36.06 -31.90
N LYS B 577 7.74 36.75 -32.52
CA LYS B 577 7.81 36.77 -33.97
C LYS B 577 8.21 35.41 -34.53
N MET B 578 8.97 34.63 -33.76
CA MET B 578 9.38 33.30 -34.20
C MET B 578 8.26 32.28 -34.04
N ILE B 579 7.43 32.43 -33.01
CA ILE B 579 6.44 31.40 -32.70
C ILE B 579 5.39 31.30 -33.80
N ASP B 580 4.84 32.44 -34.22
CA ASP B 580 3.79 32.40 -35.23
C ASP B 580 4.32 32.06 -36.62
N GLY B 581 5.61 32.27 -36.85
CA GLY B 581 6.23 31.82 -38.09
C GLY B 581 6.42 32.92 -39.11
N GLU B 582 7.62 33.46 -39.18
CA GLU B 582 7.95 34.52 -40.12
C GLU B 582 9.45 34.71 -40.13
N SER B 583 9.96 35.21 -41.26
CA SER B 583 11.39 35.52 -41.35
C SER B 583 11.67 36.87 -40.70
N GLY B 584 12.94 37.13 -40.47
CA GLY B 584 13.34 38.39 -39.89
C GLY B 584 14.82 38.41 -39.57
N GLU B 585 15.23 39.54 -39.00
CA GLU B 585 16.62 39.74 -38.57
C GLU B 585 16.71 40.96 -37.67
N LYS B 586 17.38 40.82 -36.52
CA LYS B 586 17.48 41.92 -35.58
C LYS B 586 18.84 41.88 -34.91
N THR B 587 19.53 43.03 -34.91
CA THR B 587 20.79 43.19 -34.20
C THR B 587 20.60 44.22 -33.09
N PHE B 588 21.13 43.90 -31.91
CA PHE B 588 20.94 44.75 -30.73
C PHE B 588 22.07 44.49 -29.75
N ARG B 589 22.01 45.20 -28.62
CA ARG B 589 22.98 45.06 -27.55
C ARG B 589 22.31 44.36 -26.37
N THR B 590 22.88 43.25 -25.95
CA THR B 590 22.32 42.43 -24.88
C THR B 590 23.45 42.01 -23.94
N LEU B 591 23.06 41.52 -22.77
CA LEU B 591 23.99 40.97 -21.79
C LEU B 591 23.85 39.46 -21.78
N VAL B 592 24.99 38.77 -21.91
CA VAL B 592 25.02 37.32 -22.05
C VAL B 592 25.72 36.73 -20.84
N LYS B 593 25.21 35.62 -20.33
CA LYS B 593 25.80 34.94 -19.19
C LYS B 593 26.87 33.95 -19.66
N SER B 594 27.99 33.92 -18.95
CA SER B 594 29.09 33.04 -19.31
C SER B 594 28.73 31.58 -19.00
N GLN B 595 29.57 30.67 -19.48
CA GLN B 595 29.31 29.24 -19.28
C GLN B 595 29.26 28.90 -17.79
N ASP B 596 30.27 29.32 -17.04
CA ASP B 596 30.19 29.23 -15.59
C ASP B 596 29.18 30.26 -15.08
N GLU B 597 28.34 29.84 -14.14
CA GLU B 597 27.27 30.71 -13.63
C GLU B 597 27.83 31.73 -12.64
N ARG B 598 28.82 32.49 -13.12
CA ARG B 598 29.51 33.46 -12.28
C ARG B 598 29.70 34.84 -12.92
N TYR B 599 29.63 34.95 -14.24
CA TYR B 599 29.90 36.22 -14.91
C TYR B 599 28.78 36.56 -15.87
N ILE B 600 28.57 37.86 -16.06
CA ILE B 600 27.65 38.38 -17.07
C ILE B 600 28.39 39.43 -17.88
N ASP B 601 28.32 39.29 -19.20
CA ASP B 601 29.02 40.19 -20.12
C ASP B 601 28.05 40.77 -21.12
N LYS B 602 28.34 41.99 -21.55
CA LYS B 602 27.51 42.70 -22.53
C LYS B 602 28.14 42.60 -23.91
N GLY B 603 27.35 42.18 -24.89
CA GLY B 603 27.86 42.04 -26.24
C GLY B 603 26.77 42.32 -27.26
N ASN B 604 27.21 42.60 -28.48
CA ASN B 604 26.29 42.82 -29.59
C ASN B 604 26.02 41.50 -30.30
N ARG B 605 24.74 41.23 -30.54
CA ARG B 605 24.31 40.00 -31.16
C ARG B 605 23.42 40.31 -32.36
N THR B 606 23.40 39.38 -33.31
CA THR B 606 22.53 39.48 -34.48
C THR B 606 21.72 38.20 -34.57
N TYR B 607 20.39 38.33 -34.48
CA TYR B 607 19.49 37.19 -34.52
C TYR B 607 18.86 37.10 -35.90
N THR B 608 19.08 35.98 -36.57
CA THR B 608 18.48 35.70 -37.87
C THR B 608 17.65 34.43 -37.74
N TRP B 609 16.36 34.52 -38.08
CA TRP B 609 15.46 33.39 -37.91
C TRP B 609 14.60 33.21 -39.14
N THR B 610 14.16 31.97 -39.35
CA THR B 610 13.23 31.62 -40.42
C THR B 610 12.49 30.35 -40.01
N PRO B 611 11.29 30.12 -40.53
CA PRO B 611 10.57 28.89 -40.19
C PRO B 611 10.94 27.74 -41.11
N VAL B 612 11.03 26.54 -40.52
CA VAL B 612 11.17 25.34 -41.32
C VAL B 612 9.83 25.01 -41.94
N ASN B 613 9.82 24.78 -43.26
CA ASN B 613 8.56 24.75 -43.98
C ASN B 613 7.76 23.49 -43.75
N GLY B 614 8.44 22.36 -43.48
CA GLY B 614 7.71 21.11 -43.33
C GLY B 614 6.81 21.10 -42.10
N THR B 615 7.28 21.63 -40.99
CA THR B 615 6.59 21.55 -39.72
C THR B 615 6.42 22.95 -39.12
N ASP B 616 5.98 22.98 -37.86
CA ASP B 616 5.73 24.23 -37.15
C ASP B 616 6.95 24.74 -36.38
N TYR B 617 8.08 24.08 -36.49
CA TYR B 617 9.29 24.56 -35.82
C TYR B 617 9.79 25.83 -36.48
N SER B 618 10.61 26.57 -35.75
CA SER B 618 11.25 27.78 -36.25
C SER B 618 12.69 27.79 -35.81
N LEU B 619 13.61 28.03 -36.74
CA LEU B 619 15.04 27.94 -36.49
C LEU B 619 15.68 29.32 -36.54
N ALA B 620 16.54 29.60 -35.58
CA ALA B 620 17.25 30.87 -35.50
C ALA B 620 18.73 30.62 -35.29
N LEU B 621 19.55 31.54 -35.78
CA LEU B 621 21.01 31.48 -35.62
C LEU B 621 21.47 32.75 -34.93
N VAL B 622 22.12 32.59 -33.78
CA VAL B 622 22.68 33.71 -33.03
C VAL B 622 24.13 33.90 -33.47
N LEU B 623 24.47 35.11 -33.89
CA LEU B 623 25.80 35.35 -34.43
C LEU B 623 26.25 36.76 -34.06
N PRO B 624 27.27 36.91 -33.23
CA PRO B 624 27.71 38.26 -32.84
C PRO B 624 28.46 38.96 -33.94
N THR B 625 28.96 40.16 -33.66
CA THR B 625 29.90 40.81 -34.56
C THR B 625 31.22 40.05 -34.52
N TYR B 626 32.22 40.56 -35.23
CA TYR B 626 33.56 39.95 -35.33
C TYR B 626 33.49 38.47 -35.67
N SER B 627 32.35 38.01 -36.20
CA SER B 627 32.16 36.61 -36.52
C SER B 627 31.51 36.40 -37.88
N PHE B 628 31.17 37.47 -38.61
CA PHE B 628 30.61 37.32 -39.94
C PHE B 628 31.61 36.77 -40.93
N TYR B 629 32.91 36.88 -40.63
CA TYR B 629 33.98 36.36 -41.48
C TYR B 629 34.80 35.36 -40.69
N TYR B 630 35.19 34.27 -41.34
CA TYR B 630 35.94 33.20 -40.69
C TYR B 630 37.14 32.80 -41.54
N ILE B 631 38.06 32.08 -40.92
CA ILE B 631 39.30 31.66 -41.57
C ILE B 631 39.07 30.29 -42.20
N LYS B 632 39.32 30.20 -43.51
CA LYS B 632 39.28 28.94 -44.24
C LYS B 632 40.65 28.71 -44.85
N ALA B 633 41.26 27.57 -44.51
CA ALA B 633 42.62 27.28 -44.96
C ALA B 633 42.59 26.65 -46.35
N LYS B 634 43.36 27.22 -47.27
CA LYS B 634 43.50 26.69 -48.62
C LYS B 634 44.93 26.16 -48.78
N LEU B 635 45.06 24.84 -48.87
CA LEU B 635 46.35 24.21 -49.04
C LEU B 635 46.14 22.76 -49.45
N GLU B 636 46.99 22.28 -50.35
CA GLU B 636 46.89 20.91 -50.82
C GLU B 636 48.23 20.19 -50.94
N GLU B 637 49.34 20.84 -50.58
CA GLU B 637 50.64 20.18 -50.62
C GLU B 637 50.87 19.40 -49.34
N THR B 638 51.40 18.17 -49.49
CA THR B 638 51.59 17.29 -48.36
C THR B 638 52.79 17.66 -47.50
N ILE B 639 53.79 18.34 -48.07
CA ILE B 639 54.98 18.70 -47.30
C ILE B 639 54.61 19.67 -46.19
N THR B 640 53.79 20.68 -46.50
CA THR B 640 53.38 21.64 -45.47
C THR B 640 52.54 20.96 -44.40
N GLN B 641 51.63 20.06 -44.80
CA GLN B 641 50.81 19.35 -43.82
C GLN B 641 51.67 18.49 -42.90
N ALA B 642 52.68 17.81 -43.46
CA ALA B 642 53.56 17.00 -42.63
C ALA B 642 54.39 17.86 -41.69
N ARG B 643 54.92 18.99 -42.18
CA ARG B 643 55.74 19.84 -41.33
C ARG B 643 54.91 20.59 -40.30
N TYR B 644 53.59 20.69 -40.50
CA TYR B 644 52.73 21.25 -39.48
C TYR B 644 52.25 20.22 -38.48
N SER B 645 52.04 18.98 -38.92
CA SER B 645 51.59 17.91 -38.04
C SER B 645 52.72 17.25 -37.25
N GLU B 646 53.98 17.47 -37.64
CA GLU B 646 55.07 16.85 -36.91
C GLU B 646 55.16 17.36 -35.48
N THR B 647 54.72 18.59 -35.23
CA THR B 647 54.79 19.17 -33.89
C THR B 647 53.53 18.89 -33.07
N LEU B 648 53.13 17.62 -33.02
CA LEU B 648 51.98 17.23 -32.22
C LEU B 648 52.21 15.96 -31.39
N LYS B 649 53.28 15.21 -31.63
CA LYS B 649 53.51 14.00 -30.86
C LYS B 649 53.83 14.36 -29.41
N PRO B 650 53.34 13.58 -28.44
CA PRO B 650 53.59 13.92 -27.03
C PRO B 650 55.06 13.94 -26.66
N ASP B 651 55.90 13.14 -27.32
CA ASP B 651 57.33 13.16 -27.02
C ASP B 651 57.97 14.46 -27.44
N ASN B 652 57.44 15.12 -28.47
CA ASN B 652 57.93 16.41 -28.92
C ASN B 652 57.18 17.56 -28.26
N PHE B 653 57.10 17.52 -26.93
CA PHE B 653 56.39 18.54 -26.17
C PHE B 653 57.28 19.41 -25.31
N GLU B 654 58.47 18.92 -24.93
CA GLU B 654 59.36 19.71 -24.08
C GLU B 654 59.80 20.99 -24.76
N GLU B 655 60.10 20.92 -26.05
CA GLU B 655 60.58 22.07 -26.81
C GLU B 655 59.46 22.81 -27.50
N SER B 656 58.21 22.41 -27.31
CA SER B 656 57.07 23.08 -27.92
C SER B 656 55.90 23.34 -26.95
N GLY B 657 55.93 22.78 -25.75
CA GLY B 657 54.84 22.98 -24.81
C GLY B 657 53.80 21.89 -24.89
N TYR B 658 53.16 21.62 -23.75
CA TYR B 658 52.11 20.62 -23.71
C TYR B 658 50.95 21.04 -24.60
N THR B 659 50.57 20.15 -25.51
CA THR B 659 49.56 20.45 -26.52
C THR B 659 48.32 19.61 -26.29
N PHE B 660 47.17 20.27 -26.25
CA PHE B 660 45.88 19.59 -26.19
C PHE B 660 45.25 19.58 -27.57
N ILE B 661 44.24 18.73 -27.73
CA ILE B 661 43.50 18.60 -28.98
C ILE B 661 42.02 18.73 -28.67
N ALA B 662 41.25 19.16 -29.66
CA ALA B 662 39.81 19.28 -29.51
C ALA B 662 39.15 17.97 -29.93
N PRO B 663 38.40 17.32 -29.06
CA PRO B 663 37.74 16.06 -29.45
C PRO B 663 36.63 16.28 -30.46
N ARG B 664 36.96 16.80 -31.62
CA ARG B 664 35.99 17.05 -32.67
C ARG B 664 35.81 15.83 -33.55
N ASP B 665 34.69 15.79 -34.26
CA ASP B 665 34.40 14.70 -35.18
C ASP B 665 35.12 15.03 -36.49
N TYR B 666 36.31 14.44 -36.66
CA TYR B 666 37.05 14.64 -37.89
C TYR B 666 36.63 13.65 -38.96
N CYS B 667 36.33 12.41 -38.57
CA CYS B 667 35.74 11.39 -39.43
C CYS B 667 35.33 10.20 -38.59
N ASN B 668 34.66 9.26 -39.25
CA ASN B 668 34.03 8.14 -38.54
C ASN B 668 35.06 7.25 -37.86
N ASP B 669 36.17 6.96 -38.55
CA ASP B 669 37.14 6.01 -38.03
C ASP B 669 37.93 6.53 -36.84
N LEU B 670 37.80 7.83 -36.51
CA LEU B 670 38.46 8.41 -35.35
C LEU B 670 37.49 8.40 -34.18
N LYS B 671 37.83 7.66 -33.13
CA LYS B 671 36.96 7.51 -31.97
C LYS B 671 37.28 8.57 -30.93
N ILE B 672 36.24 9.07 -30.27
CA ILE B 672 36.39 10.02 -29.16
C ILE B 672 36.43 9.23 -27.86
N SER B 673 37.46 9.47 -27.05
CA SER B 673 37.71 8.66 -25.87
C SER B 673 37.48 9.40 -24.56
N ASP B 674 37.40 10.73 -24.59
CA ASP B 674 37.28 11.55 -23.38
C ASP B 674 38.47 11.19 -22.47
N ASN B 675 39.66 11.21 -23.06
CA ASN B 675 40.89 11.05 -22.30
C ASN B 675 41.86 12.17 -22.62
N ASN B 676 41.94 12.52 -23.90
CA ASN B 676 42.84 13.52 -24.47
C ASN B 676 44.31 13.14 -24.35
N THR B 677 44.62 12.04 -23.67
CA THR B 677 45.98 11.50 -23.67
C THR B 677 46.13 10.42 -24.73
N GLU B 678 45.07 9.67 -25.00
CA GLU B 678 45.05 8.69 -26.07
C GLU B 678 44.37 9.20 -27.34
N PHE B 679 43.48 10.19 -27.21
CA PHE B 679 42.85 10.76 -28.40
C PHE B 679 43.87 11.47 -29.28
N LEU B 680 44.79 12.22 -28.66
CA LEU B 680 45.83 12.89 -29.44
C LEU B 680 46.72 11.88 -30.16
N LEU B 681 47.08 10.79 -29.47
CA LEU B 681 47.89 9.75 -30.10
C LEU B 681 47.15 9.10 -31.26
N ASN B 682 45.86 8.81 -31.06
CA ASN B 682 45.07 8.25 -32.16
C ASN B 682 45.01 9.23 -33.33
N PHE B 683 44.83 10.52 -33.04
CA PHE B 683 44.68 11.51 -34.09
C PHE B 683 45.95 11.64 -34.92
N ASN B 684 47.10 11.82 -34.26
CA ASN B 684 48.30 12.03 -35.06
C ASN B 684 48.81 10.73 -35.69
N GLU B 685 48.54 9.57 -35.07
CA GLU B 685 48.82 8.31 -35.75
C GLU B 685 47.96 8.16 -37.00
N PHE B 686 46.69 8.55 -36.92
CA PHE B 686 45.81 8.51 -38.08
C PHE B 686 46.30 9.46 -39.17
N ILE B 687 46.73 10.65 -38.78
CA ILE B 687 47.17 11.62 -39.78
C ILE B 687 48.51 11.22 -40.38
N ASP B 688 49.32 10.45 -39.65
CA ASP B 688 50.56 9.92 -40.19
C ASP B 688 50.37 8.62 -40.94
N ARG B 689 49.19 8.00 -40.84
CA ARG B 689 48.89 6.73 -41.49
C ARG B 689 47.92 6.86 -42.65
N LYS B 690 46.83 7.59 -42.47
CA LYS B 690 45.84 7.75 -43.53
C LYS B 690 46.40 8.63 -44.64
N THR B 691 45.93 8.36 -45.86
CA THR B 691 46.40 9.12 -47.01
C THR B 691 45.88 10.55 -46.95
N PRO B 692 46.66 11.51 -47.47
CA PRO B 692 46.23 12.92 -47.40
C PRO B 692 44.99 13.22 -48.22
N ASN B 693 44.62 12.37 -49.20
CA ASN B 693 43.45 12.65 -50.01
C ASN B 693 42.18 12.67 -49.19
N ASN B 694 42.14 11.92 -48.08
CA ASN B 694 41.02 11.89 -47.14
C ASN B 694 39.73 11.49 -47.83
N PRO B 695 39.60 10.24 -48.27
CA PRO B 695 38.37 9.83 -48.96
C PRO B 695 37.12 9.94 -48.10
N SER B 696 37.24 9.71 -46.79
CA SER B 696 36.09 9.68 -45.90
C SER B 696 36.33 10.51 -44.64
N CYS B 697 37.19 11.52 -44.74
CA CYS B 697 37.51 12.39 -43.61
C CYS B 697 37.45 13.83 -44.11
N ASN B 698 36.52 14.62 -43.56
CA ASN B 698 36.36 15.99 -44.04
C ASN B 698 37.62 16.81 -43.77
N ALA B 699 38.07 17.52 -44.79
CA ALA B 699 39.38 18.16 -44.77
C ALA B 699 39.36 19.58 -44.20
N ASP B 700 38.19 20.17 -44.01
CA ASP B 700 38.15 21.54 -43.49
C ASP B 700 38.67 21.60 -42.07
N LEU B 701 38.14 20.74 -41.20
CA LEU B 701 38.60 20.71 -39.80
C LEU B 701 40.06 20.32 -39.71
N ILE B 702 40.48 19.34 -40.51
CA ILE B 702 41.88 18.88 -40.48
C ILE B 702 42.81 20.01 -40.90
N ASN B 703 42.48 20.69 -42.01
CA ASN B 703 43.32 21.77 -42.49
C ASN B 703 43.38 22.91 -41.47
N ARG B 704 42.24 23.23 -40.86
CA ARG B 704 42.22 24.29 -39.85
C ARG B 704 43.10 23.93 -38.66
N VAL B 705 43.00 22.69 -38.18
CA VAL B 705 43.75 22.30 -36.99
C VAL B 705 45.24 22.24 -37.29
N LEU B 706 45.63 21.77 -38.48
CA LEU B 706 47.06 21.76 -38.80
C LEU B 706 47.60 23.16 -39.00
N LEU B 707 46.83 24.05 -39.64
CA LEU B 707 47.29 25.42 -39.80
C LEU B 707 47.47 26.09 -38.44
N ASP B 708 46.52 25.90 -37.54
CA ASP B 708 46.62 26.52 -36.23
C ASP B 708 47.73 25.88 -35.41
N ALA B 709 47.99 24.59 -35.61
CA ALA B 709 49.14 23.95 -34.95
C ALA B 709 50.44 24.56 -35.43
N GLY B 710 50.57 24.79 -36.73
CA GLY B 710 51.75 25.44 -37.25
C GLY B 710 51.94 26.83 -36.67
N PHE B 711 50.86 27.61 -36.62
CA PHE B 711 50.94 28.97 -36.07
C PHE B 711 51.35 28.95 -34.60
N THR B 712 50.72 28.08 -33.81
CA THR B 712 51.05 28.00 -32.40
C THR B 712 52.48 27.54 -32.17
N ASN B 713 52.93 26.54 -32.94
CA ASN B 713 54.29 26.05 -32.79
C ASN B 713 55.31 27.11 -33.14
N GLU B 714 55.09 27.84 -34.23
CA GLU B 714 56.06 28.87 -34.60
C GLU B 714 56.05 30.01 -33.60
N LEU B 715 54.89 30.34 -33.03
CA LEU B 715 54.87 31.35 -31.97
C LEU B 715 55.64 30.89 -30.74
N VAL B 716 55.48 29.62 -30.37
CA VAL B 716 56.19 29.10 -29.20
C VAL B 716 57.70 29.11 -29.45
N GLN B 717 58.11 28.68 -30.65
CA GLN B 717 59.54 28.59 -30.93
C GLN B 717 60.18 29.98 -31.04
N ASN B 718 59.52 30.92 -31.72
CA ASN B 718 60.15 32.20 -32.01
C ASN B 718 60.19 33.11 -30.78
N TYR B 719 59.13 33.13 -29.97
CA TYR B 719 59.01 34.10 -28.89
C TYR B 719 59.13 33.45 -27.51
N TRP B 720 58.31 32.45 -27.21
CA TRP B 720 58.25 31.93 -25.85
C TRP B 720 59.58 31.27 -25.46
N SER B 721 60.23 30.58 -26.40
CA SER B 721 61.49 29.92 -26.10
C SER B 721 62.60 30.92 -25.78
N LYS B 722 62.46 32.18 -26.20
CA LYS B 722 63.46 33.19 -25.87
C LYS B 722 63.51 33.45 -24.36
N GLN B 723 62.34 33.52 -23.72
CA GLN B 723 62.24 33.74 -22.28
C GLN B 723 61.78 32.42 -21.65
N LYS B 724 62.75 31.63 -21.18
CA LYS B 724 62.42 30.32 -20.61
C LYS B 724 61.58 30.46 -19.35
N ASN B 725 61.92 31.40 -18.47
CA ASN B 725 61.18 31.59 -17.23
C ASN B 725 61.10 33.08 -16.92
N ILE B 726 59.92 33.50 -16.45
CA ILE B 726 59.68 34.86 -15.99
C ILE B 726 59.25 34.78 -14.54
N LYS B 727 59.84 35.62 -13.69
CA LYS B 727 59.62 35.51 -12.25
C LYS B 727 58.15 35.74 -11.87
N GLY B 728 57.42 36.50 -12.67
CA GLY B 728 56.03 36.80 -12.35
C GLY B 728 55.01 35.90 -13.02
N VAL B 729 55.45 35.11 -13.99
CA VAL B 729 54.56 34.28 -14.80
C VAL B 729 54.82 32.83 -14.48
N LYS B 730 53.75 32.09 -14.16
CA LYS B 730 53.86 30.67 -13.86
C LYS B 730 53.52 29.79 -15.06
N ALA B 731 52.64 30.24 -15.94
CA ALA B 731 52.30 29.48 -17.14
C ALA B 731 51.90 30.45 -18.23
N ARG B 732 52.16 30.06 -19.48
CA ARG B 732 51.74 30.81 -20.65
C ARG B 732 50.98 29.87 -21.58
N PHE B 733 49.77 30.28 -21.96
CA PHE B 733 48.90 29.42 -22.76
C PHE B 733 48.32 30.20 -23.92
N VAL B 734 48.03 29.48 -25.00
CA VAL B 734 47.33 30.02 -26.15
C VAL B 734 46.24 29.03 -26.56
N VAL B 735 45.02 29.53 -26.72
CA VAL B 735 43.88 28.73 -27.15
C VAL B 735 43.36 29.31 -28.45
N THR B 736 43.19 28.46 -29.46
CA THR B 736 42.88 28.91 -30.81
C THR B 736 41.60 28.28 -31.32
N ASP B 737 41.07 28.87 -32.39
CA ASP B 737 39.84 28.36 -33.00
C ASP B 737 40.04 27.00 -33.65
N GLY B 738 41.28 26.62 -33.96
CA GLY B 738 41.52 25.30 -34.54
C GLY B 738 41.17 24.19 -33.58
N GLY B 739 41.42 24.38 -32.29
CA GLY B 739 41.06 23.38 -31.31
C GLY B 739 42.23 22.84 -30.52
N ILE B 740 43.26 23.65 -30.31
CA ILE B 740 44.46 23.23 -29.60
C ILE B 740 44.83 24.29 -28.57
N THR B 741 45.17 23.83 -27.37
CA THR B 741 45.67 24.69 -26.31
C THR B 741 47.08 24.25 -25.94
N ARG B 742 48.02 25.19 -25.97
CA ARG B 742 49.42 24.90 -25.69
C ARG B 742 49.89 25.69 -24.48
N VAL B 743 50.39 24.99 -23.47
CA VAL B 743 50.89 25.64 -22.27
C VAL B 743 52.40 25.59 -22.25
N TYR B 744 53.06 26.73 -22.51
CA TYR B 744 54.52 26.75 -22.58
C TYR B 744 55.19 25.87 -21.53
N PRO B 745 54.94 26.15 -20.23
CA PRO B 745 55.56 25.25 -19.27
C PRO B 745 54.90 23.90 -19.35
N LYS B 746 55.51 22.96 -20.03
CA LYS B 746 54.97 21.62 -20.12
C LYS B 746 54.52 21.17 -18.74
N GLU B 747 55.33 21.45 -17.74
CA GLU B 747 55.00 21.08 -16.37
C GLU B 747 53.63 21.61 -15.98
N ALA B 748 53.35 22.87 -16.31
CA ALA B 748 52.06 23.47 -15.98
C ALA B 748 50.93 22.61 -16.48
N GLY B 749 51.19 21.78 -17.49
CA GLY B 749 50.17 20.93 -18.04
C GLY B 749 49.26 20.25 -17.04
N GLU B 750 49.81 19.47 -16.12
CA GLU B 750 48.95 18.73 -15.21
C GLU B 750 48.07 19.63 -14.36
N ASN B 751 48.33 20.94 -14.35
CA ASN B 751 47.51 21.89 -13.63
C ASN B 751 46.44 22.55 -14.50
N TRP B 752 46.36 22.17 -15.77
CA TRP B 752 45.40 22.76 -16.71
C TRP B 752 44.08 21.99 -16.60
N GLN B 753 43.21 22.46 -15.71
CA GLN B 753 41.90 21.83 -15.50
C GLN B 753 40.83 22.53 -16.33
N GLU B 754 41.04 22.54 -17.63
CA GLU B 754 40.12 23.17 -18.57
C GLU B 754 39.65 22.16 -19.60
N ASN B 755 38.48 22.41 -20.16
CA ASN B 755 37.94 21.55 -21.19
C ASN B 755 38.82 21.62 -22.43
N PRO B 756 39.25 20.47 -22.99
CA PRO B 756 40.09 20.53 -24.20
C PRO B 756 39.40 21.18 -25.38
N GLU B 757 38.07 21.10 -25.46
CA GLU B 757 37.35 21.74 -26.55
C GLU B 757 37.40 23.25 -26.41
N THR B 758 37.78 23.94 -27.49
CA THR B 758 37.87 25.39 -27.46
C THR B 758 36.50 26.03 -27.30
N TYR B 759 35.48 25.48 -27.95
CA TYR B 759 34.16 26.09 -27.94
C TYR B 759 33.45 25.96 -26.59
N GLU B 760 34.00 25.18 -25.65
CA GLU B 760 33.41 25.01 -24.34
C GLU B 760 34.24 25.62 -23.22
N ASP B 761 35.06 26.61 -23.54
CA ASP B 761 35.91 27.28 -22.56
C ASP B 761 35.30 28.63 -22.19
N SER B 762 35.00 28.81 -20.90
CA SER B 762 34.35 30.04 -20.46
C SER B 762 35.25 31.24 -20.67
N PHE B 763 36.53 31.13 -20.32
CA PHE B 763 37.44 32.25 -20.48
C PHE B 763 37.60 32.64 -21.94
N TYR B 764 37.52 31.66 -22.85
CA TYR B 764 37.62 31.97 -24.27
C TYR B 764 36.49 32.90 -24.70
N LYS B 765 35.26 32.57 -24.32
CA LYS B 765 34.13 33.42 -24.70
C LYS B 765 34.18 34.76 -23.97
N ARG B 766 34.59 34.76 -22.70
CA ARG B 766 34.71 36.02 -21.96
C ARG B 766 35.70 36.95 -22.63
N SER B 767 36.84 36.41 -23.08
CA SER B 767 37.83 37.24 -23.76
C SER B 767 37.38 37.63 -25.16
N LEU B 768 36.59 36.78 -25.81
CA LEU B 768 36.05 37.15 -27.12
C LEU B 768 35.09 38.34 -27.00
N ASP B 769 34.24 38.34 -25.98
CA ASP B 769 33.29 39.43 -25.81
C ASP B 769 33.99 40.73 -25.43
N ASN B 770 34.88 40.67 -24.44
CA ASN B 770 35.53 41.87 -23.93
C ASN B 770 36.63 42.33 -24.88
N ASP B 771 36.87 43.64 -24.88
CA ASP B 771 37.94 44.22 -25.68
C ASP B 771 39.27 44.21 -24.93
N ASN B 772 39.25 44.57 -23.65
CA ASN B 772 40.45 44.64 -22.84
C ASN B 772 40.79 43.27 -22.27
N TYR B 773 41.75 43.23 -21.34
CA TYR B 773 42.12 41.98 -20.69
C TYR B 773 41.02 41.51 -19.75
N VAL B 774 40.99 40.19 -19.51
CA VAL B 774 39.98 39.57 -18.66
C VAL B 774 40.68 38.72 -17.62
N PHE B 775 40.31 38.92 -16.35
CA PHE B 775 40.83 38.13 -15.24
C PHE B 775 39.77 37.11 -14.81
N THR B 776 40.20 35.87 -14.63
CA THR B 776 39.30 34.79 -14.22
C THR B 776 39.66 34.39 -12.79
N ALA B 777 38.67 34.46 -11.91
CA ALA B 777 38.89 34.13 -10.51
C ALA B 777 38.97 32.63 -10.32
N PRO B 778 39.93 32.11 -9.57
CA PRO B 778 39.98 30.67 -9.29
C PRO B 778 38.83 30.25 -8.40
N TYR B 779 38.65 28.94 -8.31
CA TYR B 779 37.55 28.40 -7.53
C TYR B 779 37.88 28.42 -6.04
N PHE B 780 36.97 27.89 -5.24
CA PHE B 780 37.08 27.97 -3.79
C PHE B 780 36.74 26.61 -3.17
N ASN B 781 37.09 26.46 -1.90
CA ASN B 781 36.82 25.25 -1.13
C ASN B 781 37.45 24.03 -1.78
N LYS B 782 38.72 24.18 -2.16
CA LYS B 782 39.55 23.11 -2.75
C LYS B 782 38.76 22.24 -3.72
N SER B 783 38.23 22.88 -4.74
CA SER B 783 37.54 22.18 -5.83
C SER B 783 38.51 21.45 -6.76
N GLY B 784 39.78 21.40 -6.36
CA GLY B 784 40.82 20.81 -7.17
C GLY B 784 42.14 21.49 -6.87
N PRO B 785 43.19 21.12 -7.61
CA PRO B 785 44.48 21.77 -7.42
C PRO B 785 44.59 23.06 -8.23
N GLY B 786 45.22 24.06 -7.63
CA GLY B 786 45.44 25.31 -8.34
C GLY B 786 45.17 26.57 -7.51
N ALA B 787 44.85 26.39 -6.23
CA ALA B 787 44.62 27.55 -5.37
C ALA B 787 45.87 28.41 -5.25
N TYR B 788 47.03 27.77 -5.04
CA TYR B 788 48.31 28.45 -4.97
C TYR B 788 49.30 28.01 -6.04
N GLU B 789 49.14 26.82 -6.62
CA GLU B 789 50.08 26.30 -7.60
C GLU B 789 49.71 26.65 -9.03
N SER B 790 48.64 27.40 -9.25
CA SER B 790 48.24 27.82 -10.59
C SER B 790 48.36 29.33 -10.76
N GLY B 791 47.70 30.10 -9.91
CA GLY B 791 47.73 31.55 -10.00
C GLY B 791 46.46 32.12 -10.60
N ILE B 792 46.48 33.45 -10.75
CA ILE B 792 45.35 34.18 -11.30
C ILE B 792 45.46 34.16 -12.82
N MET B 793 44.43 33.62 -13.48
CA MET B 793 44.45 33.51 -14.93
C MET B 793 44.05 34.83 -15.58
N VAL B 794 44.77 35.19 -16.65
CA VAL B 794 44.48 36.36 -17.45
C VAL B 794 44.38 35.92 -18.90
N SER B 795 43.68 36.72 -19.71
CA SER B 795 43.50 36.39 -21.11
C SER B 795 43.32 37.66 -21.92
N LYS B 796 43.52 37.52 -23.22
CA LYS B 796 43.36 38.65 -24.14
C LYS B 796 43.12 38.08 -25.54
N ALA B 797 42.04 38.54 -26.18
CA ALA B 797 41.70 38.05 -27.50
C ALA B 797 42.63 38.65 -28.55
N VAL B 798 42.99 37.85 -29.54
CA VAL B 798 43.84 38.28 -30.64
C VAL B 798 42.96 38.87 -31.72
N GLU B 799 43.12 40.17 -31.97
CA GLU B 799 42.37 40.87 -33.01
C GLU B 799 43.22 40.95 -34.27
N ILE B 800 42.59 40.66 -35.41
CA ILE B 800 43.29 40.54 -36.68
C ILE B 800 42.55 41.35 -37.74
N TYR B 801 43.31 42.09 -38.53
CA TYR B 801 42.78 42.84 -39.66
C TYR B 801 43.47 42.33 -40.93
N ILE B 802 42.71 41.66 -41.78
CA ILE B 802 43.24 41.09 -43.02
C ILE B 802 43.16 42.14 -44.12
N GLN B 803 41.96 42.62 -44.40
CA GLN B 803 41.73 43.72 -45.35
C GLN B 803 40.80 44.75 -44.72
N GLY B 804 41.12 45.15 -43.48
CA GLY B 804 40.24 46.04 -42.76
C GLY B 804 39.07 45.34 -42.10
N LYS B 805 39.11 44.01 -41.99
CA LYS B 805 38.02 43.21 -41.45
C LYS B 805 38.46 42.63 -40.12
N LEU B 806 37.65 42.84 -39.08
CA LEU B 806 38.00 42.39 -37.75
C LEU B 806 37.89 40.87 -37.66
N LEU B 807 38.91 40.24 -37.08
CA LEU B 807 38.93 38.80 -36.90
C LEU B 807 39.54 38.47 -35.55
N LYS B 808 38.96 37.50 -34.86
CA LYS B 808 39.41 37.07 -33.53
C LYS B 808 39.63 35.57 -33.56
N PRO B 809 40.77 35.11 -34.08
CA PRO B 809 40.97 33.66 -34.25
C PRO B 809 41.44 32.93 -33.00
N ALA B 810 42.07 33.61 -32.04
CA ALA B 810 42.63 32.94 -30.89
C ALA B 810 42.71 33.90 -29.73
N VAL B 811 42.92 33.35 -28.54
CA VAL B 811 43.20 34.14 -27.34
C VAL B 811 44.50 33.64 -26.73
N VAL B 812 45.19 34.54 -26.03
CA VAL B 812 46.42 34.23 -25.33
C VAL B 812 46.30 34.76 -23.91
N GLY B 813 47.13 34.22 -23.03
CA GLY B 813 47.09 34.66 -21.65
C GLY B 813 48.18 33.99 -20.84
N ILE B 814 48.26 34.40 -19.57
CA ILE B 814 49.24 33.87 -18.64
C ILE B 814 48.55 33.59 -17.31
N LYS B 815 49.20 32.78 -16.49
CA LYS B 815 48.75 32.51 -15.13
C LYS B 815 49.68 33.25 -14.19
N ILE B 816 49.26 34.45 -13.76
CA ILE B 816 50.10 35.28 -12.91
C ILE B 816 50.28 34.60 -11.57
N ASP B 817 51.54 34.46 -11.14
CA ASP B 817 51.83 33.87 -9.84
C ASP B 817 51.29 34.76 -8.74
N VAL B 818 50.59 34.14 -7.78
CA VAL B 818 49.96 34.91 -6.71
C VAL B 818 51.01 35.54 -5.80
N ASN B 819 52.11 34.82 -5.54
CA ASN B 819 53.12 35.32 -4.62
C ASN B 819 53.79 36.58 -5.14
N SER B 820 54.18 36.58 -6.42
CA SER B 820 54.84 37.76 -6.99
C SER B 820 53.90 38.96 -7.00
N TRP B 821 52.63 38.74 -7.38
CA TRP B 821 51.68 39.84 -7.43
C TRP B 821 51.39 40.38 -6.03
N ILE B 822 51.27 39.50 -5.04
CA ILE B 822 51.02 39.98 -3.68
C ILE B 822 52.24 40.70 -3.13
N GLU B 823 53.45 40.27 -3.49
CA GLU B 823 54.65 40.98 -3.07
C GLU B 823 54.71 42.38 -3.69
N ASN B 824 54.37 42.49 -4.98
CA ASN B 824 54.31 43.80 -5.61
C ASN B 824 53.20 44.65 -5.01
N PHE B 825 52.11 44.03 -4.60
CA PHE B 825 51.02 44.74 -3.93
C PHE B 825 51.48 45.31 -2.59
N THR B 826 52.27 44.54 -1.84
CA THR B 826 52.77 45.00 -0.56
C THR B 826 53.67 46.23 -0.72
N LYS B 827 54.55 46.21 -1.71
CA LYS B 827 55.46 47.31 -1.95
C LYS B 827 54.72 48.57 -2.37
N ARG B 843 50.78 45.23 4.41
CA ARG B 843 50.89 43.81 4.69
C ARG B 843 50.47 43.52 6.13
N ASN B 844 49.36 42.78 6.28
CA ASN B 844 48.80 42.43 7.59
C ASN B 844 48.52 43.68 8.42
N SER B 845 48.10 44.75 7.75
CA SER B 845 47.79 46.00 8.43
C SER B 845 46.40 45.93 9.05
N ASP B 846 46.33 46.09 10.36
CA ASP B 846 45.06 46.00 11.07
C ASP B 846 44.28 47.31 11.06
N VAL B 847 44.81 48.36 10.43
CA VAL B 847 44.11 49.63 10.33
C VAL B 847 43.21 49.69 9.10
N MET B 848 43.67 49.14 7.97
CA MET B 848 42.92 49.17 6.74
C MET B 848 43.30 47.96 5.90
N ASP B 849 42.41 47.61 4.97
CA ASP B 849 42.66 46.54 4.01
C ASP B 849 42.28 47.02 2.62
N CYS B 850 43.15 46.75 1.65
CA CYS B 850 42.91 47.11 0.26
C CYS B 850 42.77 45.84 -0.57
N VAL B 851 41.69 45.74 -1.35
CA VAL B 851 41.37 44.54 -2.10
C VAL B 851 41.21 44.91 -3.57
N ILE B 852 41.34 43.88 -4.42
CA ILE B 852 41.12 43.99 -5.85
C ILE B 852 40.04 43.00 -6.25
N LEU B 853 39.04 43.47 -6.97
CA LEU B 853 37.92 42.65 -7.39
C LEU B 853 37.76 42.73 -8.90
N ASP B 854 37.09 41.73 -9.46
CA ASP B 854 36.83 41.64 -10.88
C ASP B 854 35.34 41.82 -11.15
N ASP B 855 34.93 41.56 -12.39
CA ASP B 855 33.53 41.65 -12.76
C ASP B 855 32.76 40.46 -12.19
N GLY B 856 32.16 40.65 -11.01
CA GLY B 856 31.48 39.57 -10.34
C GLY B 856 31.72 39.59 -8.85
N GLY B 857 32.51 40.55 -8.39
CA GLY B 857 32.80 40.69 -6.97
C GLY B 857 33.56 39.53 -6.38
N PHE B 858 34.46 38.92 -7.15
CA PHE B 858 35.27 37.82 -6.67
C PHE B 858 36.62 38.34 -6.20
N LEU B 859 37.06 37.85 -5.05
CA LEU B 859 38.31 38.33 -4.47
C LEU B 859 39.51 37.79 -5.23
N LEU B 860 40.52 38.64 -5.40
CA LEU B 860 41.81 38.23 -5.93
C LEU B 860 42.90 38.24 -4.86
N MET B 861 42.99 39.31 -4.07
CA MET B 861 43.78 39.32 -2.85
C MET B 861 43.39 40.55 -2.03
N ALA B 862 43.95 40.61 -0.82
CA ALA B 862 43.70 41.70 0.09
C ALA B 862 45.02 42.05 0.78
N ASN B 863 44.94 42.88 1.83
CA ASN B 863 46.11 43.28 2.58
C ASN B 863 46.22 42.62 3.94
N HIS B 864 45.19 41.88 4.38
CA HIS B 864 45.20 41.25 5.69
C HIS B 864 45.86 39.88 5.69
N ASP B 865 46.14 39.31 4.52
CA ASP B 865 46.76 37.99 4.39
C ASP B 865 45.88 36.89 4.98
N ASP B 866 44.70 37.26 5.45
CA ASP B 866 43.68 36.29 5.83
C ASP B 866 42.60 36.13 4.77
N TYR B 867 42.27 37.22 4.06
CA TYR B 867 41.42 37.10 2.89
C TYR B 867 42.14 36.40 1.74
N THR B 868 43.47 36.46 1.73
CA THR B 868 44.24 35.79 0.69
C THR B 868 44.10 34.27 0.78
N ASN B 869 43.96 33.72 1.99
CA ASN B 869 43.75 32.29 2.13
C ASN B 869 42.45 31.86 1.45
N GLN B 870 41.39 32.64 1.59
CA GLN B 870 40.13 32.38 0.90
C GLN B 870 40.18 33.06 -0.45
N ILE B 871 40.91 32.44 -1.38
CA ILE B 871 41.08 32.99 -2.71
C ILE B 871 39.87 32.65 -3.56
N GLY B 872 39.58 33.51 -4.53
CA GLY B 872 38.48 33.26 -5.45
C GLY B 872 37.13 33.11 -4.78
N ARG B 873 36.87 33.90 -3.75
CA ARG B 873 35.61 33.85 -3.03
C ARG B 873 34.84 35.14 -3.25
N PHE B 874 33.51 35.03 -3.26
CA PHE B 874 32.67 36.20 -3.44
C PHE B 874 32.90 37.19 -2.30
N PHE B 875 33.04 38.47 -2.66
CA PHE B 875 33.36 39.48 -1.67
C PHE B 875 32.25 39.66 -0.64
N GLY B 876 31.01 39.33 -0.98
CA GLY B 876 29.93 39.45 -0.03
C GLY B 876 29.88 38.36 1.01
N GLU B 877 30.55 37.23 0.76
CA GLU B 877 30.56 36.13 1.71
C GLU B 877 31.55 36.33 2.84
N ILE B 878 32.40 37.35 2.76
CA ILE B 878 33.36 37.65 3.81
C ILE B 878 33.13 39.03 4.41
N ASP B 879 32.83 40.03 3.57
CA ASP B 879 32.59 41.39 4.02
C ASP B 879 31.26 41.85 3.42
N PRO B 880 30.14 41.35 3.94
CA PRO B 880 28.84 41.64 3.31
C PRO B 880 28.46 43.12 3.29
N SER B 881 28.87 43.89 4.28
CA SER B 881 28.43 45.28 4.37
C SER B 881 28.95 46.10 3.19
N LEU B 882 30.25 46.00 2.90
CA LEU B 882 30.82 46.77 1.80
C LEU B 882 30.23 46.33 0.47
N MET B 883 30.03 45.02 0.27
CA MET B 883 29.41 44.53 -0.95
C MET B 883 28.01 45.07 -1.12
N ARG B 884 27.22 45.05 -0.04
CA ARG B 884 25.85 45.55 -0.11
C ARG B 884 25.84 47.04 -0.42
N HIS B 885 26.75 47.80 0.18
CA HIS B 885 26.81 49.23 -0.12
C HIS B 885 27.23 49.47 -1.57
N LEU B 886 28.19 48.69 -2.08
CA LEU B 886 28.61 48.84 -3.46
C LEU B 886 27.45 48.57 -4.41
N VAL B 887 26.66 47.54 -4.12
CA VAL B 887 25.45 47.31 -4.92
C VAL B 887 24.49 48.48 -4.79
N ASN B 888 24.38 49.06 -3.59
CA ASN B 888 23.43 50.13 -3.34
C ASN B 888 23.78 51.39 -4.13
N ILE B 889 25.07 51.74 -4.20
CA ILE B 889 25.49 52.98 -4.85
C ILE B 889 25.54 52.79 -6.36
N SER B 890 25.11 51.61 -6.83
CA SER B 890 25.02 51.29 -8.25
C SER B 890 26.39 51.30 -8.92
N VAL B 891 27.36 50.69 -8.26
CA VAL B 891 28.62 50.34 -8.91
C VAL B 891 28.59 48.92 -9.44
N TYR B 892 27.77 48.04 -8.88
CA TYR B 892 27.57 46.68 -9.35
C TYR B 892 26.09 46.46 -9.66
N ALA B 893 25.83 45.81 -10.78
CA ALA B 893 24.48 45.39 -11.13
C ALA B 893 24.41 43.88 -11.08
N PHE B 894 23.26 43.36 -10.64
CA PHE B 894 23.07 41.92 -10.52
C PHE B 894 21.75 41.53 -11.17
N ASN B 895 21.73 40.35 -11.77
CA ASN B 895 20.52 39.78 -12.37
C ASN B 895 20.39 38.33 -11.94
N LYS B 896 19.18 37.94 -11.55
CA LYS B 896 18.89 36.61 -11.06
C LYS B 896 18.12 35.83 -12.11
N SER B 897 18.39 34.52 -12.18
CA SER B 897 17.76 33.64 -13.15
C SER B 897 17.37 32.35 -12.44
N TYR B 898 16.79 31.42 -13.20
CA TYR B 898 16.39 30.13 -12.68
C TYR B 898 16.99 29.03 -13.56
N ASP B 899 17.61 28.05 -12.93
CA ASP B 899 18.17 26.89 -13.62
C ASP B 899 17.25 25.71 -13.33
N TYR B 900 16.36 25.41 -14.27
CA TYR B 900 15.38 24.36 -14.07
C TYR B 900 15.97 22.95 -14.17
N GLN B 901 17.17 22.81 -14.72
CA GLN B 901 17.84 21.52 -14.82
C GLN B 901 19.11 21.59 -13.97
N SER B 902 18.96 21.29 -12.68
CA SER B 902 20.08 21.28 -11.76
C SER B 902 19.83 20.25 -10.68
N VAL B 903 20.86 19.46 -10.36
CA VAL B 903 20.73 18.42 -9.36
C VAL B 903 20.73 19.05 -7.97
N CYS B 904 19.82 18.60 -7.12
CA CYS B 904 19.63 19.16 -5.80
C CYS B 904 19.72 18.05 -4.75
N GLU B 905 20.37 18.37 -3.63
CA GLU B 905 20.41 17.43 -2.51
C GLU B 905 19.02 17.32 -1.89
N PRO B 906 18.55 16.12 -1.58
CA PRO B 906 17.22 15.97 -1.00
C PRO B 906 17.14 16.62 0.38
N GLY B 907 15.93 17.08 0.72
CA GLY B 907 15.68 17.72 1.98
C GLY B 907 14.88 16.85 2.93
N ALA B 908 14.50 17.46 4.05
CA ALA B 908 13.70 16.79 5.06
C ALA B 908 12.22 16.98 4.75
N ALA B 909 11.36 16.62 5.71
CA ALA B 909 9.91 16.77 5.54
C ALA B 909 9.22 17.01 6.87
N SER B 970 19.96 8.94 -3.13
CA SER B 970 20.30 9.62 -4.38
C SER B 970 19.95 11.11 -4.30
N LYS B 971 19.91 11.76 -5.46
CA LYS B 971 19.62 13.18 -5.55
C LYS B 971 18.58 13.41 -6.65
N GLN B 972 17.81 14.49 -6.48
CA GLN B 972 16.75 14.85 -7.41
C GLN B 972 17.12 16.11 -8.17
N SER B 973 16.22 16.53 -9.06
CA SER B 973 16.38 17.74 -9.85
C SER B 973 15.34 18.76 -9.43
N CYS B 974 15.77 19.99 -9.17
CA CYS B 974 14.89 21.04 -8.71
C CYS B 974 15.34 22.38 -9.27
N ILE B 975 14.42 23.35 -9.24
CA ILE B 975 14.73 24.69 -9.69
C ILE B 975 15.77 25.31 -8.76
N THR B 976 16.70 26.07 -9.34
CA THR B 976 17.75 26.74 -8.60
C THR B 976 17.83 28.18 -9.04
N GLU B 977 17.90 29.10 -8.08
CA GLU B 977 18.02 30.52 -8.38
C GLU B 977 19.50 30.88 -8.51
N GLN B 978 19.89 31.36 -9.69
CA GLN B 978 21.25 31.76 -9.97
C GLN B 978 21.33 33.27 -10.04
N THR B 979 22.43 33.83 -9.52
CA THR B 979 22.67 35.26 -9.55
C THR B 979 24.09 35.52 -10.00
N GLN B 980 24.27 36.63 -10.71
CA GLN B 980 25.58 37.06 -11.18
C GLN B 980 25.67 38.57 -11.06
N TYR B 981 26.90 39.06 -10.88
CA TYR B 981 27.14 40.48 -10.71
C TYR B 981 28.04 40.99 -11.82
N PHE B 982 27.87 42.26 -12.18
CA PHE B 982 28.66 42.86 -13.25
C PHE B 982 28.68 44.37 -13.06
N PHE B 983 29.61 45.01 -13.75
CA PHE B 983 29.77 46.46 -13.66
C PHE B 983 28.54 47.16 -14.21
N ASP B 984 28.11 48.22 -13.53
CA ASP B 984 26.86 48.88 -13.88
C ASP B 984 27.13 50.14 -14.72
N ASN B 985 27.90 51.08 -14.17
CA ASN B 985 28.22 52.32 -14.87
C ASN B 985 29.61 52.26 -15.48
N ASP B 986 29.91 53.27 -16.30
CA ASP B 986 31.22 53.44 -16.91
C ASP B 986 32.13 54.34 -16.09
N SER B 987 31.66 54.86 -14.96
CA SER B 987 32.48 55.72 -14.12
C SER B 987 33.64 54.93 -13.51
N LYS B 988 34.70 55.64 -13.16
CA LYS B 988 35.93 55.03 -12.70
C LYS B 988 36.19 55.17 -11.21
N SER B 989 35.88 56.32 -10.62
CA SER B 989 36.15 56.59 -9.21
C SER B 989 34.84 56.53 -8.43
N PHE B 990 34.85 55.79 -7.32
CA PHE B 990 33.68 55.66 -6.46
C PHE B 990 34.14 55.82 -5.02
N SER B 991 33.71 56.88 -4.36
CA SER B 991 34.11 57.19 -3.00
C SER B 991 32.88 57.47 -2.15
N GLY B 992 32.95 57.07 -0.88
CA GLY B 992 31.84 57.28 0.02
C GLY B 992 32.17 56.81 1.42
N VAL B 993 31.17 56.91 2.29
CA VAL B 993 31.29 56.47 3.68
C VAL B 993 30.10 55.56 4.00
N LEU B 994 30.38 54.38 4.54
CA LEU B 994 29.34 53.43 4.90
C LEU B 994 28.86 53.73 6.32
N ASP B 995 27.55 53.73 6.51
CA ASP B 995 26.93 53.98 7.81
C ASP B 995 26.40 52.65 8.33
N CYS B 996 27.20 51.98 9.17
CA CYS B 996 26.85 50.68 9.72
C CYS B 996 26.27 50.78 11.12
N GLY B 997 26.00 52.00 11.60
CA GLY B 997 25.46 52.18 12.94
C GLY B 997 26.53 52.62 13.92
N ASN B 998 26.33 53.82 14.49
CA ASN B 998 27.23 54.43 15.48
C ASN B 998 28.71 54.28 15.11
N CYS B 999 29.01 54.32 13.81
CA CYS B 999 30.39 54.21 13.35
C CYS B 999 30.47 54.78 11.93
N SER B 1000 31.69 55.05 11.50
CA SER B 1000 31.96 55.58 10.18
C SER B 1000 32.92 54.65 9.44
N ARG B 1001 32.61 54.37 8.17
CA ARG B 1001 33.42 53.48 7.34
C ARG B 1001 33.78 54.23 6.06
N ILE B 1002 34.90 54.95 6.10
CA ILE B 1002 35.37 55.69 4.94
C ILE B 1002 36.06 54.74 3.98
N PHE B 1003 35.83 54.94 2.68
CA PHE B 1003 36.39 54.05 1.67
C PHE B 1003 36.57 54.82 0.36
N HIS B 1004 37.32 54.21 -0.55
CA HIS B 1004 37.49 54.73 -1.90
C HIS B 1004 37.52 53.55 -2.87
N GLY B 1005 37.12 53.80 -4.11
CA GLY B 1005 37.13 52.77 -5.12
C GLY B 1005 37.57 53.26 -6.48
N GLU B 1006 38.57 52.61 -7.04
CA GLU B 1006 39.11 52.98 -8.35
C GLU B 1006 39.23 51.72 -9.22
N LYS B 1007 38.82 51.85 -10.47
CA LYS B 1007 38.84 50.74 -11.42
C LYS B 1007 40.07 50.85 -12.32
N LEU B 1008 40.80 49.75 -12.45
CA LEU B 1008 42.03 49.75 -13.23
C LEU B 1008 41.72 49.84 -14.72
N MET B 1009 42.54 50.59 -15.44
CA MET B 1009 42.30 50.85 -16.85
C MET B 1009 42.62 49.61 -17.69
N ASN B 1010 41.87 49.46 -18.79
CA ASN B 1010 42.11 48.42 -19.78
C ASN B 1010 42.12 47.03 -19.16
N THR B 1011 41.16 46.78 -18.27
CA THR B 1011 40.99 45.46 -17.67
C THR B 1011 39.60 45.40 -17.04
N ASN B 1012 39.30 44.31 -16.34
CA ASN B 1012 38.03 44.14 -15.65
C ASN B 1012 38.23 44.12 -14.14
N LEU B 1013 39.20 44.87 -13.64
CA LEU B 1013 39.55 44.88 -12.23
C LEU B 1013 39.17 46.21 -11.60
N ILE B 1014 38.78 46.15 -10.33
CA ILE B 1014 38.45 47.33 -9.54
C ILE B 1014 39.21 47.25 -8.22
N PHE B 1015 39.86 48.35 -7.83
CA PHE B 1015 40.61 48.44 -6.60
C PHE B 1015 39.84 49.33 -5.63
N ILE B 1016 39.38 48.75 -4.52
CA ILE B 1016 38.69 49.49 -3.46
C ILE B 1016 39.47 49.31 -2.18
N MET B 1017 39.55 50.38 -1.39
CA MET B 1017 40.21 50.35 -0.10
C MET B 1017 39.22 50.76 0.98
N VAL B 1018 39.11 49.95 2.03
CA VAL B 1018 38.21 50.20 3.14
C VAL B 1018 38.97 50.05 4.43
N GLU B 1019 38.43 50.66 5.49
CA GLU B 1019 39.05 50.53 6.80
C GLU B 1019 38.63 49.22 7.45
N SER B 1020 39.37 48.84 8.49
CA SER B 1020 39.16 47.56 9.13
C SER B 1020 37.76 47.49 9.76
N LYS B 1021 37.13 46.32 9.64
CA LYS B 1021 35.79 46.13 10.19
C LYS B 1021 35.81 45.97 11.70
N GLY B 1022 36.96 45.68 12.30
CA GLY B 1022 37.02 45.48 13.74
C GLY B 1022 36.77 46.74 14.53
N THR B 1023 37.08 47.90 13.96
CA THR B 1023 36.85 49.16 14.66
C THR B 1023 35.36 49.40 14.89
N CYS B 1024 34.53 49.10 13.88
CA CYS B 1024 33.09 49.29 14.01
C CYS B 1024 32.45 47.96 14.33
N PRO B 1025 31.91 47.76 15.54
CA PRO B 1025 31.29 46.47 15.90
C PRO B 1025 29.90 46.29 15.29
N CYS B 1026 29.89 45.97 14.00
CA CYS B 1026 28.65 45.70 13.29
C CYS B 1026 28.85 44.52 12.37
N ASP B 1027 27.76 43.79 12.12
CA ASP B 1027 27.80 42.61 11.26
C ASP B 1027 26.41 42.36 10.71
N THR B 1028 26.27 42.45 9.39
CA THR B 1028 25.01 42.20 8.72
C THR B 1028 24.98 40.78 8.17
N ARG B 1029 23.87 40.43 7.52
CA ARG B 1029 23.74 39.11 6.93
C ARG B 1029 24.65 38.98 5.71
N LEU B 1030 25.37 37.85 5.64
CA LEU B 1030 26.32 37.64 4.55
C LEU B 1030 25.58 37.52 3.21
N LEU B 1031 26.21 38.04 2.16
CA LEU B 1031 25.64 38.01 0.82
C LEU B 1031 26.29 36.88 0.04
N ILE B 1032 25.48 35.92 -0.41
CA ILE B 1032 25.97 34.72 -1.05
C ILE B 1032 25.54 34.73 -2.52
N GLN B 1033 26.51 34.52 -3.41
CA GLN B 1033 26.28 34.36 -4.84
C GLN B 1033 26.71 32.95 -5.20
N ALA B 1034 25.78 32.01 -5.13
CA ALA B 1034 26.09 30.61 -5.39
C ALA B 1034 24.84 29.92 -5.89
N GLU B 1035 24.92 28.60 -6.03
CA GLU B 1035 23.79 27.80 -6.51
C GLU B 1035 22.75 27.69 -5.41
N GLN B 1036 21.84 28.67 -5.35
CA GLN B 1036 20.85 28.75 -4.28
C GLN B 1036 19.60 27.99 -4.71
N THR B 1037 19.31 26.90 -4.01
CA THR B 1037 18.09 26.16 -4.27
C THR B 1037 16.88 27.02 -3.92
N SER B 1038 15.80 26.85 -4.69
CA SER B 1038 14.59 27.63 -4.50
C SER B 1038 13.42 26.86 -5.09
N ASP B 1039 12.24 27.48 -5.10
CA ASP B 1039 11.04 26.87 -5.62
C ASP B 1039 10.24 27.77 -6.54
N GLY B 1040 10.61 29.04 -6.67
CA GLY B 1040 9.88 29.96 -7.52
C GLY B 1040 10.19 29.75 -8.99
N PRO B 1041 9.53 30.55 -9.83
CA PRO B 1041 8.57 31.60 -9.51
C PRO B 1041 7.20 31.06 -9.15
N ASN B 1042 6.40 31.82 -8.41
CA ASN B 1042 5.08 31.36 -8.01
C ASN B 1042 4.17 31.30 -9.22
N PRO B 1043 3.56 30.16 -9.52
CA PRO B 1043 2.74 30.04 -10.73
C PRO B 1043 1.29 30.47 -10.58
N CYS B 1044 0.85 30.86 -9.38
CA CYS B 1044 -0.52 31.34 -9.23
C CYS B 1044 -0.75 32.60 -10.03
N ASP B 1045 0.20 33.53 -10.02
CA ASP B 1045 0.11 34.76 -10.80
C ASP B 1045 0.81 34.66 -12.15
N MET B 1046 1.56 33.60 -12.41
CA MET B 1046 2.12 33.39 -13.73
C MET B 1046 1.04 33.17 -14.77
N VAL B 1047 0.00 32.39 -14.42
CA VAL B 1047 -1.08 32.09 -15.33
C VAL B 1047 -1.99 33.28 -15.59
N LYS B 1048 -1.89 34.34 -14.77
CA LYS B 1048 -2.68 35.53 -15.03
C LYS B 1048 -2.17 36.29 -16.24
N GLN B 1049 -0.87 36.28 -16.49
CA GLN B 1049 -0.25 36.89 -17.66
C GLN B 1049 0.65 35.87 -18.34
N PRO B 1050 0.07 34.86 -18.97
CA PRO B 1050 0.89 33.79 -19.55
C PRO B 1050 1.65 34.27 -20.78
N ARG B 1051 2.74 33.57 -21.08
CA ARG B 1051 3.52 33.87 -22.26
C ARG B 1051 2.73 33.53 -23.52
N TYR B 1052 3.03 34.27 -24.59
CA TYR B 1052 2.34 34.06 -25.86
C TYR B 1052 2.67 32.69 -26.42
N ARG B 1053 1.65 32.03 -26.96
CA ARG B 1053 1.81 30.71 -27.57
C ARG B 1053 0.72 30.51 -28.60
N LYS B 1054 0.98 29.63 -29.56
CA LYS B 1054 0.04 29.31 -30.62
C LYS B 1054 -0.31 27.83 -30.56
N GLY B 1055 -1.60 27.53 -30.58
CA GLY B 1055 -2.06 26.16 -30.51
C GLY B 1055 -2.27 25.56 -31.88
N PRO B 1056 -2.47 24.24 -31.93
CA PRO B 1056 -2.76 23.59 -33.21
C PRO B 1056 -4.03 24.15 -33.83
N ASP B 1057 -4.03 24.28 -35.16
CA ASP B 1057 -5.16 24.82 -35.89
C ASP B 1057 -6.09 23.76 -36.44
N VAL B 1058 -5.85 22.48 -36.13
CA VAL B 1058 -6.67 21.39 -36.61
C VAL B 1058 -7.36 20.73 -35.41
N CYS B 1059 -8.67 20.56 -35.50
CA CYS B 1059 -9.45 19.95 -34.44
C CYS B 1059 -10.41 18.93 -35.03
N PHE B 1060 -10.77 17.94 -34.21
CA PHE B 1060 -11.65 16.86 -34.63
C PHE B 1060 -12.58 16.52 -33.48
N ASP B 1061 -13.80 17.04 -33.54
CA ASP B 1061 -14.83 16.74 -32.55
C ASP B 1061 -16.20 17.05 -33.15
N ASN B 1062 -17.24 16.54 -32.50
CA ASN B 1062 -18.63 16.83 -32.86
C ASN B 1062 -18.92 16.42 -34.30
N ASN B 1063 -18.85 15.11 -34.53
CA ASN B 1063 -19.24 14.51 -35.80
C ASN B 1063 -20.63 13.89 -35.65
N VAL B 1064 -21.50 14.18 -36.62
CA VAL B 1064 -22.87 13.66 -36.54
C VAL B 1064 -22.88 12.14 -36.68
N LEU B 1065 -21.97 11.57 -37.47
CA LEU B 1065 -21.94 10.14 -37.72
C LEU B 1065 -21.47 9.34 -36.51
N GLU B 1066 -21.00 9.99 -35.45
CA GLU B 1066 -20.54 9.28 -34.27
C GLU B 1066 -21.65 8.46 -33.66
N ASP B 1067 -21.31 7.27 -33.17
CA ASP B 1067 -22.31 6.36 -32.62
C ASP B 1067 -22.72 6.78 -31.21
N TYR B 1068 -21.77 6.74 -30.27
CA TYR B 1068 -21.96 7.05 -28.85
C TYR B 1068 -23.23 6.47 -28.26
N THR B 1069 -23.63 5.28 -28.72
CA THR B 1069 -24.73 4.54 -28.12
C THR B 1069 -24.27 3.51 -27.11
N ASP B 1070 -22.98 3.43 -26.83
CA ASP B 1070 -22.43 2.46 -25.89
C ASP B 1070 -21.98 3.21 -24.63
N CYS B 1071 -22.65 2.94 -23.52
CA CYS B 1071 -22.25 3.48 -22.23
C CYS B 1071 -21.11 2.63 -21.67
N GLY B 1072 -20.81 2.82 -20.40
CA GLY B 1072 -19.87 1.95 -19.71
C GLY B 1072 -20.50 0.91 -18.82
N GLY B 1073 -21.82 0.92 -18.66
CA GLY B 1073 -22.49 0.00 -17.77
C GLY B 1073 -23.30 -1.06 -18.48
N VAL B 1074 -23.84 -0.71 -19.66
CA VAL B 1074 -24.58 -1.68 -20.45
C VAL B 1074 -23.67 -2.81 -20.93
N SER B 1075 -22.42 -2.48 -21.24
CA SER B 1075 -21.44 -3.51 -21.62
C SER B 1075 -21.14 -4.44 -20.46
N GLY B 1076 -21.19 -3.94 -19.23
CA GLY B 1076 -20.92 -4.76 -18.06
C GLY B 1076 -22.04 -5.74 -17.76
C1 NAG C . -2.07 -15.47 -39.35
C2 NAG C . -1.01 -15.09 -40.38
C3 NAG C . -1.13 -15.99 -41.61
C4 NAG C . -1.12 -17.46 -41.21
C5 NAG C . -2.09 -17.74 -40.07
C6 NAG C . -1.94 -19.13 -39.49
C7 NAG C . -0.11 -12.90 -41.00
C8 NAG C . -0.42 -11.49 -41.39
N2 NAG C . -1.15 -13.69 -40.76
O3 NAG C . -0.05 -15.72 -42.49
O4 NAG C . -1.53 -18.23 -42.34
O5 NAG C . -1.89 -16.83 -38.97
O6 NAG C . -0.78 -19.23 -38.68
O7 NAG C . 1.05 -13.31 -40.91
C1 NAG C . -0.53 -19.17 -42.77
C2 NAG C . -1.14 -20.01 -43.89
C3 NAG C . -0.12 -20.99 -44.48
C4 NAG C . 1.16 -20.25 -44.86
C5 NAG C . 1.68 -19.44 -43.68
C6 NAG C . 2.90 -18.62 -44.02
C7 NAG C . -2.63 -21.60 -42.60
C8 NAG C . -1.47 -22.08 -41.78
N2 NAG C . -2.40 -20.66 -43.54
O3 NAG C . -0.67 -21.64 -45.62
O4 NAG C . 2.16 -21.19 -45.27
O5 NAG C . 0.67 -18.53 -43.23
O6 NAG C . 2.69 -17.86 -45.21
O7 NAG C . -3.76 -22.05 -42.42
C1 NAG D . -14.47 38.19 -18.68
C2 NAG D . -14.96 39.28 -19.71
C3 NAG D . -16.32 38.93 -20.36
C4 NAG D . -17.37 38.43 -19.37
C5 NAG D . -16.74 38.10 -18.04
C6 NAG D . -17.61 37.21 -17.18
C7 NAG D . -14.07 41.54 -19.33
C8 NAG D . -12.97 41.16 -20.27
N2 NAG D . -14.99 40.60 -19.10
O3 NAG D . -16.12 37.96 -21.38
O4 NAG D . -18.49 39.31 -19.22
O5 NAG D . -15.56 37.36 -18.32
O6 NAG D . -17.40 37.47 -15.80
O7 NAG D . -14.13 42.64 -18.80
C1 NAG D . -18.25 40.73 -19.15
C2 NAG D . -19.61 41.38 -19.42
C3 NAG D . -19.63 42.83 -18.91
C4 NAG D . -18.24 43.40 -18.68
C5 NAG D . -17.33 42.49 -17.86
C6 NAG D . -17.25 42.87 -16.40
C7 NAG D . -19.30 41.86 -21.84
C8 NAG D . -19.89 41.65 -23.21
N2 NAG D . -19.99 41.31 -20.83
O3 NAG D . -20.40 42.89 -17.71
O4 NAG D . -17.62 43.72 -19.92
O5 NAG D . -17.79 41.12 -17.90
O6 NAG D . -16.34 42.04 -15.69
O7 NAG D . -18.25 42.48 -21.66
C1 NAG E . -11.43 -4.11 -36.52
C2 NAG E . -11.04 -4.93 -35.29
C3 NAG E . -11.53 -6.37 -35.44
C4 NAG E . -13.01 -6.41 -35.79
C5 NAG E . -13.31 -5.50 -36.98
C6 NAG E . -14.78 -5.38 -37.28
C7 NAG E . -9.04 -5.03 -33.88
C8 NAG E . -7.54 -4.98 -33.85
N2 NAG E . -9.61 -4.89 -35.08
O3 NAG E . -11.29 -7.07 -34.23
O4 NAG E . -13.36 -7.75 -36.15
O5 NAG E . -12.83 -4.17 -36.72
O6 NAG E . -15.09 -4.11 -37.84
O7 NAG E . -9.71 -5.19 -32.86
C1 NAG E . -14.34 -8.31 -35.26
C2 NAG E . -15.20 -9.27 -36.07
C3 NAG E . -16.24 -9.95 -35.17
C4 NAG E . -15.57 -10.60 -33.97
C5 NAG E . -14.66 -9.58 -33.26
C6 NAG E . -13.86 -10.20 -32.14
C7 NAG E . -15.58 -8.86 -38.45
C8 NAG E . -16.35 -8.06 -39.47
N2 NAG E . -15.86 -8.59 -37.18
O3 NAG E . -16.95 -10.91 -35.95
O4 NAG E . -16.53 -11.03 -33.01
O5 NAG E . -13.73 -9.03 -34.18
O6 NAG E . -13.20 -9.20 -31.38
O7 NAG E . -14.76 -9.71 -38.78
C1 NAG E . -17.21 -12.28 -33.33
C2 NAG E . -16.44 -13.48 -32.76
C3 NAG E . -17.38 -14.37 -31.95
C4 NAG E . -18.01 -13.57 -30.82
C5 NAG E . -18.84 -12.43 -31.42
C6 NAG E . -18.54 -11.09 -30.78
C7 NAG E . -14.78 -15.05 -33.65
C8 NAG E . -14.28 -15.77 -34.87
N2 NAG E . -15.82 -14.25 -33.83
O3 NAG E . -16.64 -15.47 -31.41
O4 NAG E . -18.88 -14.42 -30.08
O5 NAG E . -18.61 -12.29 -32.83
O6 NAG E . -17.22 -11.05 -30.26
O7 NAG E . -14.25 -15.21 -32.55
C1 NAG E . -18.76 -14.23 -28.64
C2 NAG E . -17.30 -14.41 -28.21
C3 NAG E . -17.12 -14.11 -26.71
C4 NAG E . -17.75 -12.77 -26.35
C5 NAG E . -19.20 -12.72 -26.84
C6 NAG E . -19.86 -11.38 -26.59
C7 NAG E . -17.07 -16.93 -28.17
C8 NAG E . -18.24 -17.06 -27.22
N2 NAG E . -16.71 -15.70 -28.57
O3 NAG E . -15.74 -14.09 -26.38
O4 NAG E . -17.73 -12.59 -24.94
O5 NAG E . -19.24 -12.93 -28.26
O6 NAG E . -20.96 -11.17 -27.46
O7 NAG E . -16.47 -17.93 -28.56
C1 NAG F . 9.47 28.14 -47.36
C2 NAG F . 10.83 28.62 -47.86
C3 NAG F . 10.75 30.07 -48.30
C4 NAG F . 9.61 30.26 -49.31
C5 NAG F . 8.31 29.70 -48.76
C6 NAG F . 7.18 29.72 -49.76
C7 NAG F . 12.79 27.50 -46.89
C8 NAG F . 13.76 27.48 -45.74
N2 NAG F . 11.85 28.45 -46.84
O3 NAG F . 11.99 30.46 -48.88
O4 NAG F . 9.43 31.65 -49.56
O5 NAG F . 8.49 28.32 -48.38
O6 NAG F . 7.65 29.43 -51.08
O7 NAG F . 12.86 26.71 -47.82
C1 NAG F . 9.82 31.98 -50.90
C2 NAG F . 9.68 33.49 -51.09
C3 NAG F . 10.14 33.89 -52.49
C4 NAG F . 11.55 33.37 -52.76
C5 NAG F . 11.60 31.86 -52.51
C6 NAG F . 13.00 31.30 -52.65
C7 NAG F . 7.79 34.14 -49.65
C8 NAG F . 6.36 34.57 -49.61
N2 NAG F . 8.31 33.92 -50.87
O3 NAG F . 10.13 35.31 -52.60
O4 NAG F . 11.93 33.64 -54.10
O5 NAG F . 11.18 31.58 -51.17
O6 NAG F . 13.98 32.20 -52.18
O7 NAG F . 8.46 33.97 -48.63
C1 NAG G . 19.62 42.74 -16.20
C2 NAG G . 18.09 42.85 -16.23
C3 NAG G . 17.60 44.02 -15.37
C4 NAG G . 18.32 45.32 -15.71
C5 NAG G . 19.80 45.07 -15.99
C6 NAG G . 20.71 46.09 -15.35
C7 NAG G . 16.71 42.13 -18.14
C8 NAG G . 16.24 41.01 -17.26
N2 NAG G . 17.60 42.97 -17.59
O3 NAG G . 17.79 43.70 -13.99
O4 NAG G . 17.73 45.94 -16.84
O5 NAG G . 20.17 43.79 -15.46
O6 NAG G . 21.04 47.14 -16.25
O7 NAG G . 16.33 42.26 -19.29
C1 NAG G . 16.86 47.03 -16.44
C2 NAG G . 17.62 48.03 -15.55
C3 NAG G . 17.58 49.42 -16.17
C4 NAG G . 18.09 49.36 -17.59
C5 NAG G . 17.13 48.52 -18.44
C6 NAG G . 17.83 47.58 -19.39
C7 NAG G . 15.84 48.37 -13.86
C8 NAG G . 15.52 48.32 -12.40
N2 NAG G . 17.10 48.05 -14.19
O3 NAG G . 18.38 50.31 -15.39
O4 NAG G . 18.16 50.68 -18.14
O5 NAG G . 16.27 47.72 -17.61
O6 NAG G . 19.11 48.08 -19.77
O7 NAG G . 15.01 48.70 -14.70
CA CA H . -13.56 -17.39 18.47
C1 NAG I . 16.77 11.72 -46.51
C2 NAG I . 16.45 11.62 -48.01
C3 NAG I . 17.63 12.12 -48.85
C4 NAG I . 18.07 13.50 -48.38
C5 NAG I . 18.33 13.49 -46.89
C6 NAG I . 18.69 14.86 -46.34
C7 NAG I . 16.93 9.20 -48.29
C8 NAG I . 16.36 7.89 -48.73
N2 NAG I . 16.10 10.25 -48.38
O3 NAG I . 17.24 12.17 -50.22
O4 NAG I . 19.26 13.89 -49.07
O5 NAG I . 17.15 13.07 -46.19
O6 NAG I . 18.68 14.86 -44.92
O7 NAG I . 18.07 9.31 -47.88
C1 NAG J . 34.32 24.32 2.66
C2 NAG J . 35.55 23.84 3.45
C3 NAG J . 35.79 24.72 4.67
C4 NAG J . 35.54 26.17 4.31
C5 NAG J . 34.05 26.37 4.06
C6 NAG J . 33.75 27.47 3.07
C7 NAG J . 36.35 21.52 3.61
C8 NAG J . 36.05 20.14 4.09
N2 NAG J . 35.41 22.45 3.84
O3 NAG J . 37.13 24.56 5.12
O4 NAG J . 35.95 27.02 5.37
O5 NAG J . 33.47 25.16 3.52
O6 NAG J . 34.47 28.65 3.39
O7 NAG J . 37.41 21.80 3.04
C1 NAG K . -2.79 22.40 4.52
C2 NAG K . -3.64 22.80 3.32
C3 NAG K . -4.74 23.77 3.74
C4 NAG K . -5.56 23.17 4.87
C5 NAG K . -4.64 22.74 6.02
C6 NAG K . -5.38 22.02 7.12
C7 NAG K . -2.06 24.47 2.38
C8 NAG K . -1.30 24.88 1.16
N2 NAG K . -2.82 23.38 2.25
O3 NAG K . -5.58 24.04 2.62
O4 NAG K . -6.49 24.14 5.36
O5 NAG K . -3.64 21.85 5.53
O6 NAG K . -5.16 20.61 7.05
O7 NAG K . -1.99 25.10 3.44
CA CA L . -22.21 12.07 -0.92
#